data_1VLP
#
_entry.id   1VLP
#
_cell.length_a   54.406
_cell.length_b   83.103
_cell.length_c   107.237
_cell.angle_alpha   97.35
_cell.angle_beta   95.67
_cell.angle_gamma   97.99
#
_symmetry.space_group_name_H-M   'P 1'
#
loop_
_entity.id
_entity.type
_entity.pdbx_description
1 polymer 'nicotinate phosphoribosyltransferase'
2 non-polymer 'PHOSPHATE ION'
3 non-polymer 'CHLORIDE ION'
4 non-polymer '2-(N-MORPHOLINO)-ETHANESULFONIC ACID'
5 non-polymer 1,2-ETHANEDIOL
6 water water
#
_entity_poly.entity_id   1
_entity_poly.type   'polypeptide(L)'
_entity_poly.pdbx_seq_one_letter_code
;(MSE)GSDKIHHHHHH(MSE)SEPVIKSLLDTD(MSE)YKIT(MSE)HAAVFTNFPDVTVTYKYTNRSSQLTFNKEAINW
LKEQFSYLGNLRFTEEEIEYLKQEIPYLPSAYIKYISSSNYKLHPEEQISFTSEEIEGKPTHYKLKILVSGSWKDTILYE
IPLLSLISEAYFKFVDIDWDYENQLEQAEKKAETLFDNGIRFSEFGTRRRRSLKAQDLI(MSE)QGI(MSE)KAVNGNPD
RNKSLLLGTSNILFAKKYGVKPIGTVAHEWV(MSE)GVASISEDYLHANKNA(MSE)DCWINTFGAKNAGLALTDTFGTD
DFLKSFRPPYSDAYVGVRQDSGDPVEYTKKISHHYHDVLKLPKFSKIICYSDSLNVEKAITYSHAAKENG(MSE)LATFG
IGTNFTNDFRKKSEPQVKSEPLNIVIKLLEVNGNHAIKISDNLGKN(MSE)GDPATVKRVKEELGYTERSWSGDNEAHRW
T
;
_entity_poly.pdbx_strand_id   A,B,C,D
#
# COMPACT_ATOMS: atom_id res chain seq x y z
N HIS A 10 -21.00 38.44 11.68
CA HIS A 10 -20.14 39.47 11.01
C HIS A 10 -18.71 38.95 10.78
N HIS A 11 -18.18 39.21 9.58
CA HIS A 11 -16.86 38.75 9.19
C HIS A 11 -15.72 39.40 10.03
N HIS A 12 -14.79 38.59 10.51
CA HIS A 12 -13.56 39.10 11.11
C HIS A 12 -12.43 38.99 10.12
N SER A 14 -9.04 38.20 8.51
CA SER A 14 -8.01 37.20 8.75
C SER A 14 -6.67 37.89 8.99
N GLU A 15 -5.82 37.21 9.75
CA GLU A 15 -4.45 37.66 9.97
C GLU A 15 -3.69 37.49 8.66
N PRO A 16 -2.98 38.54 8.21
CA PRO A 16 -2.18 38.38 6.98
C PRO A 16 -1.08 37.33 7.14
N VAL A 17 -0.98 36.44 6.15
CA VAL A 17 0.01 35.35 6.20
C VAL A 17 1.36 35.87 5.72
N ILE A 18 1.33 36.70 4.69
CA ILE A 18 2.54 37.23 4.04
C ILE A 18 2.83 38.57 4.73
N LYS A 19 3.77 38.52 5.67
CA LYS A 19 4.02 39.65 6.57
C LYS A 19 5.18 40.55 6.07
N SER A 20 5.81 40.15 4.96
CA SER A 20 6.99 40.89 4.48
C SER A 20 7.17 40.69 3.00
N LEU A 21 7.66 41.73 2.32
CA LEU A 21 8.09 41.56 0.94
C LEU A 21 9.36 40.69 0.80
N LEU A 22 10.03 40.42 1.92
CA LEU A 22 11.11 39.39 1.98
C LEU A 22 10.65 37.92 2.15
N ASP A 23 9.35 37.68 2.37
CA ASP A 23 8.80 36.33 2.40
C ASP A 23 8.60 35.87 0.96
N THR A 24 9.72 35.63 0.30
CA THR A 24 9.75 35.31 -1.12
C THR A 24 11.12 34.70 -1.44
N ASP A 25 11.27 34.20 -2.66
CA ASP A 25 12.54 33.66 -3.12
C ASP A 25 13.51 34.82 -3.53
N TYR A 27 15.57 35.10 -5.83
CA TYR A 27 15.58 35.38 -7.28
C TYR A 27 14.52 36.39 -7.68
N LYS A 28 13.43 36.49 -6.91
CA LYS A 28 12.43 37.51 -7.25
C LYS A 28 12.92 38.94 -7.07
N ILE A 29 13.70 39.20 -6.03
CA ILE A 29 14.29 40.49 -5.80
C ILE A 29 15.37 40.82 -6.79
N THR A 30 16.23 39.87 -7.12
CA THR A 30 17.27 40.16 -8.14
C THR A 30 16.62 40.39 -9.52
N HIS A 32 13.62 41.60 -9.93
CA HIS A 32 12.98 42.91 -9.75
C HIS A 32 14.00 44.04 -10.04
N ALA A 33 15.18 43.91 -9.44
CA ALA A 33 16.28 44.86 -9.70
C ALA A 33 16.68 44.88 -11.15
N ALA A 34 16.76 43.70 -11.77
CA ALA A 34 17.17 43.62 -13.18
C ALA A 34 16.11 44.27 -14.10
N VAL A 35 14.83 44.03 -13.80
CA VAL A 35 13.73 44.51 -14.62
C VAL A 35 13.58 46.00 -14.46
N PHE A 36 13.67 46.45 -13.21
CA PHE A 36 13.63 47.88 -12.89
C PHE A 36 14.74 48.63 -13.62
N THR A 37 15.94 48.07 -13.62
CA THR A 37 17.13 48.70 -14.17
C THR A 37 17.05 48.82 -15.71
N ASN A 38 16.61 47.75 -16.38
CA ASN A 38 16.74 47.56 -17.80
C ASN A 38 15.45 47.72 -18.58
N PHE A 39 14.34 47.29 -17.99
CA PHE A 39 13.05 47.25 -18.68
C PHE A 39 11.88 47.82 -17.84
N PRO A 40 12.03 49.02 -17.30
CA PRO A 40 11.02 49.63 -16.40
C PRO A 40 9.64 49.93 -17.05
N ASP A 41 9.59 49.88 -18.36
CA ASP A 41 8.44 50.27 -19.21
C ASP A 41 7.65 49.06 -19.79
N VAL A 42 8.37 47.97 -19.94
CA VAL A 42 7.84 46.75 -20.57
C VAL A 42 6.67 46.25 -19.75
N THR A 43 5.64 45.76 -20.44
CA THR A 43 4.44 45.25 -19.80
C THR A 43 4.39 43.74 -19.99
N VAL A 44 3.85 43.07 -18.99
CA VAL A 44 3.78 41.62 -19.01
C VAL A 44 2.47 41.11 -18.45
N THR A 45 2.20 39.84 -18.75
CA THR A 45 1.09 39.14 -18.10
C THR A 45 1.63 37.81 -17.61
N TYR A 46 1.34 37.45 -16.36
CA TYR A 46 1.57 36.09 -15.81
C TYR A 46 0.23 35.38 -15.66
N LYS A 47 0.23 34.06 -15.75
CA LYS A 47 -0.98 33.29 -15.63
C LYS A 47 -0.79 32.12 -14.70
N TYR A 48 -1.78 31.94 -13.86
CA TYR A 48 -1.90 30.77 -12.95
C TYR A 48 -2.37 29.56 -13.72
N THR A 49 -1.76 28.43 -13.45
CA THR A 49 -2.25 27.17 -13.96
C THR A 49 -2.17 26.14 -12.85
N ASN A 50 -3.27 25.43 -12.69
CA ASN A 50 -3.34 24.30 -11.77
C ASN A 50 -3.17 23.02 -12.57
N ARG A 51 -1.97 22.46 -12.54
CA ARG A 51 -1.70 21.21 -13.28
C ARG A 51 -2.37 19.99 -12.61
N SER A 52 -2.65 20.10 -11.32
CA SER A 52 -3.41 19.10 -10.59
C SER A 52 -4.93 19.41 -10.68
N SER A 53 -5.51 19.31 -11.87
CA SER A 53 -6.85 19.88 -12.11
C SER A 53 -8.00 19.11 -11.45
N GLN A 54 -7.71 17.93 -10.95
CA GLN A 54 -8.71 17.26 -10.13
C GLN A 54 -8.79 17.81 -8.69
N LEU A 55 -7.83 18.64 -8.30
CA LEU A 55 -7.84 19.28 -7.01
C LEU A 55 -8.53 20.65 -7.17
N THR A 56 -9.56 20.88 -6.37
CA THR A 56 -10.46 21.99 -6.56
C THR A 56 -10.64 22.81 -5.29
N PHE A 57 -11.25 23.98 -5.46
CA PHE A 57 -11.44 24.93 -4.38
C PHE A 57 -12.89 25.09 -3.96
N ASN A 58 -13.06 25.62 -2.76
CA ASN A 58 -14.39 25.95 -2.23
C ASN A 58 -14.52 27.44 -2.00
N LYS A 59 -15.74 27.85 -1.64
CA LYS A 59 -16.00 29.26 -1.45
C LYS A 59 -15.22 29.82 -0.28
N GLU A 60 -15.06 29.05 0.77
CA GLU A 60 -14.28 29.51 1.92
C GLU A 60 -12.84 29.89 1.53
N ALA A 61 -12.19 28.97 0.82
CA ALA A 61 -10.80 29.21 0.33
C ALA A 61 -10.72 30.45 -0.55
N ILE A 62 -11.68 30.59 -1.46
CA ILE A 62 -11.69 31.70 -2.40
C ILE A 62 -11.82 33.05 -1.66
N ASN A 63 -12.74 33.08 -0.71
CA ASN A 63 -12.96 34.33 0.03
C ASN A 63 -11.70 34.72 0.84
N TRP A 64 -11.06 33.73 1.47
CA TRP A 64 -9.84 33.97 2.23
C TRP A 64 -8.74 34.47 1.29
N LEU A 65 -8.62 33.83 0.13
CA LEU A 65 -7.65 34.27 -0.86
C LEU A 65 -7.87 35.70 -1.29
N LYS A 66 -9.11 36.07 -1.55
CA LYS A 66 -9.41 37.43 -1.98
C LYS A 66 -8.88 38.43 -0.92
N GLU A 67 -9.15 38.12 0.35
CA GLU A 67 -8.65 38.93 1.46
C GLU A 67 -7.12 39.01 1.52
N GLN A 68 -6.47 37.84 1.49
CA GLN A 68 -5.03 37.72 1.55
C GLN A 68 -4.31 38.43 0.40
N PHE A 69 -4.87 38.33 -0.81
CA PHE A 69 -4.30 39.03 -1.94
C PHE A 69 -4.36 40.52 -1.69
N SER A 70 -5.48 41.01 -1.16
CA SER A 70 -5.59 42.45 -0.94
C SER A 70 -4.53 42.97 0.04
N TYR A 71 -4.20 42.15 1.05
CA TYR A 71 -3.22 42.52 2.06
C TYR A 71 -1.82 42.74 1.48
N LEU A 72 -1.54 42.13 0.36
CA LEU A 72 -0.25 42.38 -0.32
C LEU A 72 -0.07 43.86 -0.62
N GLY A 73 -1.18 44.55 -0.88
CA GLY A 73 -1.11 45.98 -1.09
C GLY A 73 -0.73 46.84 0.12
N ASN A 74 -0.71 46.24 1.30
CA ASN A 74 -0.34 46.90 2.57
C ASN A 74 1.13 46.78 2.94
N LEU A 75 1.85 45.93 2.23
CA LEU A 75 3.23 45.67 2.57
C LEU A 75 4.13 46.81 2.14
N ARG A 76 5.16 47.09 2.94
CA ARG A 76 6.22 48.03 2.55
C ARG A 76 7.56 47.41 2.96
N PHE A 77 8.65 47.73 2.28
CA PHE A 77 9.96 47.28 2.79
C PHE A 77 10.31 48.14 4.02
N THR A 78 10.52 47.51 5.17
CA THR A 78 10.93 48.25 6.36
C THR A 78 12.41 48.67 6.31
N GLU A 79 12.78 49.56 7.22
CA GLU A 79 14.17 49.99 7.32
C GLU A 79 15.12 48.84 7.51
N GLU A 80 14.75 47.92 8.40
CA GLU A 80 15.58 46.75 8.74
C GLU A 80 15.67 45.81 7.54
N GLU A 81 14.59 45.70 6.78
CA GLU A 81 14.58 44.85 5.59
C GLU A 81 15.51 45.41 4.52
N ILE A 82 15.46 46.72 4.32
CA ILE A 82 16.33 47.33 3.32
C ILE A 82 17.81 47.20 3.75
N GLU A 83 18.07 47.41 5.02
CA GLU A 83 19.41 47.17 5.53
C GLU A 83 19.88 45.73 5.25
N TYR A 84 19.00 44.77 5.51
CA TYR A 84 19.31 43.36 5.26
C TYR A 84 19.68 43.13 3.79
N LEU A 85 18.92 43.73 2.89
CA LEU A 85 19.19 43.57 1.47
C LEU A 85 20.55 44.18 1.09
N LYS A 86 20.87 45.35 1.62
CA LYS A 86 22.12 46.02 1.30
C LYS A 86 23.31 45.18 1.81
N GLN A 87 23.17 44.56 2.98
CA GLN A 87 24.21 43.74 3.55
C GLN A 87 24.45 42.40 2.81
N GLU A 88 23.37 41.68 2.51
CA GLU A 88 23.47 40.34 1.95
C GLU A 88 23.48 40.30 0.43
N ILE A 89 22.95 41.34 -0.21
CA ILE A 89 22.98 41.47 -1.66
C ILE A 89 23.55 42.82 -2.03
N PRO A 90 24.85 43.04 -1.75
CA PRO A 90 25.43 44.36 -1.87
C PRO A 90 25.52 44.89 -3.28
N TYR A 91 25.44 43.99 -4.26
CA TYR A 91 25.48 44.34 -5.67
C TYR A 91 24.14 44.77 -6.25
N LEU A 92 23.06 44.77 -5.46
CA LEU A 92 21.83 45.44 -5.92
C LEU A 92 22.17 46.87 -6.24
N PRO A 93 21.75 47.36 -7.42
CA PRO A 93 22.03 48.75 -7.73
C PRO A 93 21.45 49.77 -6.75
N SER A 94 22.23 50.81 -6.51
CA SER A 94 21.78 51.93 -5.70
C SER A 94 20.41 52.47 -6.03
N ALA A 95 20.14 52.62 -7.32
CA ALA A 95 18.90 53.19 -7.78
C ALA A 95 17.68 52.32 -7.49
N TYR A 96 17.90 51.01 -7.50
CA TYR A 96 16.87 50.01 -7.17
C TYR A 96 16.51 50.14 -5.69
N ILE A 97 17.53 50.18 -4.83
CA ILE A 97 17.33 50.34 -3.38
C ILE A 97 16.57 51.62 -3.05
N LYS A 98 16.93 52.74 -3.70
CA LYS A 98 16.19 54.00 -3.56
C LYS A 98 14.71 53.87 -3.95
N TYR A 99 14.49 53.16 -5.06
CA TYR A 99 13.16 52.92 -5.59
C TYR A 99 12.28 52.11 -4.64
N ILE A 100 12.82 51.01 -4.09
CA ILE A 100 12.02 50.24 -3.12
C ILE A 100 11.98 50.86 -1.70
N SER A 101 12.88 51.80 -1.43
CA SER A 101 12.98 52.50 -0.13
C SER A 101 11.98 53.66 -0.08
N SER A 102 11.63 54.16 -1.24
CA SER A 102 10.75 55.31 -1.33
C SER A 102 9.37 55.04 -0.74
N SER A 103 8.76 56.11 -0.19
CA SER A 103 7.39 56.02 0.29
C SER A 103 6.41 55.78 -0.86
N ASN A 104 6.85 56.02 -2.10
CA ASN A 104 6.01 55.78 -3.26
C ASN A 104 5.86 54.29 -3.59
N TYR A 105 6.84 53.47 -3.20
CA TYR A 105 6.80 52.06 -3.51
C TYR A 105 5.65 51.25 -2.79
N LYS A 106 4.90 50.48 -3.57
CA LYS A 106 4.01 49.49 -3.04
C LYS A 106 3.50 48.62 -4.16
N LEU A 107 2.93 47.49 -3.78
CA LEU A 107 2.19 46.64 -4.72
C LEU A 107 0.77 47.21 -4.85
N HIS A 108 0.17 47.00 -6.02
CA HIS A 108 -1.20 47.44 -6.29
C HIS A 108 -2.01 46.26 -6.75
N PRO A 109 -2.36 45.33 -5.82
CA PRO A 109 -3.06 44.13 -6.26
C PRO A 109 -4.40 44.38 -6.96
N GLU A 110 -5.08 45.46 -6.56
CA GLU A 110 -6.37 45.80 -7.12
C GLU A 110 -6.30 46.11 -8.64
N GLU A 111 -5.16 46.62 -9.10
CA GLU A 111 -4.91 46.92 -10.50
C GLU A 111 -4.21 45.80 -11.21
N GLN A 112 -3.32 45.09 -10.53
CA GLN A 112 -2.48 44.05 -11.17
C GLN A 112 -3.09 42.65 -11.19
N ILE A 113 -3.83 42.26 -10.15
CA ILE A 113 -4.39 40.89 -10.08
C ILE A 113 -5.82 40.89 -10.58
N SER A 114 -6.08 40.01 -11.53
CA SER A 114 -7.42 39.69 -11.94
C SER A 114 -7.69 38.28 -11.46
N PHE A 115 -8.48 38.15 -10.40
CA PHE A 115 -8.79 36.87 -9.75
C PHE A 115 -10.30 36.63 -9.79
N THR A 116 -10.67 35.62 -10.58
CA THR A 116 -12.03 35.14 -10.68
C THR A 116 -12.02 33.63 -10.34
N SER A 117 -13.20 33.11 -10.21
CA SER A 117 -13.38 31.68 -9.96
C SER A 117 -14.58 31.22 -10.73
N GLU A 118 -14.63 29.92 -11.02
CA GLU A 118 -15.67 29.37 -11.88
C GLU A 118 -16.06 28.04 -11.28
N GLU A 119 -17.34 27.89 -11.03
CA GLU A 119 -17.89 26.60 -10.64
C GLU A 119 -17.69 25.58 -11.75
N ILE A 120 -17.21 24.42 -11.35
CA ILE A 120 -16.76 23.42 -12.30
C ILE A 120 -18.00 22.65 -12.84
N GLU A 121 -18.13 22.59 -14.16
CA GLU A 121 -19.18 21.82 -14.79
C GLU A 121 -19.13 20.39 -14.33
N GLY A 122 -20.26 19.92 -13.83
CA GLY A 122 -20.42 18.58 -13.31
C GLY A 122 -19.90 18.39 -11.91
N LYS A 123 -19.41 19.47 -11.29
CA LYS A 123 -18.91 19.41 -9.89
C LYS A 123 -19.41 20.61 -9.11
N PRO A 124 -20.75 20.71 -8.98
CA PRO A 124 -21.24 21.91 -8.30
C PRO A 124 -20.75 22.03 -6.85
N THR A 125 -20.44 23.26 -6.43
CA THR A 125 -19.86 23.64 -5.12
C THR A 125 -18.32 23.59 -5.16
N HIS A 126 -17.76 23.16 -6.30
CA HIS A 126 -16.35 23.08 -6.47
C HIS A 126 -15.94 24.04 -7.57
N TYR A 127 -14.81 24.66 -7.36
CA TYR A 127 -14.38 25.80 -8.18
C TYR A 127 -12.95 25.68 -8.66
N LYS A 128 -12.75 26.19 -9.89
CA LYS A 128 -11.42 26.45 -10.39
C LYS A 128 -11.11 27.96 -10.29
N LEU A 129 -9.85 28.25 -10.01
CA LEU A 129 -9.35 29.63 -9.95
C LEU A 129 -8.82 30.09 -11.28
N LYS A 130 -9.09 31.36 -11.58
CA LYS A 130 -8.52 32.02 -12.73
C LYS A 130 -7.79 33.26 -12.22
N ILE A 131 -6.49 33.31 -12.46
CA ILE A 131 -5.66 34.43 -11.99
C ILE A 131 -4.73 34.91 -13.07
N LEU A 132 -4.88 36.16 -13.45
CA LEU A 132 -3.93 36.85 -14.30
C LEU A 132 -3.31 38.04 -13.58
N VAL A 133 -2.00 38.21 -13.71
CA VAL A 133 -1.29 39.31 -13.12
C VAL A 133 -0.63 40.12 -14.27
N SER A 134 -1.05 41.36 -14.45
CA SER A 134 -0.63 42.09 -15.61
C SER A 134 -0.39 43.56 -15.28
N GLY A 135 0.57 44.08 -15.99
CA GLY A 135 1.05 45.47 -15.79
C GLY A 135 2.49 45.61 -16.17
N SER A 136 3.14 46.71 -15.75
CA SER A 136 4.56 46.86 -15.98
C SER A 136 5.30 45.73 -15.30
N TRP A 137 6.37 45.28 -15.94
CA TRP A 137 7.14 44.17 -15.42
C TRP A 137 7.65 44.45 -13.99
N LYS A 138 8.12 45.66 -13.70
CA LYS A 138 8.57 46.04 -12.36
C LYS A 138 7.45 46.06 -11.30
N ASP A 139 6.21 46.21 -11.74
CA ASP A 139 5.02 46.21 -10.88
C ASP A 139 4.47 44.81 -10.64
N THR A 140 4.87 43.83 -11.46
CA THR A 140 4.24 42.52 -11.45
C THR A 140 5.13 41.36 -11.00
N ILE A 141 6.43 41.55 -11.20
CA ILE A 141 7.43 40.48 -10.93
C ILE A 141 7.38 39.84 -9.52
N LEU A 142 7.04 40.61 -8.47
CA LEU A 142 7.09 40.01 -7.14
C LEU A 142 5.91 39.08 -6.85
N TYR A 143 4.80 39.16 -7.59
CA TYR A 143 3.60 38.39 -7.16
C TYR A 143 3.72 36.88 -7.18
N GLU A 144 4.48 36.33 -8.13
CA GLU A 144 4.51 34.87 -8.33
C GLU A 144 4.59 34.08 -6.99
N ILE A 145 5.61 34.33 -6.19
CA ILE A 145 5.87 33.50 -5.01
C ILE A 145 4.82 33.64 -3.95
N PRO A 146 4.56 34.86 -3.46
CA PRO A 146 3.53 34.98 -2.42
C PRO A 146 2.17 34.47 -2.90
N LEU A 147 1.79 34.68 -4.15
CA LEU A 147 0.49 34.17 -4.60
C LEU A 147 0.46 32.65 -4.52
N LEU A 148 1.48 31.98 -5.09
CA LEU A 148 1.59 30.51 -4.96
C LEU A 148 1.56 30.03 -3.53
N SER A 149 2.35 30.68 -2.67
CA SER A 149 2.43 30.34 -1.21
C SER A 149 1.06 30.48 -0.56
N LEU A 150 0.33 31.53 -0.96
CA LEU A 150 -1.01 31.72 -0.43
C LEU A 150 -2.05 30.70 -0.91
N ILE A 151 -2.02 30.39 -2.20
CA ILE A 151 -2.97 29.45 -2.81
C ILE A 151 -2.76 28.08 -2.19
N SER A 152 -1.50 27.63 -2.08
CA SER A 152 -1.20 26.35 -1.41
C SER A 152 -1.72 26.36 0.03
N GLU A 153 -1.38 27.42 0.77
CA GLU A 153 -1.85 27.51 2.16
C GLU A 153 -3.38 27.45 2.29
N ALA A 154 -4.10 28.18 1.42
CA ALA A 154 -5.57 28.18 1.33
C ALA A 154 -6.12 26.75 1.13
N TYR A 155 -5.52 26.05 0.17
CA TYR A 155 -5.98 24.71 -0.21
C TYR A 155 -5.89 23.79 1.02
N PHE A 156 -4.75 23.82 1.74
CA PHE A 156 -4.55 22.93 2.89
C PHE A 156 -5.17 23.39 4.19
N LYS A 157 -5.62 24.63 4.21
CA LYS A 157 -6.37 25.18 5.33
C LYS A 157 -7.86 24.90 5.24
N PHE A 158 -8.42 25.06 4.03
CA PHE A 158 -9.87 25.04 3.80
C PHE A 158 -10.38 23.83 3.02
N VAL A 159 -9.55 23.25 2.16
CA VAL A 159 -10.02 22.19 1.27
C VAL A 159 -9.61 20.79 1.74
N ASP A 160 -8.32 20.52 1.80
CA ASP A 160 -7.78 19.27 2.29
C ASP A 160 -7.20 19.49 3.66
N ILE A 161 -7.91 19.05 4.70
CA ILE A 161 -7.43 19.19 6.07
C ILE A 161 -7.01 17.86 6.68
N ASP A 162 -6.92 16.82 5.85
CA ASP A 162 -6.48 15.49 6.31
C ASP A 162 -4.96 15.33 6.39
N TRP A 163 -4.37 16.00 7.39
CA TRP A 163 -2.93 16.08 7.55
C TRP A 163 -2.72 16.86 8.84
N ASP A 164 -1.51 16.80 9.37
CA ASP A 164 -1.15 17.64 10.50
C ASP A 164 0.37 17.86 10.50
N TYR A 165 0.87 18.51 11.54
CA TYR A 165 2.29 18.93 11.56
C TYR A 165 3.21 17.97 12.31
N GLU A 166 2.67 16.84 12.77
CA GLU A 166 3.44 15.91 13.57
C GLU A 166 4.65 15.46 12.79
N ASN A 167 5.78 15.51 13.48
CA ASN A 167 7.06 15.02 12.98
C ASN A 167 7.68 15.82 11.82
N GLN A 168 7.11 16.98 11.46
CA GLN A 168 7.66 17.82 10.36
C GLN A 168 9.08 18.28 10.69
N LEU A 169 9.28 18.75 11.90
CA LEU A 169 10.65 19.19 12.24
C LEU A 169 11.67 18.02 12.17
N GLU A 170 11.33 16.90 12.81
CA GLU A 170 12.16 15.71 12.85
C GLU A 170 12.46 15.12 11.46
N GLN A 171 11.45 15.16 10.59
CA GLN A 171 11.62 14.65 9.22
C GLN A 171 12.63 15.48 8.40
N ALA A 172 12.50 16.80 8.53
CA ALA A 172 13.45 17.71 7.90
C ALA A 172 14.86 17.53 8.46
N GLU A 173 14.97 17.42 9.77
CA GLU A 173 16.24 17.18 10.44
C GLU A 173 16.95 15.93 9.93
N LYS A 174 16.21 14.85 9.80
CA LYS A 174 16.75 13.59 9.28
C LYS A 174 17.24 13.73 7.86
N LYS A 175 16.49 14.45 7.01
CA LYS A 175 16.91 14.69 5.64
C LYS A 175 18.22 15.46 5.63
N ALA A 176 18.26 16.55 6.38
CA ALA A 176 19.44 17.39 6.45
C ALA A 176 20.66 16.57 6.93
N GLU A 177 20.46 15.73 7.91
CA GLU A 177 21.56 14.95 8.47
C GLU A 177 22.09 13.99 7.45
N THR A 178 21.22 13.37 6.67
CA THR A 178 21.70 12.49 5.60
C THR A 178 22.53 13.24 4.58
N LEU A 179 22.02 14.40 4.17
CA LEU A 179 22.70 15.24 3.21
C LEU A 179 24.10 15.59 3.72
N PHE A 180 24.18 16.07 4.95
CA PHE A 180 25.45 16.46 5.55
C PHE A 180 26.43 15.28 5.66
N ASP A 181 25.93 14.10 6.02
CA ASP A 181 26.81 12.89 6.03
C ASP A 181 27.41 12.53 4.69
N ASN A 182 26.72 12.90 3.62
CA ASN A 182 27.20 12.70 2.26
C ASN A 182 27.93 13.91 1.67
N GLY A 183 28.23 14.89 2.54
CA GLY A 183 28.93 16.09 2.12
C GLY A 183 28.22 16.93 1.08
N ILE A 184 26.90 16.88 1.08
CA ILE A 184 26.08 17.54 0.11
C ILE A 184 25.90 19.04 0.47
N ARG A 185 26.23 19.94 -0.46
CA ARG A 185 26.03 21.39 -0.28
C ARG A 185 24.64 21.71 -0.89
N PHE A 186 23.72 22.15 -0.05
CA PHE A 186 22.35 22.36 -0.50
C PHE A 186 21.76 23.59 0.09
N SER A 187 20.75 24.07 -0.60
CA SER A 187 19.89 25.12 -0.06
C SER A 187 18.43 24.69 -0.08
N GLU A 188 17.67 25.23 0.86
CA GLU A 188 16.22 25.09 0.93
C GLU A 188 15.57 26.03 -0.06
N PHE A 189 14.60 25.52 -0.80
CA PHE A 189 14.06 26.23 -1.97
C PHE A 189 12.53 26.07 -2.09
N GLY A 190 11.87 25.72 -0.97
CA GLY A 190 10.47 25.29 -1.02
C GLY A 190 9.39 26.35 -0.76
N THR A 191 9.73 27.64 -0.86
CA THR A 191 8.73 28.67 -0.55
C THR A 191 7.42 28.52 -1.36
N ARG A 192 7.56 28.39 -2.67
CA ARG A 192 6.42 28.50 -3.57
C ARG A 192 5.41 27.38 -3.34
N ARG A 193 5.87 26.20 -2.99
CA ARG A 193 4.90 25.14 -2.77
C ARG A 193 4.78 24.65 -1.34
N ARG A 194 5.13 25.51 -0.38
CA ARG A 194 4.98 25.15 0.99
C ARG A 194 3.50 24.87 1.31
N ARG A 195 3.30 23.92 2.21
CA ARG A 195 1.94 23.62 2.67
C ARG A 195 1.35 24.80 3.48
N SER A 196 2.25 25.52 4.16
CA SER A 196 1.93 26.70 4.91
C SER A 196 3.24 27.40 5.32
N LEU A 197 3.12 28.66 5.72
CA LEU A 197 4.26 29.40 6.30
C LEU A 197 4.83 28.65 7.51
N LYS A 198 3.92 28.12 8.35
CA LYS A 198 4.32 27.39 9.52
C LYS A 198 5.10 26.14 9.13
N ALA A 199 4.69 25.46 8.05
CA ALA A 199 5.37 24.22 7.60
C ALA A 199 6.81 24.55 7.24
N GLN A 200 6.98 25.60 6.48
CA GLN A 200 8.34 26.00 6.12
C GLN A 200 9.18 26.40 7.35
N ASP A 201 8.60 27.14 8.28
CA ASP A 201 9.28 27.46 9.52
C ASP A 201 9.73 26.23 10.33
N LEU A 202 8.86 25.21 10.38
CA LEU A 202 9.21 23.98 11.09
C LEU A 202 10.34 23.24 10.41
N ILE A 203 10.34 23.17 9.08
CA ILE A 203 11.44 22.52 8.37
C ILE A 203 12.76 23.31 8.48
N GLN A 205 13.56 25.00 11.20
CA GLN A 205 13.94 24.49 12.55
C GLN A 205 14.65 23.16 12.50
N GLY A 206 14.15 22.23 11.68
CA GLY A 206 14.78 20.89 11.57
C GLY A 206 16.15 20.88 10.96
N ILE A 207 16.28 21.67 9.91
CA ILE A 207 17.55 21.85 9.20
C ILE A 207 18.56 22.45 10.18
N LYS A 209 18.56 22.41 13.36
CA LYS A 209 18.83 21.46 14.44
C LYS A 209 19.87 20.47 13.96
N ALA A 210 19.74 20.05 12.71
CA ALA A 210 20.75 19.23 12.04
C ALA A 210 22.15 19.93 11.95
N VAL A 211 22.16 21.17 11.48
CA VAL A 211 23.40 21.93 11.39
C VAL A 211 24.12 21.93 12.77
N ASN A 212 23.36 22.27 13.80
CA ASN A 212 23.88 22.49 15.15
C ASN A 212 24.23 21.25 15.93
N GLY A 213 23.95 20.08 15.35
CA GLY A 213 24.46 18.80 15.85
C GLY A 213 25.95 18.66 15.50
N ASN A 214 26.44 19.32 14.46
CA ASN A 214 27.87 19.22 14.07
C ASN A 214 28.24 20.42 13.25
N PRO A 215 28.19 21.60 13.90
CA PRO A 215 28.30 22.86 13.13
C PRO A 215 29.64 23.02 12.42
N ASP A 216 30.72 22.53 13.03
CA ASP A 216 32.05 22.60 12.44
C ASP A 216 32.08 21.97 11.05
N ARG A 217 31.33 20.86 10.86
CA ARG A 217 31.21 20.21 9.57
C ARG A 217 30.06 20.73 8.72
N ASN A 218 28.94 20.98 9.37
CA ASN A 218 27.65 21.14 8.67
C ASN A 218 27.38 22.57 8.22
N LYS A 219 27.93 23.56 8.94
CA LYS A 219 27.65 24.97 8.59
C LYS A 219 27.99 25.30 7.17
N SER A 220 29.13 24.79 6.69
CA SER A 220 29.56 25.07 5.33
C SER A 220 28.85 24.23 4.26
N LEU A 221 28.12 23.20 4.67
CA LEU A 221 27.34 22.41 3.73
C LEU A 221 25.94 23.04 3.45
N LEU A 222 25.38 23.68 4.45
CA LEU A 222 24.12 24.40 4.28
C LEU A 222 24.45 25.76 3.63
N LEU A 223 24.11 25.88 2.38
CA LEU A 223 24.35 27.09 1.63
C LEU A 223 23.46 28.20 2.14
N GLY A 224 22.25 27.81 2.49
CA GLY A 224 21.20 28.72 2.99
C GLY A 224 19.82 28.38 2.52
N THR A 225 19.01 29.43 2.32
CA THR A 225 17.64 29.28 1.84
C THR A 225 17.35 30.33 0.80
N SER A 226 16.53 29.95 -0.17
CA SER A 226 16.03 30.96 -1.09
C SER A 226 15.12 32.01 -0.45
N ASN A 227 14.52 31.70 0.69
CA ASN A 227 13.56 32.59 1.28
C ASN A 227 14.29 33.63 2.13
N ILE A 228 14.24 34.87 1.68
CA ILE A 228 15.04 35.89 2.28
C ILE A 228 14.62 36.11 3.74
N LEU A 229 13.31 36.03 4.02
CA LEU A 229 12.84 36.24 5.40
C LEU A 229 13.37 35.17 6.35
N PHE A 230 13.33 33.91 5.92
CA PHE A 230 13.87 32.79 6.72
C PHE A 230 15.37 32.84 6.80
N ALA A 231 16.05 33.27 5.73
CA ALA A 231 17.52 33.48 5.80
C ALA A 231 17.84 34.45 6.96
N LYS A 232 17.12 35.57 6.97
CA LYS A 232 17.30 36.61 8.00
C LYS A 232 16.99 36.04 9.40
N LYS A 233 15.86 35.35 9.53
CA LYS A 233 15.43 34.80 10.79
C LYS A 233 16.43 33.79 11.41
N TYR A 234 16.93 32.88 10.58
CA TYR A 234 17.76 31.74 11.03
C TYR A 234 19.25 31.98 10.89
N GLY A 235 19.61 33.18 10.44
CA GLY A 235 20.99 33.61 10.37
C GLY A 235 21.83 32.90 9.35
N VAL A 236 21.22 32.56 8.21
CA VAL A 236 21.90 31.90 7.09
C VAL A 236 21.81 32.77 5.84
N LYS A 237 22.58 32.41 4.80
CA LYS A 237 22.62 33.21 3.57
C LYS A 237 21.32 33.07 2.74
N PRO A 238 20.85 34.17 2.13
CA PRO A 238 19.79 34.00 1.13
C PRO A 238 20.40 33.59 -0.21
N ILE A 239 19.76 32.69 -0.94
CA ILE A 239 20.38 32.05 -2.13
C ILE A 239 19.45 32.30 -3.33
N GLY A 240 20.03 32.70 -4.44
CA GLY A 240 19.27 32.93 -5.70
C GLY A 240 20.10 32.78 -6.94
N THR A 241 19.42 32.53 -8.07
CA THR A 241 20.03 32.42 -9.40
C THR A 241 19.16 33.32 -10.34
N VAL A 242 19.57 33.55 -11.58
CA VAL A 242 18.61 34.03 -12.57
C VAL A 242 17.45 33.00 -12.75
N ALA A 243 16.27 33.48 -13.14
CA ALA A 243 15.12 32.60 -13.39
C ALA A 243 14.85 32.55 -14.90
N HIS A 244 14.07 31.58 -15.36
CA HIS A 244 13.71 31.49 -16.79
C HIS A 244 13.07 32.74 -17.30
N GLU A 245 12.30 33.43 -16.44
CA GLU A 245 11.50 34.56 -16.91
C GLU A 245 12.37 35.70 -17.45
N TRP A 246 13.64 35.76 -17.00
CA TRP A 246 14.59 36.72 -17.52
C TRP A 246 14.85 36.53 -18.98
N VAL A 247 15.41 35.40 -19.42
CA VAL A 247 15.67 35.31 -20.88
C VAL A 247 14.38 35.23 -21.71
N GLY A 249 11.62 36.92 -21.11
CA GLY A 249 11.23 38.31 -21.33
C GLY A 249 12.13 39.03 -22.32
N VAL A 250 13.45 38.87 -22.18
CA VAL A 250 14.40 39.43 -23.13
C VAL A 250 14.12 39.03 -24.58
N ALA A 251 13.84 37.76 -24.80
CA ALA A 251 13.48 37.28 -26.14
C ALA A 251 12.16 37.85 -26.66
N SER A 252 11.15 37.91 -25.80
CA SER A 252 9.80 38.30 -26.20
C SER A 252 9.62 39.79 -26.47
N ILE A 253 10.48 40.62 -25.89
CA ILE A 253 10.39 42.04 -26.07
C ILE A 253 10.41 42.33 -27.58
N SER A 254 11.36 41.78 -28.31
CA SER A 254 11.37 42.03 -29.74
C SER A 254 11.42 40.76 -30.58
N GLU A 255 11.26 39.60 -29.93
CA GLU A 255 11.27 38.31 -30.61
C GLU A 255 12.60 38.00 -31.32
N ASP A 256 13.70 38.55 -30.80
CA ASP A 256 15.02 38.13 -31.22
C ASP A 256 15.44 36.95 -30.32
N TYR A 257 15.05 35.73 -30.73
CA TYR A 257 15.40 34.56 -29.98
C TYR A 257 16.82 34.16 -30.30
N LEU A 258 17.23 34.43 -31.53
CA LEU A 258 18.59 34.05 -32.01
C LEU A 258 19.68 34.65 -31.08
N HIS A 259 19.46 35.87 -30.58
CA HIS A 259 20.45 36.51 -29.73
C HIS A 259 20.06 36.65 -28.28
N ALA A 260 18.95 36.03 -27.87
CA ALA A 260 18.37 36.26 -26.53
C ALA A 260 19.27 35.75 -25.38
N ASN A 261 19.91 34.57 -25.53
CA ASN A 261 20.76 34.07 -24.45
C ASN A 261 21.92 35.03 -24.17
N LYS A 262 22.59 35.48 -25.21
CA LYS A 262 23.71 36.41 -25.07
C LYS A 262 23.22 37.77 -24.57
N ASN A 263 22.10 38.26 -25.11
CA ASN A 263 21.57 39.56 -24.68
C ASN A 263 21.18 39.53 -23.22
N ALA A 264 20.58 38.43 -22.78
CA ALA A 264 20.19 38.27 -21.39
C ALA A 264 21.41 38.24 -20.48
N ASP A 266 24.41 39.55 -21.07
CA ASP A 266 24.97 40.88 -21.08
C ASP A 266 24.24 41.78 -20.14
N CYS A 267 22.92 41.77 -20.22
CA CYS A 267 22.17 42.64 -19.41
C CYS A 267 22.34 42.32 -17.94
N TRP A 268 22.35 41.03 -17.62
CA TRP A 268 22.48 40.59 -16.24
C TRP A 268 23.82 41.09 -15.71
N ILE A 269 24.88 40.88 -16.50
CA ILE A 269 26.24 41.21 -16.07
C ILE A 269 26.43 42.72 -15.93
N ASN A 270 25.90 43.47 -16.90
CA ASN A 270 25.96 44.92 -16.87
C ASN A 270 25.18 45.48 -15.66
N THR A 271 24.16 44.78 -15.19
CA THR A 271 23.41 45.20 -14.00
C THR A 271 24.07 44.92 -12.64
N PHE A 272 24.60 43.73 -12.45
CA PHE A 272 25.09 43.33 -11.15
C PHE A 272 26.61 43.24 -11.05
N GLY A 273 27.29 43.24 -12.18
CA GLY A 273 28.72 43.06 -12.22
C GLY A 273 29.05 41.62 -12.54
N ALA A 274 30.11 41.45 -13.35
CA ALA A 274 30.53 40.12 -13.80
C ALA A 274 30.77 39.19 -12.64
N LYS A 275 31.40 39.67 -11.58
CA LYS A 275 31.68 38.77 -10.48
C LYS A 275 30.43 38.26 -9.77
N ASN A 276 29.30 38.97 -9.91
CA ASN A 276 28.04 38.60 -9.26
C ASN A 276 27.04 37.92 -10.18
N ALA A 277 27.53 37.45 -11.33
CA ALA A 277 26.68 36.85 -12.37
C ALA A 277 25.93 35.61 -11.83
N GLY A 278 26.57 34.83 -10.99
CA GLY A 278 25.99 33.67 -10.34
C GLY A 278 26.04 32.43 -11.22
N LEU A 279 24.98 31.66 -11.15
CA LEU A 279 24.83 30.48 -11.95
C LEU A 279 23.98 30.74 -13.19
N ALA A 280 24.43 30.22 -14.32
CA ALA A 280 23.70 30.39 -15.55
C ALA A 280 22.59 29.34 -15.69
N LEU A 281 21.41 29.77 -16.08
CA LEU A 281 20.30 28.89 -16.42
C LEU A 281 20.28 28.63 -17.93
N THR A 282 20.65 27.41 -18.34
CA THR A 282 20.99 27.13 -19.73
C THR A 282 19.88 26.58 -20.61
N ASP A 283 18.80 26.06 -20.00
CA ASP A 283 17.82 25.21 -20.71
C ASP A 283 16.59 25.93 -21.28
N THR A 284 16.49 27.23 -21.05
CA THR A 284 15.26 27.98 -21.39
C THR A 284 14.87 27.77 -22.86
N PHE A 285 15.83 27.94 -23.76
CA PHE A 285 15.67 27.71 -25.20
C PHE A 285 16.55 26.53 -25.64
N GLY A 286 16.79 25.64 -24.69
CA GLY A 286 17.59 24.44 -24.89
C GLY A 286 19.05 24.73 -24.60
N THR A 287 19.69 23.84 -23.86
CA THR A 287 21.08 24.05 -23.49
C THR A 287 22.08 24.21 -24.68
N ASP A 288 21.85 23.52 -25.79
CA ASP A 288 22.67 23.70 -26.99
C ASP A 288 22.76 25.16 -27.51
N ASP A 289 21.61 25.86 -27.54
CA ASP A 289 21.61 27.24 -28.01
C ASP A 289 22.44 28.10 -27.05
N PHE A 290 22.21 27.87 -25.75
CA PHE A 290 22.93 28.58 -24.69
C PHE A 290 24.44 28.41 -24.84
N LEU A 291 24.87 27.18 -25.04
CA LEU A 291 26.31 26.86 -25.17
C LEU A 291 27.04 27.55 -26.34
N LYS A 292 26.33 27.87 -27.43
CA LYS A 292 26.99 28.57 -28.52
C LYS A 292 27.64 29.90 -28.12
N SER A 293 27.10 30.59 -27.12
CA SER A 293 27.65 31.88 -26.68
C SER A 293 28.37 31.78 -25.37
N PHE A 294 28.42 30.57 -24.79
CA PHE A 294 29.03 30.39 -23.45
C PHE A 294 30.55 30.15 -23.52
N ARG A 295 31.24 31.25 -23.73
CA ARG A 295 32.69 31.29 -23.80
C ARG A 295 33.14 32.62 -23.18
N PRO A 296 34.46 32.80 -22.98
CA PRO A 296 34.94 33.98 -22.27
C PRO A 296 34.41 35.26 -22.95
N PRO A 297 34.04 36.27 -22.17
CA PRO A 297 34.13 36.42 -20.70
C PRO A 297 32.99 35.74 -19.89
N TYR A 298 31.88 35.45 -20.56
CA TYR A 298 30.65 34.88 -19.92
C TYR A 298 30.95 33.65 -19.08
N SER A 299 31.67 32.69 -19.67
CA SER A 299 31.96 31.42 -19.01
C SER A 299 32.93 31.57 -17.86
N ASP A 300 33.70 32.66 -17.84
CA ASP A 300 34.52 33.00 -16.68
C ASP A 300 33.75 33.72 -15.55
N ALA A 301 32.78 34.57 -15.91
CA ALA A 301 32.01 35.35 -14.94
C ALA A 301 31.04 34.50 -14.10
N TYR A 302 30.19 33.75 -14.79
CA TYR A 302 29.32 32.76 -14.11
C TYR A 302 30.16 31.72 -13.45
N VAL A 303 29.75 31.30 -12.27
CA VAL A 303 30.53 30.34 -11.51
C VAL A 303 30.09 28.91 -11.76
N GLY A 304 29.08 28.78 -12.61
CA GLY A 304 28.53 27.52 -12.98
C GLY A 304 27.18 27.68 -13.62
N VAL A 305 26.47 26.56 -13.65
CA VAL A 305 25.21 26.43 -14.34
C VAL A 305 24.19 25.81 -13.38
N ARG A 306 22.93 26.17 -13.59
CA ARG A 306 21.80 25.56 -12.83
C ARG A 306 21.06 24.57 -13.77
N GLN A 307 20.93 23.32 -13.30
CA GLN A 307 20.23 22.24 -14.01
C GLN A 307 18.75 22.19 -13.49
N ASP A 308 17.80 22.38 -14.39
CA ASP A 308 16.41 22.54 -14.04
C ASP A 308 15.46 21.67 -14.85
N SER A 309 15.94 21.01 -15.90
CA SER A 309 15.13 20.08 -16.68
C SER A 309 15.94 19.04 -17.40
N GLY A 310 15.24 18.04 -17.94
CA GLY A 310 15.90 16.97 -18.65
C GLY A 310 16.52 15.99 -17.71
N ASP A 311 17.35 15.11 -18.26
CA ASP A 311 18.05 14.10 -17.46
C ASP A 311 19.31 14.67 -16.83
N PRO A 312 19.37 14.70 -15.50
CA PRO A 312 20.49 15.37 -14.83
C PRO A 312 21.88 14.75 -15.12
N VAL A 313 21.94 13.44 -15.31
CA VAL A 313 23.22 12.77 -15.61
C VAL A 313 23.70 13.13 -17.00
N GLU A 314 22.78 13.09 -17.97
CA GLU A 314 23.09 13.49 -19.32
C GLU A 314 23.50 14.97 -19.38
N TYR A 315 22.77 15.83 -18.69
CA TYR A 315 23.17 17.24 -18.54
C TYR A 315 24.58 17.39 -18.01
N THR A 316 24.90 16.65 -16.98
CA THR A 316 26.20 16.76 -16.32
C THR A 316 27.35 16.43 -17.29
N LYS A 317 27.16 15.38 -18.07
CA LYS A 317 28.15 14.96 -19.05
C LYS A 317 28.36 16.07 -20.07
N LYS A 318 27.25 16.64 -20.55
CA LYS A 318 27.26 17.63 -21.62
C LYS A 318 28.02 18.88 -21.17
N ILE A 319 27.68 19.36 -19.97
CA ILE A 319 28.31 20.55 -19.38
C ILE A 319 29.79 20.34 -19.06
N SER A 320 30.13 19.17 -18.53
CA SER A 320 31.51 18.83 -18.25
C SER A 320 32.36 18.85 -19.50
N HIS A 321 31.89 18.20 -20.56
CA HIS A 321 32.57 18.27 -21.85
C HIS A 321 32.74 19.72 -22.30
N HIS A 322 31.69 20.53 -22.16
CA HIS A 322 31.82 21.93 -22.56
C HIS A 322 32.90 22.63 -21.79
N TYR A 323 32.88 22.53 -20.48
CA TYR A 323 33.85 23.28 -19.68
C TYR A 323 35.31 22.76 -19.82
N HIS A 324 35.47 21.46 -19.81
CA HIS A 324 36.81 20.88 -19.72
C HIS A 324 37.47 20.70 -21.07
N ASP A 325 36.68 20.27 -22.03
CA ASP A 325 37.15 20.02 -23.39
C ASP A 325 37.05 21.24 -24.29
N VAL A 326 35.90 21.91 -24.34
CA VAL A 326 35.76 23.03 -25.25
C VAL A 326 36.44 24.26 -24.70
N LEU A 327 36.17 24.56 -23.44
CA LEU A 327 36.72 25.73 -22.78
C LEU A 327 38.03 25.49 -22.06
N LYS A 328 38.49 24.23 -22.01
CA LYS A 328 39.81 23.92 -21.47
C LYS A 328 39.98 24.36 -20.03
N LEU A 329 38.92 24.31 -19.24
CA LEU A 329 39.05 24.61 -17.81
C LEU A 329 39.43 23.36 -17.05
N PRO A 330 40.19 23.52 -15.96
CA PRO A 330 40.49 22.36 -15.13
C PRO A 330 39.25 21.73 -14.53
N LYS A 331 39.33 20.44 -14.22
CA LYS A 331 38.26 19.77 -13.50
C LYS A 331 37.98 20.48 -12.20
N PHE A 332 36.71 20.53 -11.79
CA PHE A 332 36.28 21.09 -10.53
C PHE A 332 36.48 22.65 -10.45
N SER A 333 36.51 23.30 -11.62
CA SER A 333 36.56 24.75 -11.78
C SER A 333 35.15 25.38 -11.59
N LYS A 334 34.13 24.62 -11.96
CA LYS A 334 32.72 25.12 -12.06
C LYS A 334 31.67 24.21 -11.37
N ILE A 335 30.52 24.82 -11.08
CA ILE A 335 29.45 24.26 -10.29
C ILE A 335 28.29 23.88 -11.22
N ILE A 336 27.67 22.72 -10.98
CA ILE A 336 26.31 22.46 -11.38
C ILE A 336 25.41 22.44 -10.17
N CYS A 337 24.38 23.27 -10.22
CA CYS A 337 23.35 23.30 -9.19
C CYS A 337 22.10 22.57 -9.73
N TYR A 338 21.78 21.45 -9.13
CA TYR A 338 20.65 20.62 -9.48
C TYR A 338 19.45 21.09 -8.67
N SER A 339 18.38 21.46 -9.36
CA SER A 339 17.25 22.09 -8.67
C SER A 339 15.85 21.60 -9.06
N ASP A 340 15.76 20.50 -9.81
CA ASP A 340 14.48 20.07 -10.39
C ASP A 340 13.92 18.91 -9.57
N SER A 341 12.98 19.21 -8.66
CA SER A 341 12.20 18.20 -7.97
C SER A 341 13.06 17.17 -7.24
N LEU A 342 13.99 17.69 -6.46
CA LEU A 342 14.97 16.85 -5.77
C LEU A 342 14.42 16.26 -4.48
N ASN A 343 15.00 15.12 -4.12
CA ASN A 343 14.88 14.56 -2.76
C ASN A 343 16.27 14.13 -2.37
N VAL A 344 16.42 13.58 -1.16
CA VAL A 344 17.75 13.29 -0.66
C VAL A 344 18.47 12.26 -1.50
N GLU A 345 17.75 11.19 -1.88
CA GLU A 345 18.40 10.12 -2.63
C GLU A 345 18.88 10.61 -4.00
N LYS A 346 18.04 11.37 -4.69
CA LYS A 346 18.45 11.99 -5.99
C LYS A 346 19.66 12.92 -5.83
N ALA A 347 19.65 13.79 -4.84
CA ALA A 347 20.81 14.66 -4.55
C ALA A 347 22.10 13.83 -4.42
N ILE A 348 22.04 12.75 -3.64
CA ILE A 348 23.21 11.88 -3.50
C ILE A 348 23.68 11.26 -4.83
N THR A 349 22.74 10.69 -5.56
CA THR A 349 23.04 10.15 -6.89
C THR A 349 23.68 11.17 -7.83
N TYR A 350 23.10 12.35 -7.90
CA TYR A 350 23.62 13.41 -8.77
C TYR A 350 24.97 13.95 -8.27
N SER A 351 25.17 13.96 -6.96
CA SER A 351 26.47 14.35 -6.44
C SER A 351 27.59 13.40 -6.93
N HIS A 352 27.28 12.13 -7.01
CA HIS A 352 28.20 11.13 -7.59
C HIS A 352 28.50 11.38 -9.05
N ALA A 353 27.47 11.61 -9.82
CA ALA A 353 27.64 11.91 -11.27
C ALA A 353 28.48 13.17 -11.47
N ALA A 354 28.25 14.20 -10.66
CA ALA A 354 29.05 15.44 -10.74
C ALA A 354 30.54 15.13 -10.51
N LYS A 355 30.83 14.38 -9.46
CA LYS A 355 32.21 14.05 -9.11
C LYS A 355 32.89 13.25 -10.24
N GLU A 356 32.17 12.27 -10.75
CA GLU A 356 32.62 11.43 -11.87
C GLU A 356 33.02 12.26 -13.07
N ASN A 357 32.30 13.33 -13.30
CA ASN A 357 32.45 14.18 -14.47
C ASN A 357 33.17 15.50 -14.18
N GLY A 358 33.88 15.57 -13.05
CA GLY A 358 34.71 16.72 -12.74
C GLY A 358 34.03 18.03 -12.48
N LEU A 360 31.83 20.45 -9.57
CA LEU A 360 31.33 20.72 -8.24
C LEU A 360 29.80 20.72 -8.32
N ALA A 361 29.16 20.26 -7.25
CA ALA A 361 27.72 20.05 -7.20
C ALA A 361 27.14 20.84 -6.04
N THR A 362 26.04 21.49 -6.33
CA THR A 362 25.16 22.05 -5.26
C THR A 362 23.74 21.67 -5.64
N PHE A 363 22.82 21.88 -4.69
CA PHE A 363 21.45 21.40 -4.77
C PHE A 363 20.48 22.43 -4.20
N GLY A 364 19.37 22.66 -4.90
CA GLY A 364 18.22 23.40 -4.35
C GLY A 364 17.10 22.39 -4.13
N ILE A 365 16.68 22.21 -2.87
CA ILE A 365 15.68 21.21 -2.54
C ILE A 365 14.42 21.93 -2.08
N GLY A 366 13.35 21.86 -2.89
CA GLY A 366 12.17 22.68 -2.67
C GLY A 366 11.02 21.95 -2.05
N THR A 367 10.06 21.57 -2.88
CA THR A 367 8.83 20.92 -2.40
C THR A 367 9.01 19.72 -1.50
N ASN A 368 10.07 18.94 -1.70
CA ASN A 368 10.31 17.84 -0.82
C ASN A 368 10.52 18.27 0.62
N PHE A 369 11.09 19.48 0.83
CA PHE A 369 11.26 19.99 2.17
C PHE A 369 9.93 20.50 2.79
N THR A 370 9.23 21.36 2.06
CA THR A 370 8.12 22.16 2.62
C THR A 370 6.71 21.59 2.36
N ASN A 371 6.62 20.51 1.59
CA ASN A 371 5.34 19.88 1.31
C ASN A 371 5.43 18.35 1.17
N ASP A 372 5.96 17.74 2.24
CA ASP A 372 6.11 16.30 2.38
C ASP A 372 5.29 15.84 3.60
N PHE A 373 4.02 15.53 3.35
CA PHE A 373 3.02 15.19 4.38
C PHE A 373 2.35 13.88 4.04
N ARG A 374 2.00 13.12 5.08
CA ARG A 374 1.14 11.96 4.95
C ARG A 374 -0.25 12.33 5.40
N LYS A 375 -1.23 11.50 5.05
CA LYS A 375 -2.59 11.72 5.48
C LYS A 375 -2.65 11.41 6.97
N LYS A 376 -3.48 12.17 7.67
CA LYS A 376 -3.69 11.92 9.10
C LYS A 376 -4.54 10.65 9.22
N SER A 377 -5.49 10.49 8.32
CA SER A 377 -6.42 9.35 8.32
C SER A 377 -5.71 8.04 7.97
N GLU A 378 -4.73 8.15 7.10
CA GLU A 378 -3.99 7.01 6.60
C GLU A 378 -2.54 7.40 6.60
N PRO A 379 -1.85 7.20 7.74
CA PRO A 379 -0.45 7.63 7.85
C PRO A 379 0.54 7.03 6.84
N GLN A 380 0.19 5.98 6.12
CA GLN A 380 1.11 5.46 5.10
C GLN A 380 0.85 6.03 3.71
N VAL A 381 -0.22 6.80 3.57
CA VAL A 381 -0.58 7.40 2.27
C VAL A 381 -0.11 8.87 2.18
N LYS A 382 0.45 9.22 1.04
CA LYS A 382 0.85 10.60 0.74
C LYS A 382 -0.35 11.56 0.70
N SER A 383 -0.17 12.73 1.28
CA SER A 383 -1.07 13.82 1.08
C SER A 383 -0.50 14.63 -0.07
N GLU A 384 -1.16 14.57 -1.22
CA GLU A 384 -0.59 15.14 -2.41
C GLU A 384 -0.53 16.67 -2.34
N PRO A 385 0.61 17.28 -2.71
CA PRO A 385 0.65 18.75 -2.92
C PRO A 385 -0.15 19.24 -4.10
N LEU A 386 -0.51 20.52 -4.05
CA LEU A 386 -1.13 21.18 -5.17
C LEU A 386 -0.04 21.55 -6.15
N ASN A 387 -0.14 21.09 -7.40
CA ASN A 387 0.84 21.34 -8.47
C ASN A 387 0.39 22.57 -9.27
N ILE A 388 0.70 23.73 -8.71
CA ILE A 388 0.33 25.02 -9.32
C ILE A 388 1.59 25.82 -9.71
N VAL A 389 1.40 26.63 -10.75
CA VAL A 389 2.44 27.56 -11.23
C VAL A 389 1.82 28.88 -11.62
N ILE A 390 2.64 29.92 -11.62
CA ILE A 390 2.25 31.24 -12.13
C ILE A 390 3.40 31.59 -13.06
N LYS A 391 3.12 31.54 -14.37
CA LYS A 391 4.10 31.57 -15.44
C LYS A 391 3.99 32.85 -16.29
N LEU A 392 5.11 33.34 -16.78
CA LEU A 392 5.12 34.46 -17.69
C LEU A 392 4.44 33.96 -18.98
N LEU A 393 3.40 34.68 -19.43
CA LEU A 393 2.63 34.33 -20.61
C LEU A 393 2.85 35.25 -21.83
N GLU A 394 2.98 36.54 -21.54
CA GLU A 394 3.04 37.53 -22.59
C GLU A 394 3.92 38.71 -22.17
N VAL A 395 4.63 39.29 -23.14
CA VAL A 395 5.49 40.47 -22.96
C VAL A 395 5.27 41.48 -24.11
N ASN A 396 4.81 42.71 -23.79
CA ASN A 396 4.50 43.68 -24.85
C ASN A 396 3.65 43.02 -25.96
N GLY A 397 2.68 42.20 -25.54
CA GLY A 397 1.73 41.58 -26.45
C GLY A 397 2.24 40.34 -27.16
N ASN A 398 3.52 40.04 -27.02
CA ASN A 398 4.15 38.90 -27.70
C ASN A 398 4.12 37.69 -26.80
N HIS A 399 4.01 36.51 -27.38
CA HIS A 399 3.99 35.27 -26.59
C HIS A 399 5.34 35.02 -25.90
N ALA A 400 5.31 34.59 -24.64
CA ALA A 400 6.50 34.19 -23.90
C ALA A 400 6.51 32.65 -23.90
N ILE A 401 7.67 32.04 -24.19
CA ILE A 401 7.74 30.57 -24.30
C ILE A 401 9.00 30.02 -23.66
N LYS A 402 8.96 28.72 -23.37
CA LYS A 402 10.09 27.99 -22.85
C LYS A 402 10.19 26.66 -23.59
N ILE A 403 11.40 26.32 -24.02
CA ILE A 403 11.61 25.09 -24.76
C ILE A 403 11.98 24.00 -23.74
N SER A 404 12.93 24.31 -22.84
CA SER A 404 13.49 23.38 -21.86
C SER A 404 14.37 22.34 -22.57
N ASP A 405 15.01 21.48 -21.78
CA ASP A 405 15.83 20.37 -22.29
C ASP A 405 15.04 19.06 -22.40
N ASN A 406 13.80 19.05 -21.93
CA ASN A 406 12.86 17.95 -22.18
C ASN A 406 12.15 18.38 -23.45
N LEU A 407 12.77 18.05 -24.59
CA LEU A 407 12.57 18.74 -25.89
C LEU A 407 11.16 18.83 -26.50
N GLY A 408 10.34 17.79 -26.26
CA GLY A 408 8.93 17.81 -26.63
C GLY A 408 8.00 18.13 -25.47
N LYS A 409 8.57 18.66 -24.38
CA LYS A 409 7.80 19.16 -23.26
C LYS A 409 8.12 20.66 -23.07
N ASN A 410 7.37 21.48 -23.81
CA ASN A 410 7.61 22.91 -23.95
C ASN A 410 6.53 23.70 -23.22
N GLY A 412 4.06 27.28 -23.60
CA GLY A 412 3.60 28.46 -24.35
C GLY A 412 3.00 28.16 -25.71
N ASP A 413 2.70 29.22 -26.41
CA ASP A 413 2.03 29.20 -27.69
C ASP A 413 2.74 28.25 -28.63
N PRO A 414 2.06 27.15 -29.07
CA PRO A 414 2.67 26.16 -29.98
C PRO A 414 3.30 26.70 -31.25
N ALA A 415 2.63 27.63 -31.90
CA ALA A 415 3.12 28.19 -33.15
C ALA A 415 4.48 28.88 -32.91
N THR A 416 4.54 29.61 -31.80
CA THR A 416 5.75 30.34 -31.44
C THR A 416 6.87 29.37 -31.13
N VAL A 417 6.54 28.33 -30.38
CA VAL A 417 7.53 27.33 -29.98
C VAL A 417 8.12 26.66 -31.25
N LYS A 418 7.23 26.26 -32.18
CA LYS A 418 7.67 25.77 -33.47
C LYS A 418 8.61 26.69 -34.25
N ARG A 419 8.22 27.96 -34.38
CA ARG A 419 8.98 28.99 -35.08
C ARG A 419 10.38 29.15 -34.46
N VAL A 420 10.44 29.17 -33.13
CA VAL A 420 11.68 29.35 -32.36
C VAL A 420 12.60 28.15 -32.51
N LYS A 421 12.06 26.94 -32.41
CA LYS A 421 12.88 25.73 -32.62
C LYS A 421 13.56 25.75 -34.00
N GLU A 422 12.86 26.30 -34.99
CA GLU A 422 13.39 26.44 -36.34
C GLU A 422 14.49 27.49 -36.37
N GLU A 423 14.21 28.67 -35.83
CA GLU A 423 15.18 29.80 -35.78
C GLU A 423 16.46 29.42 -35.04
N LEU A 424 16.34 28.59 -34.01
CA LEU A 424 17.51 28.14 -33.21
C LEU A 424 18.15 26.86 -33.73
N GLY A 425 17.66 26.37 -34.86
CA GLY A 425 18.25 25.20 -35.49
C GLY A 425 17.99 23.85 -34.88
N TYR A 426 17.01 23.72 -33.97
CA TYR A 426 16.65 22.37 -33.51
C TYR A 426 15.86 21.60 -34.57
N THR A 427 15.23 22.34 -35.47
CA THR A 427 14.23 21.80 -36.38
C THR A 427 14.31 22.57 -37.70
N SER B 14 3.29 -10.05 -22.80
CA SER B 14 2.53 -11.08 -22.07
C SER B 14 1.18 -11.36 -22.69
N GLU B 15 0.70 -12.59 -22.48
CA GLU B 15 -0.64 -12.97 -22.88
C GLU B 15 -1.63 -12.36 -21.91
N PRO B 16 -2.74 -11.80 -22.43
CA PRO B 16 -3.81 -11.32 -21.56
C PRO B 16 -4.37 -12.32 -20.57
N VAL B 17 -4.43 -11.91 -19.31
CA VAL B 17 -5.01 -12.74 -18.28
C VAL B 17 -6.54 -12.65 -18.29
N ILE B 18 -7.05 -11.43 -18.37
CA ILE B 18 -8.46 -11.20 -18.33
C ILE B 18 -8.98 -11.40 -19.78
N LYS B 19 -9.75 -12.48 -19.99
CA LYS B 19 -10.18 -12.87 -21.33
C LYS B 19 -11.62 -12.45 -21.66
N SER B 20 -12.33 -11.93 -20.68
CA SER B 20 -13.74 -11.63 -20.78
C SER B 20 -14.13 -10.56 -19.84
N LEU B 21 -15.08 -9.72 -20.26
CA LEU B 21 -15.78 -8.79 -19.35
C LEU B 21 -16.63 -9.47 -18.26
N LEU B 22 -16.84 -10.79 -18.44
CA LEU B 22 -17.51 -11.59 -17.42
C LEU B 22 -16.57 -12.07 -16.32
N ASP B 23 -15.25 -11.90 -16.48
CA ASP B 23 -14.29 -12.26 -15.42
C ASP B 23 -14.30 -11.16 -14.36
N THR B 24 -15.34 -11.21 -13.54
CA THR B 24 -15.62 -10.17 -12.57
C THR B 24 -16.74 -10.65 -11.66
N ASP B 25 -16.95 -9.92 -10.57
CA ASP B 25 -18.03 -10.21 -9.66
C ASP B 25 -19.38 -9.75 -10.24
N TYR B 27 -21.95 -8.46 -8.93
CA TYR B 27 -22.43 -7.17 -8.45
C TYR B 27 -21.93 -6.01 -9.33
N LYS B 28 -20.79 -6.17 -10.00
CA LYS B 28 -20.25 -5.08 -10.86
C LYS B 28 -21.17 -4.81 -12.03
N ILE B 29 -21.74 -5.87 -12.59
CA ILE B 29 -22.67 -5.76 -13.71
C ILE B 29 -24.04 -5.21 -13.27
N THR B 30 -24.54 -5.67 -12.12
CA THR B 30 -25.81 -5.13 -11.61
C THR B 30 -25.63 -3.65 -11.29
N HIS B 32 -23.36 -1.64 -12.62
CA HIS B 32 -23.23 -1.00 -13.92
C HIS B 32 -24.64 -0.67 -14.49
N ALA B 33 -25.54 -1.64 -14.45
CA ALA B 33 -26.93 -1.43 -14.93
C ALA B 33 -27.61 -0.31 -14.13
N ALA B 34 -27.42 -0.30 -12.82
CA ALA B 34 -28.13 0.65 -11.95
C ALA B 34 -27.55 2.06 -12.18
N VAL B 35 -26.24 2.11 -12.35
CA VAL B 35 -25.56 3.38 -12.64
C VAL B 35 -25.92 3.90 -14.04
N PHE B 36 -25.88 3.03 -15.05
CA PHE B 36 -26.28 3.44 -16.38
C PHE B 36 -27.76 3.95 -16.38
N THR B 37 -28.64 3.24 -15.69
CA THR B 37 -30.06 3.59 -15.67
C THR B 37 -30.36 4.91 -14.93
N ASN B 38 -29.69 5.12 -13.80
CA ASN B 38 -30.02 6.23 -12.89
C ASN B 38 -29.06 7.41 -12.95
N PHE B 39 -27.75 7.13 -13.14
CA PHE B 39 -26.68 8.15 -13.03
C PHE B 39 -25.71 8.14 -14.21
N PRO B 40 -26.23 8.26 -15.45
CA PRO B 40 -25.39 8.22 -16.67
C PRO B 40 -24.37 9.37 -16.84
N ASP B 41 -24.61 10.51 -16.19
CA ASP B 41 -23.75 11.68 -16.34
C ASP B 41 -22.87 11.92 -15.12
N VAL B 42 -23.07 11.16 -14.03
CA VAL B 42 -22.24 11.32 -12.81
C VAL B 42 -20.77 10.91 -13.08
N THR B 43 -19.82 11.72 -12.62
CA THR B 43 -18.41 11.35 -12.72
C THR B 43 -17.90 10.92 -11.36
N VAL B 44 -16.90 10.05 -11.41
CA VAL B 44 -16.35 9.47 -10.22
C VAL B 44 -14.85 9.29 -10.37
N THR B 45 -14.20 9.16 -9.22
CA THR B 45 -12.83 8.68 -9.14
C THR B 45 -12.74 7.54 -8.15
N TYR B 46 -12.04 6.48 -8.54
CA TYR B 46 -11.71 5.36 -7.62
C TYR B 46 -10.24 5.45 -7.35
N LYS B 47 -9.82 5.01 -6.17
CA LYS B 47 -8.38 5.09 -5.85
C LYS B 47 -7.91 3.77 -5.28
N TYR B 48 -6.79 3.32 -5.79
CA TYR B 48 -6.06 2.16 -5.23
C TYR B 48 -5.36 2.50 -3.91
N THR B 49 -5.48 1.58 -2.97
CA THR B 49 -4.75 1.63 -1.69
C THR B 49 -4.23 0.24 -1.35
N ASN B 50 -2.95 0.19 -1.04
CA ASN B 50 -2.33 -1.02 -0.52
C ASN B 50 -2.21 -0.88 0.99
N ARG B 51 -3.08 -1.58 1.72
CA ARG B 51 -3.08 -1.51 3.18
C ARG B 51 -1.92 -2.32 3.75
N SER B 52 -1.41 -3.29 2.97
CA SER B 52 -0.21 -4.04 3.38
C SER B 52 1.03 -3.32 2.84
N SER B 53 1.38 -2.19 3.45
CA SER B 53 2.32 -1.26 2.79
C SER B 53 3.79 -1.69 2.90
N GLN B 54 4.07 -2.71 3.70
CA GLN B 54 5.38 -3.36 3.67
C GLN B 54 5.58 -4.26 2.44
N LEU B 55 4.50 -4.57 1.73
CA LEU B 55 4.58 -5.38 0.51
C LEU B 55 4.69 -4.42 -0.66
N THR B 56 5.73 -4.62 -1.48
CA THR B 56 6.13 -3.65 -2.48
C THR B 56 6.34 -4.31 -3.85
N PHE B 57 6.43 -3.47 -4.88
CA PHE B 57 6.49 -3.95 -6.25
C PHE B 57 7.85 -3.71 -6.85
N ASN B 58 8.10 -4.42 -7.95
CA ASN B 58 9.32 -4.26 -8.71
C ASN B 58 9.01 -3.83 -10.16
N LYS B 59 10.04 -3.44 -10.88
CA LYS B 59 9.87 -2.99 -12.26
C LYS B 59 9.17 -4.01 -13.16
N GLU B 60 9.51 -5.29 -12.99
CA GLU B 60 8.95 -6.37 -13.79
C GLU B 60 7.44 -6.49 -13.63
N ALA B 61 7.00 -6.51 -12.37
CA ALA B 61 5.56 -6.48 -12.06
C ALA B 61 4.87 -5.25 -12.66
N ILE B 62 5.49 -4.07 -12.51
CA ILE B 62 4.90 -2.83 -13.01
C ILE B 62 4.76 -2.86 -14.54
N ASN B 63 5.81 -3.30 -15.21
CA ASN B 63 5.78 -3.38 -16.67
C ASN B 63 4.70 -4.35 -17.16
N TRP B 64 4.55 -5.48 -16.46
CA TRP B 64 3.51 -6.46 -16.78
C TRP B 64 2.13 -5.87 -16.57
N LEU B 65 1.98 -5.11 -15.48
CA LEU B 65 0.66 -4.47 -15.19
C LEU B 65 0.27 -3.47 -16.25
N LYS B 66 1.25 -2.66 -16.69
CA LYS B 66 0.98 -1.73 -17.75
C LYS B 66 0.40 -2.41 -19.01
N GLU B 67 0.97 -3.55 -19.38
CA GLU B 67 0.49 -4.34 -20.53
C GLU B 67 -0.95 -4.83 -20.29
N GLN B 68 -1.15 -5.45 -19.13
CA GLN B 68 -2.40 -6.04 -18.76
C GLN B 68 -3.56 -5.04 -18.67
N PHE B 69 -3.31 -3.86 -18.10
CA PHE B 69 -4.32 -2.83 -18.03
C PHE B 69 -4.68 -2.34 -19.43
N SER B 70 -3.68 -2.24 -20.30
CA SER B 70 -3.90 -1.82 -21.68
C SER B 70 -4.79 -2.82 -22.45
N TYR B 71 -4.57 -4.11 -22.22
CA TYR B 71 -5.31 -5.20 -22.85
C TYR B 71 -6.79 -5.14 -22.55
N LEU B 72 -7.15 -4.52 -21.44
CA LEU B 72 -8.57 -4.39 -21.07
C LEU B 72 -9.36 -3.62 -22.13
N GLY B 73 -8.71 -2.71 -22.85
CA GLY B 73 -9.37 -1.98 -23.93
C GLY B 73 -9.70 -2.80 -25.16
N ASN B 74 -9.17 -4.03 -25.22
CA ASN B 74 -9.42 -4.95 -26.33
C ASN B 74 -10.59 -5.88 -26.12
N LEU B 75 -11.10 -5.91 -24.90
CA LEU B 75 -12.24 -6.74 -24.54
C LEU B 75 -13.54 -6.22 -25.10
N ARG B 76 -14.39 -7.15 -25.54
CA ARG B 76 -15.76 -6.80 -25.93
C ARG B 76 -16.69 -7.90 -25.45
N PHE B 77 -17.94 -7.55 -25.21
CA PHE B 77 -18.94 -8.55 -24.87
C PHE B 77 -19.18 -9.33 -26.16
N THR B 78 -19.35 -10.64 -26.04
CA THR B 78 -19.76 -11.48 -27.15
C THR B 78 -21.25 -11.70 -27.08
N GLU B 79 -21.86 -12.13 -28.19
CA GLU B 79 -23.27 -12.48 -28.20
C GLU B 79 -23.58 -13.52 -27.13
N GLU B 80 -22.68 -14.50 -26.98
CA GLU B 80 -22.90 -15.57 -26.03
C GLU B 80 -22.87 -15.07 -24.58
N GLU B 81 -21.97 -14.12 -24.30
CA GLU B 81 -21.87 -13.56 -22.96
C GLU B 81 -23.11 -12.77 -22.57
N ILE B 82 -23.61 -12.02 -23.54
CA ILE B 82 -24.84 -11.24 -23.37
C ILE B 82 -26.05 -12.14 -23.14
N GLU B 83 -26.16 -13.19 -23.94
CA GLU B 83 -27.20 -14.21 -23.75
C GLU B 83 -27.18 -14.82 -22.34
N TYR B 84 -25.97 -15.12 -21.86
CA TYR B 84 -25.75 -15.63 -20.50
C TYR B 84 -26.22 -14.63 -19.45
N LEU B 85 -25.90 -13.36 -19.61
CA LEU B 85 -26.35 -12.34 -18.67
C LEU B 85 -27.89 -12.27 -18.61
N LYS B 86 -28.52 -12.31 -19.78
CA LYS B 86 -29.99 -12.28 -19.88
C LYS B 86 -30.66 -13.51 -19.28
N GLN B 87 -30.03 -14.66 -19.47
CA GLN B 87 -30.51 -15.89 -18.89
C GLN B 87 -30.44 -15.87 -17.35
N GLU B 88 -29.33 -15.40 -16.80
CA GLU B 88 -29.07 -15.53 -15.35
C GLU B 88 -29.44 -14.33 -14.54
N ILE B 89 -29.59 -13.19 -15.21
CA ILE B 89 -30.01 -11.93 -14.58
C ILE B 89 -31.06 -11.32 -15.51
N PRO B 90 -32.21 -12.00 -15.62
CA PRO B 90 -33.24 -11.60 -16.56
C PRO B 90 -33.88 -10.21 -16.25
N TYR B 91 -33.68 -9.69 -15.03
CA TYR B 91 -34.21 -8.36 -14.63
C TYR B 91 -33.29 -7.20 -14.99
N LEU B 92 -32.17 -7.47 -15.67
CA LEU B 92 -31.35 -6.39 -16.19
C LEU B 92 -32.25 -5.61 -17.15
N PRO B 93 -32.28 -4.26 -17.03
CA PRO B 93 -33.07 -3.47 -18.00
C PRO B 93 -32.64 -3.62 -19.48
N SER B 94 -33.62 -3.54 -20.38
CA SER B 94 -33.40 -3.77 -21.82
C SER B 94 -32.49 -2.70 -22.43
N ALA B 95 -32.61 -1.49 -21.90
CA ALA B 95 -31.78 -0.37 -22.33
C ALA B 95 -30.33 -0.60 -21.95
N TYR B 96 -30.09 -1.30 -20.84
CA TYR B 96 -28.71 -1.60 -20.43
C TYR B 96 -28.10 -2.61 -21.39
N ILE B 97 -28.86 -3.64 -21.69
CA ILE B 97 -28.41 -4.71 -22.56
C ILE B 97 -28.09 -4.14 -23.93
N LYS B 98 -28.90 -3.21 -24.41
CA LYS B 98 -28.64 -2.57 -25.69
C LYS B 98 -27.33 -1.79 -25.70
N TYR B 99 -27.12 -1.07 -24.60
CA TYR B 99 -25.90 -0.30 -24.37
C TYR B 99 -24.63 -1.15 -24.39
N ILE B 100 -24.62 -2.27 -23.68
CA ILE B 100 -23.44 -3.14 -23.66
C ILE B 100 -23.31 -4.02 -24.90
N SER B 101 -24.41 -4.20 -25.61
CA SER B 101 -24.44 -4.97 -26.89
C SER B 101 -23.99 -4.14 -28.08
N SER B 102 -23.98 -2.82 -27.93
CA SER B 102 -23.58 -1.92 -29.02
C SER B 102 -22.15 -2.17 -29.51
N SER B 103 -21.91 -1.95 -30.81
CA SER B 103 -20.53 -2.03 -31.33
C SER B 103 -19.62 -0.92 -30.73
N ASN B 104 -20.24 0.09 -30.13
CA ASN B 104 -19.53 1.21 -29.53
C ASN B 104 -18.96 0.89 -28.15
N TYR B 105 -19.58 -0.06 -27.46
CA TYR B 105 -19.22 -0.33 -26.09
C TYR B 105 -17.81 -0.92 -25.92
N LYS B 106 -17.00 -0.29 -25.07
CA LYS B 106 -15.74 -0.90 -24.64
C LYS B 106 -15.21 -0.12 -23.47
N LEU B 107 -14.17 -0.65 -22.84
CA LEU B 107 -13.41 0.11 -21.84
C LEU B 107 -12.33 0.93 -22.54
N HIS B 108 -11.99 2.04 -21.90
CA HIS B 108 -11.02 3.04 -22.44
C HIS B 108 -9.92 3.25 -21.39
N PRO B 109 -9.08 2.21 -21.13
CA PRO B 109 -8.11 2.30 -20.03
C PRO B 109 -7.09 3.44 -20.17
N GLU B 110 -6.70 3.77 -21.42
CA GLU B 110 -5.77 4.86 -21.63
C GLU B 110 -6.33 6.19 -21.16
N GLU B 111 -7.65 6.34 -21.24
CA GLU B 111 -8.37 7.53 -20.75
C GLU B 111 -8.72 7.50 -19.28
N GLN B 112 -9.16 6.34 -18.79
CA GLN B 112 -9.75 6.21 -17.45
C GLN B 112 -8.72 5.92 -16.41
N ILE B 113 -7.67 5.18 -16.76
CA ILE B 113 -6.72 4.72 -15.73
C ILE B 113 -5.51 5.62 -15.71
N SER B 114 -5.19 6.17 -14.55
CA SER B 114 -3.94 6.84 -14.36
C SER B 114 -3.06 6.00 -13.43
N PHE B 115 -2.07 5.33 -14.00
CA PHE B 115 -1.25 4.38 -13.30
C PHE B 115 0.19 4.88 -13.32
N THR B 116 0.71 5.23 -12.15
CA THR B 116 2.10 5.60 -11.98
C THR B 116 2.71 4.76 -10.85
N SER B 117 4.02 4.87 -10.66
CA SER B 117 4.71 4.15 -9.60
C SER B 117 5.82 5.03 -9.08
N GLU B 118 6.22 4.82 -7.85
CA GLU B 118 7.33 5.58 -7.36
C GLU B 118 8.17 4.80 -6.43
N GLU B 119 9.46 5.03 -6.62
CA GLU B 119 10.47 4.27 -5.96
C GLU B 119 10.39 4.70 -4.50
N ILE B 120 10.37 3.73 -3.59
CA ILE B 120 10.15 3.98 -2.17
C ILE B 120 11.42 4.51 -1.50
N GLU B 121 11.27 5.61 -0.76
CA GLU B 121 12.44 6.26 -0.13
C GLU B 121 12.99 5.29 0.94
N GLY B 122 14.26 4.97 0.81
CA GLY B 122 14.95 4.07 1.72
C GLY B 122 14.82 2.62 1.34
N LYS B 123 14.13 2.36 0.22
CA LYS B 123 14.01 1.01 -0.32
C LYS B 123 14.19 1.06 -1.85
N PRO B 124 15.36 1.53 -2.30
CA PRO B 124 15.58 1.55 -3.74
C PRO B 124 15.40 0.17 -4.36
N THR B 125 14.92 0.19 -5.60
CA THR B 125 14.45 -0.96 -6.40
C THR B 125 13.04 -1.46 -6.03
N HIS B 126 12.44 -0.86 -4.98
CA HIS B 126 11.10 -1.22 -4.54
C HIS B 126 10.16 -0.06 -4.76
N TYR B 127 8.98 -0.40 -5.27
CA TYR B 127 8.06 0.64 -5.73
C TYR B 127 6.68 0.51 -5.09
N LYS B 128 6.04 1.68 -4.94
CA LYS B 128 4.62 1.71 -4.61
C LYS B 128 3.81 2.14 -5.85
N LEU B 129 2.63 1.56 -6.01
CA LEU B 129 1.79 1.89 -7.15
C LEU B 129 0.84 3.01 -6.77
N LYS B 130 0.54 3.85 -7.76
CA LYS B 130 -0.50 4.84 -7.61
C LYS B 130 -1.45 4.65 -8.79
N ILE B 131 -2.71 4.39 -8.48
CA ILE B 131 -3.74 4.10 -9.48
C ILE B 131 -4.99 4.91 -9.14
N LEU B 132 -5.35 5.81 -10.07
CA LEU B 132 -6.65 6.47 -10.06
C LEU B 132 -7.43 6.13 -11.32
N VAL B 133 -8.71 5.76 -11.16
CA VAL B 133 -9.60 5.46 -12.28
C VAL B 133 -10.71 6.50 -12.25
N SER B 134 -10.77 7.34 -13.28
CA SER B 134 -11.68 8.46 -13.27
C SER B 134 -12.44 8.61 -14.57
N GLY B 135 -13.69 9.03 -14.43
CA GLY B 135 -14.55 9.37 -15.57
C GLY B 135 -15.99 9.17 -15.23
N SER B 136 -16.83 8.98 -16.25
CA SER B 136 -18.24 8.66 -16.05
C SER B 136 -18.36 7.45 -15.15
N TRP B 137 -19.32 7.44 -14.25
CA TRP B 137 -19.47 6.30 -13.35
C TRP B 137 -19.69 4.99 -14.19
N LYS B 138 -20.58 5.06 -15.17
CA LYS B 138 -20.82 3.93 -16.11
C LYS B 138 -19.60 3.51 -16.96
N ASP B 139 -18.69 4.44 -17.23
CA ASP B 139 -17.39 4.12 -17.82
C ASP B 139 -16.33 3.52 -16.89
N THR B 140 -16.48 3.64 -15.58
CA THR B 140 -15.41 3.29 -14.67
C THR B 140 -15.73 2.15 -13.72
N ILE B 141 -17.01 1.88 -13.54
CA ILE B 141 -17.49 0.93 -12.53
C ILE B 141 -16.90 -0.47 -12.69
N LEU B 142 -16.61 -0.88 -13.92
CA LEU B 142 -16.15 -2.26 -14.15
C LEU B 142 -14.68 -2.53 -13.79
N TYR B 143 -13.88 -1.48 -13.67
CA TYR B 143 -12.44 -1.69 -13.49
C TYR B 143 -12.05 -2.33 -12.17
N GLU B 144 -12.81 -2.08 -11.09
CA GLU B 144 -12.34 -2.44 -9.74
C GLU B 144 -11.86 -3.90 -9.63
N ILE B 145 -12.70 -4.82 -10.05
CA ILE B 145 -12.39 -6.25 -9.90
C ILE B 145 -11.22 -6.72 -10.77
N PRO B 146 -11.26 -6.54 -12.10
CA PRO B 146 -10.11 -6.97 -12.89
C PRO B 146 -8.82 -6.31 -12.50
N LEU B 147 -8.85 -5.02 -12.16
CA LEU B 147 -7.58 -4.36 -11.79
C LEU B 147 -7.05 -5.00 -10.53
N LEU B 148 -7.92 -5.21 -9.54
CA LEU B 148 -7.49 -5.89 -8.30
C LEU B 148 -6.97 -7.33 -8.55
N SER B 149 -7.70 -8.14 -9.33
CA SER B 149 -7.24 -9.50 -9.64
C SER B 149 -5.89 -9.49 -10.35
N LEU B 150 -5.69 -8.52 -11.24
CA LEU B 150 -4.40 -8.37 -11.95
C LEU B 150 -3.25 -7.97 -11.06
N ILE B 151 -3.48 -6.99 -10.19
CA ILE B 151 -2.45 -6.56 -9.22
C ILE B 151 -2.02 -7.71 -8.28
N SER B 152 -2.98 -8.45 -7.76
CA SER B 152 -2.71 -9.61 -6.94
C SER B 152 -1.91 -10.66 -7.74
N GLU B 153 -2.39 -10.97 -8.94
CA GLU B 153 -1.63 -11.91 -9.78
C GLU B 153 -0.20 -11.45 -10.04
N ALA B 154 0.01 -10.18 -10.46
CA ALA B 154 1.32 -9.59 -10.65
C ALA B 154 2.22 -9.79 -9.43
N TYR B 155 1.69 -9.47 -8.27
CA TYR B 155 2.51 -9.55 -7.07
C TYR B 155 3.00 -10.98 -6.86
N PHE B 156 2.10 -11.97 -7.04
CA PHE B 156 2.47 -13.37 -6.75
C PHE B 156 3.19 -14.07 -7.94
N LYS B 157 3.19 -13.41 -9.10
CA LYS B 157 3.95 -13.84 -10.27
C LYS B 157 5.40 -13.35 -10.26
N PHE B 158 5.60 -12.10 -9.85
CA PHE B 158 6.87 -11.37 -10.03
C PHE B 158 7.57 -10.97 -8.76
N VAL B 159 6.83 -10.85 -7.63
CA VAL B 159 7.46 -10.31 -6.40
C VAL B 159 7.65 -11.43 -5.40
N ASP B 160 6.56 -12.06 -4.97
CA ASP B 160 6.64 -13.17 -4.02
C ASP B 160 6.34 -14.46 -4.68
N ILE B 161 7.37 -15.27 -4.98
CA ILE B 161 7.16 -16.54 -5.68
C ILE B 161 7.30 -17.78 -4.78
N ASP B 162 7.37 -17.53 -3.47
CA ASP B 162 7.58 -18.56 -2.48
C ASP B 162 6.25 -19.24 -2.13
N TRP B 163 5.72 -19.94 -3.11
CA TRP B 163 4.50 -20.72 -2.98
C TRP B 163 4.36 -21.57 -4.25
N ASP B 164 3.39 -22.45 -4.24
CA ASP B 164 3.01 -23.17 -5.45
C ASP B 164 1.52 -23.59 -5.36
N TYR B 165 1.08 -24.34 -6.36
CA TYR B 165 -0.32 -24.72 -6.42
C TYR B 165 -0.60 -26.08 -5.77
N GLU B 166 0.39 -26.67 -5.09
CA GLU B 166 0.20 -28.03 -4.60
C GLU B 166 -0.98 -28.06 -3.63
N ASN B 167 -1.82 -29.08 -3.79
CA ASN B 167 -2.95 -29.30 -2.90
C ASN B 167 -4.07 -28.24 -2.96
N GLN B 168 -4.07 -27.33 -3.93
CA GLN B 168 -5.10 -26.30 -3.98
C GLN B 168 -6.48 -26.88 -4.26
N LEU B 169 -6.58 -27.78 -5.20
CA LEU B 169 -7.87 -28.41 -5.49
C LEU B 169 -8.41 -29.12 -4.23
N GLU B 170 -7.58 -29.95 -3.63
CA GLU B 170 -8.00 -30.83 -2.51
C GLU B 170 -8.30 -30.01 -1.24
N GLN B 171 -7.52 -28.94 -1.00
CA GLN B 171 -7.80 -28.02 0.10
C GLN B 171 -9.19 -27.36 -0.04
N ALA B 172 -9.51 -26.91 -1.24
CA ALA B 172 -10.82 -26.31 -1.51
C ALA B 172 -11.95 -27.34 -1.41
N GLU B 173 -11.76 -28.50 -2.02
CA GLU B 173 -12.71 -29.62 -1.86
C GLU B 173 -13.00 -29.94 -0.37
N LYS B 174 -11.98 -29.92 0.47
CA LYS B 174 -12.13 -30.35 1.86
C LYS B 174 -12.98 -29.32 2.62
N LYS B 175 -12.72 -28.04 2.33
CA LYS B 175 -13.52 -26.96 2.90
C LYS B 175 -14.98 -27.11 2.47
N ALA B 176 -15.23 -27.32 1.16
CA ALA B 176 -16.57 -27.53 0.65
C ALA B 176 -17.22 -28.79 1.29
N GLU B 177 -16.49 -29.90 1.39
CA GLU B 177 -17.01 -31.10 2.11
C GLU B 177 -17.45 -30.75 3.54
N THR B 178 -16.64 -29.98 4.26
CA THR B 178 -16.92 -29.64 5.66
C THR B 178 -18.17 -28.75 5.76
N LEU B 179 -18.25 -27.76 4.89
CA LEU B 179 -19.43 -26.91 4.83
C LEU B 179 -20.70 -27.73 4.60
N PHE B 180 -20.64 -28.60 3.59
CA PHE B 180 -21.77 -29.43 3.22
C PHE B 180 -22.20 -30.39 4.36
N ASP B 181 -21.24 -30.96 5.08
CA ASP B 181 -21.56 -31.82 6.26
C ASP B 181 -22.28 -31.08 7.39
N ASN B 182 -22.03 -29.78 7.50
CA ASN B 182 -22.68 -28.90 8.46
C ASN B 182 -23.92 -28.23 7.88
N GLY B 183 -24.18 -28.56 6.62
CA GLY B 183 -25.41 -28.13 5.91
C GLY B 183 -25.42 -26.64 5.68
N ILE B 184 -24.24 -26.09 5.39
CA ILE B 184 -24.04 -24.66 5.22
C ILE B 184 -24.26 -24.26 3.75
N ARG B 185 -25.15 -23.28 3.53
CA ARG B 185 -25.32 -22.70 2.18
C ARG B 185 -24.30 -21.56 1.92
N PHE B 186 -23.48 -21.71 0.88
CA PHE B 186 -22.40 -20.74 0.62
C PHE B 186 -22.18 -20.48 -0.86
N SER B 187 -21.63 -19.30 -1.13
CA SER B 187 -21.11 -19.00 -2.43
C SER B 187 -19.61 -18.65 -2.32
N GLU B 188 -18.93 -18.86 -3.44
CA GLU B 188 -17.55 -18.44 -3.64
C GLU B 188 -17.53 -16.98 -4.08
N PHE B 189 -16.62 -16.21 -3.51
CA PHE B 189 -16.66 -14.74 -3.60
C PHE B 189 -15.20 -14.15 -3.71
N GLY B 190 -14.25 -14.94 -4.19
CA GLY B 190 -12.85 -14.54 -4.02
C GLY B 190 -12.17 -13.99 -5.25
N THR B 191 -12.92 -13.56 -6.26
CA THR B 191 -12.31 -13.01 -7.46
C THR B 191 -11.25 -11.90 -7.17
N ARG B 192 -11.61 -10.93 -6.36
CA ARG B 192 -10.79 -9.69 -6.26
C ARG B 192 -9.43 -9.95 -5.64
N ARG B 193 -9.37 -10.90 -4.70
CA ARG B 193 -8.06 -11.17 -4.05
C ARG B 193 -7.48 -12.52 -4.43
N ARG B 194 -7.90 -13.07 -5.56
CA ARG B 194 -7.35 -14.34 -5.96
C ARG B 194 -5.84 -14.23 -6.15
N ARG B 195 -5.11 -15.28 -5.81
CA ARG B 195 -3.68 -15.28 -6.11
C ARG B 195 -3.38 -15.20 -7.64
N SER B 196 -4.27 -15.78 -8.44
CA SER B 196 -4.14 -15.85 -9.87
C SER B 196 -5.48 -16.36 -10.41
N LEU B 197 -5.70 -16.18 -11.70
CA LEU B 197 -6.85 -16.75 -12.35
C LEU B 197 -6.84 -18.26 -12.19
N LYS B 198 -5.66 -18.86 -12.40
CA LYS B 198 -5.52 -20.31 -12.25
C LYS B 198 -5.90 -20.80 -10.85
N ALA B 199 -5.53 -20.03 -9.83
CA ALA B 199 -5.87 -20.36 -8.45
C ALA B 199 -7.38 -20.41 -8.29
N GLN B 200 -8.10 -19.43 -8.84
CA GLN B 200 -9.56 -19.51 -8.66
C GLN B 200 -10.15 -20.66 -9.45
N ASP B 201 -9.55 -20.96 -10.59
CA ASP B 201 -10.01 -22.11 -11.35
C ASP B 201 -9.84 -23.44 -10.59
N LEU B 202 -8.68 -23.63 -9.95
CA LEU B 202 -8.44 -24.84 -9.18
C LEU B 202 -9.38 -25.02 -7.98
N ILE B 203 -9.72 -23.93 -7.31
CA ILE B 203 -10.64 -24.03 -6.16
C ILE B 203 -12.08 -24.30 -6.64
N GLN B 205 -12.76 -26.13 -9.32
CA GLN B 205 -12.71 -27.56 -9.55
C GLN B 205 -12.88 -28.36 -8.25
N GLY B 206 -12.23 -27.88 -7.20
CA GLY B 206 -12.27 -28.56 -5.88
C GLY B 206 -13.68 -28.51 -5.29
N ILE B 207 -14.32 -27.36 -5.40
CA ILE B 207 -15.71 -27.19 -4.94
C ILE B 207 -16.64 -28.14 -5.71
N LYS B 209 -15.97 -30.77 -7.28
CA LYS B 209 -15.64 -32.18 -6.93
C LYS B 209 -16.36 -32.59 -5.62
N ALA B 210 -16.30 -31.71 -4.62
CA ALA B 210 -17.09 -31.94 -3.39
C ALA B 210 -18.59 -32.09 -3.66
N VAL B 211 -19.15 -31.17 -4.45
CA VAL B 211 -20.56 -31.21 -4.79
C VAL B 211 -20.94 -32.56 -5.35
N ASN B 212 -20.15 -32.96 -6.35
CA ASN B 212 -20.46 -34.15 -7.11
C ASN B 212 -20.26 -35.44 -6.39
N GLY B 213 -19.62 -35.41 -5.23
CA GLY B 213 -19.49 -36.59 -4.37
C GLY B 213 -20.81 -36.99 -3.73
N ASN B 214 -21.71 -36.03 -3.58
CA ASN B 214 -23.03 -36.28 -3.00
C ASN B 214 -24.00 -35.19 -3.43
N PRO B 215 -24.35 -35.17 -4.73
CA PRO B 215 -25.07 -34.05 -5.32
C PRO B 215 -26.55 -33.92 -4.92
N ASP B 216 -27.20 -35.03 -4.56
CA ASP B 216 -28.54 -34.98 -3.97
C ASP B 216 -28.60 -34.05 -2.75
N ARG B 217 -27.57 -34.10 -1.91
CA ARG B 217 -27.50 -33.25 -0.71
C ARG B 217 -26.81 -31.91 -1.04
N ASN B 218 -25.69 -32.01 -1.74
CA ASN B 218 -24.76 -30.89 -1.84
C ASN B 218 -25.13 -29.83 -2.88
N LYS B 219 -25.90 -30.20 -3.90
CA LYS B 219 -26.12 -29.28 -5.03
C LYS B 219 -26.87 -28.06 -4.57
N SER B 220 -27.81 -28.27 -3.66
CA SER B 220 -28.60 -27.17 -3.15
C SER B 220 -27.85 -26.31 -2.11
N LEU B 221 -26.72 -26.77 -1.59
CA LEU B 221 -25.99 -26.01 -0.57
C LEU B 221 -24.93 -25.11 -1.19
N LEU B 222 -24.48 -25.44 -2.40
CA LEU B 222 -23.62 -24.50 -3.14
C LEU B 222 -24.55 -23.54 -3.87
N LEU B 223 -24.56 -22.30 -3.44
CA LEU B 223 -25.37 -21.27 -4.06
C LEU B 223 -24.85 -20.88 -5.44
N GLY B 224 -23.53 -20.87 -5.58
CA GLY B 224 -22.84 -20.50 -6.80
C GLY B 224 -21.57 -19.75 -6.54
N THR B 225 -21.20 -18.85 -7.47
CA THR B 225 -19.99 -18.05 -7.34
C THR B 225 -20.34 -16.64 -7.79
N SER B 226 -19.70 -15.65 -7.20
CA SER B 226 -19.87 -14.28 -7.72
C SER B 226 -19.25 -14.07 -9.09
N ASN B 227 -18.28 -14.92 -9.47
CA ASN B 227 -17.55 -14.71 -10.70
C ASN B 227 -18.36 -15.23 -11.85
N ILE B 228 -18.81 -14.33 -12.70
CA ILE B 228 -19.75 -14.67 -13.75
C ILE B 228 -19.18 -15.69 -14.73
N LEU B 229 -17.94 -15.46 -15.16
CA LEU B 229 -17.25 -16.34 -16.07
C LEU B 229 -17.19 -17.75 -15.48
N PHE B 230 -16.84 -17.84 -14.20
CA PHE B 230 -16.76 -19.16 -13.54
C PHE B 230 -18.11 -19.80 -13.32
N ALA B 231 -19.14 -19.00 -13.07
CA ALA B 231 -20.48 -19.57 -12.96
C ALA B 231 -20.85 -20.21 -14.29
N LYS B 232 -20.51 -19.51 -15.37
CA LYS B 232 -20.86 -19.92 -16.74
C LYS B 232 -20.09 -21.18 -17.07
N LYS B 233 -18.81 -21.21 -16.67
CA LYS B 233 -17.93 -22.32 -17.03
C LYS B 233 -18.34 -23.62 -16.34
N TYR B 234 -18.64 -23.51 -15.05
CA TYR B 234 -18.95 -24.66 -14.19
C TYR B 234 -20.45 -24.99 -14.05
N GLY B 235 -21.32 -24.22 -14.70
CA GLY B 235 -22.75 -24.55 -14.75
C GLY B 235 -23.50 -24.26 -13.44
N VAL B 236 -23.03 -23.26 -12.69
CA VAL B 236 -23.71 -22.84 -11.45
C VAL B 236 -24.18 -21.38 -11.53
N LYS B 237 -24.91 -20.95 -10.49
CA LYS B 237 -25.55 -19.64 -10.49
C LYS B 237 -24.51 -18.56 -10.16
N PRO B 238 -24.51 -17.46 -10.91
CA PRO B 238 -23.74 -16.29 -10.52
C PRO B 238 -24.48 -15.55 -9.39
N ILE B 239 -23.75 -15.14 -8.35
CA ILE B 239 -24.31 -14.63 -7.10
C ILE B 239 -23.87 -13.17 -6.85
N GLY B 240 -24.81 -12.29 -6.51
CA GLY B 240 -24.48 -10.87 -6.35
C GLY B 240 -25.42 -10.15 -5.42
N THR B 241 -24.89 -9.14 -4.71
CA THR B 241 -25.69 -8.24 -3.87
C THR B 241 -25.37 -6.82 -4.33
N VAL B 242 -26.17 -5.83 -3.95
CA VAL B 242 -25.72 -4.43 -4.08
C VAL B 242 -24.38 -4.24 -3.30
N ALA B 243 -23.52 -3.36 -3.79
CA ALA B 243 -22.28 -3.05 -3.06
C ALA B 243 -22.35 -1.67 -2.38
N HIS B 244 -21.41 -1.44 -1.47
CA HIS B 244 -21.37 -0.18 -0.71
C HIS B 244 -21.31 1.02 -1.63
N GLU B 245 -20.65 0.89 -2.79
CA GLU B 245 -20.48 2.03 -3.70
C GLU B 245 -21.80 2.61 -4.21
N TRP B 246 -22.85 1.80 -4.20
CA TRP B 246 -24.18 2.26 -4.54
C TRP B 246 -24.62 3.37 -3.64
N VAL B 247 -24.75 3.08 -2.35
CA VAL B 247 -25.31 4.08 -1.46
C VAL B 247 -24.31 5.17 -1.20
N GLY B 249 -22.29 6.39 -3.40
CA GLY B 249 -22.53 7.28 -4.53
C GLY B 249 -23.80 8.10 -4.54
N VAL B 250 -24.91 7.45 -4.26
CA VAL B 250 -26.17 8.15 -4.02
C VAL B 250 -26.01 9.26 -3.00
N ALA B 251 -25.30 9.01 -1.90
CA ALA B 251 -25.16 10.03 -0.86
C ALA B 251 -24.29 11.19 -1.35
N SER B 252 -23.21 10.87 -2.04
CA SER B 252 -22.21 11.88 -2.46
C SER B 252 -22.62 12.82 -3.58
N ILE B 253 -23.53 12.37 -4.46
CA ILE B 253 -24.01 13.26 -5.54
C ILE B 253 -24.51 14.61 -4.98
N SER B 254 -25.38 14.58 -3.99
CA SER B 254 -25.96 15.83 -3.42
C SER B 254 -25.66 16.01 -1.94
N GLU B 255 -24.77 15.20 -1.39
CA GLU B 255 -24.46 15.21 0.04
C GLU B 255 -25.72 15.06 0.94
N ASP B 256 -26.76 14.42 0.43
CA ASP B 256 -27.90 14.09 1.25
C ASP B 256 -27.68 12.74 1.90
N TYR B 257 -27.01 12.74 3.03
CA TYR B 257 -26.78 11.52 3.77
C TYR B 257 -28.01 11.07 4.58
N LEU B 258 -28.75 12.02 5.18
CA LEU B 258 -29.90 11.65 6.00
C LEU B 258 -30.95 10.76 5.29
N HIS B 259 -31.13 11.00 4.00
CA HIS B 259 -32.05 10.24 3.18
C HIS B 259 -31.38 9.28 2.22
N ALA B 260 -30.06 9.04 2.34
CA ALA B 260 -29.37 8.22 1.33
C ALA B 260 -29.82 6.77 1.33
N ASN B 261 -29.93 6.18 2.49
CA ASN B 261 -30.31 4.74 2.48
C ASN B 261 -31.64 4.49 1.80
N LYS B 262 -32.65 5.27 2.18
CA LYS B 262 -33.97 5.16 1.55
C LYS B 262 -33.91 5.46 0.05
N ASN B 263 -33.30 6.59 -0.33
CA ASN B 263 -33.11 6.90 -1.78
C ASN B 263 -32.36 5.83 -2.56
N ALA B 264 -31.33 5.24 -1.96
CA ALA B 264 -30.60 4.13 -2.60
C ALA B 264 -31.49 2.91 -2.88
N ASP B 266 -34.69 3.00 -3.12
CA ASP B 266 -35.70 3.43 -4.11
C ASP B 266 -35.20 3.26 -5.52
N CYS B 267 -34.02 3.80 -5.80
CA CYS B 267 -33.42 3.65 -7.13
C CYS B 267 -33.11 2.20 -7.51
N TRP B 268 -32.56 1.42 -6.58
CA TRP B 268 -32.34 0.01 -6.83
C TRP B 268 -33.64 -0.71 -7.24
N ILE B 269 -34.66 -0.59 -6.39
CA ILE B 269 -35.98 -1.21 -6.65
C ILE B 269 -36.60 -0.72 -7.93
N ASN B 270 -36.55 0.59 -8.16
CA ASN B 270 -37.11 1.17 -9.39
C ASN B 270 -36.41 0.69 -10.66
N THR B 271 -35.15 0.28 -10.53
CA THR B 271 -34.34 -0.20 -11.66
C THR B 271 -34.59 -1.70 -11.97
N PHE B 272 -34.62 -2.51 -10.91
CA PHE B 272 -34.70 -3.97 -11.08
C PHE B 272 -36.04 -4.63 -10.74
N GLY B 273 -36.89 -3.93 -10.00
CA GLY B 273 -38.15 -4.46 -9.56
C GLY B 273 -38.03 -4.99 -8.14
N ALA B 274 -39.10 -4.81 -7.36
CA ALA B 274 -39.07 -5.03 -5.92
C ALA B 274 -38.72 -6.47 -5.57
N LYS B 275 -39.23 -7.39 -6.37
CA LYS B 275 -39.01 -8.79 -6.13
C LYS B 275 -37.60 -9.22 -6.53
N ASN B 276 -36.84 -8.32 -7.14
CA ASN B 276 -35.45 -8.61 -7.52
C ASN B 276 -34.45 -7.86 -6.67
N ALA B 277 -34.93 -7.33 -5.56
CA ALA B 277 -34.18 -6.43 -4.70
C ALA B 277 -32.95 -7.11 -4.12
N GLY B 278 -33.12 -8.34 -3.66
CA GLY B 278 -31.99 -9.12 -3.15
C GLY B 278 -31.77 -8.90 -1.67
N LEU B 279 -30.51 -8.88 -1.29
CA LEU B 279 -30.10 -8.64 0.10
C LEU B 279 -29.77 -7.19 0.29
N ALA B 280 -30.21 -6.60 1.40
CA ALA B 280 -29.85 -5.22 1.72
C ALA B 280 -28.51 -5.17 2.42
N LEU B 281 -27.69 -4.25 1.98
CA LEU B 281 -26.45 -4.01 2.65
C LEU B 281 -26.62 -2.85 3.67
N THR B 282 -26.54 -3.14 4.96
CA THR B 282 -27.09 -2.24 5.96
C THR B 282 -26.08 -1.29 6.59
N ASP B 283 -24.77 -1.57 6.47
CA ASP B 283 -23.78 -0.94 7.34
C ASP B 283 -23.07 0.26 6.74
N THR B 284 -23.41 0.62 5.52
CA THR B 284 -22.57 1.64 4.84
C THR B 284 -22.42 2.90 5.70
N PHE B 285 -23.56 3.40 6.20
CA PHE B 285 -23.62 4.52 7.11
C PHE B 285 -24.09 4.08 8.48
N GLY B 286 -23.72 2.86 8.85
CA GLY B 286 -24.15 2.27 10.10
C GLY B 286 -25.52 1.61 9.95
N THR B 287 -25.63 0.38 10.41
CA THR B 287 -26.89 -0.37 10.39
C THR B 287 -28.02 0.35 11.11
N ASP B 288 -27.70 1.01 12.23
CA ASP B 288 -28.68 1.81 12.97
C ASP B 288 -29.40 2.82 12.10
N ASP B 289 -28.66 3.52 11.24
CA ASP B 289 -29.27 4.47 10.35
C ASP B 289 -30.13 3.75 9.31
N PHE B 290 -29.61 2.65 8.77
CA PHE B 290 -30.31 1.92 7.74
C PHE B 290 -31.69 1.49 8.28
N LEU B 291 -31.69 0.96 9.49
CA LEU B 291 -32.89 0.32 10.05
C LEU B 291 -34.00 1.34 10.21
N LYS B 292 -33.64 2.60 10.46
CA LYS B 292 -34.66 3.67 10.61
C LYS B 292 -35.64 3.70 9.41
N SER B 293 -35.18 3.25 8.23
CA SER B 293 -36.05 3.23 7.06
C SER B 293 -36.39 1.82 6.55
N PHE B 294 -35.98 0.79 7.27
CA PHE B 294 -36.16 -0.60 6.83
C PHE B 294 -37.48 -1.10 7.37
N ARG B 295 -38.54 -0.68 6.69
CA ARG B 295 -39.93 -1.03 7.02
C ARG B 295 -40.68 -1.27 5.71
N PRO B 296 -41.88 -1.86 5.76
CA PRO B 296 -42.58 -2.07 4.50
C PRO B 296 -42.76 -0.77 3.71
N PRO B 297 -42.70 -0.84 2.37
CA PRO B 297 -42.55 -2.03 1.55
C PRO B 297 -41.11 -2.62 1.45
N TYR B 298 -40.09 -1.86 1.84
CA TYR B 298 -38.69 -2.28 1.67
C TYR B 298 -38.34 -3.56 2.39
N SER B 299 -38.77 -3.70 3.64
CA SER B 299 -38.38 -4.87 4.44
C SER B 299 -39.08 -6.14 3.94
N ASP B 300 -40.08 -5.98 3.07
CA ASP B 300 -40.80 -7.09 2.44
C ASP B 300 -40.23 -7.42 1.08
N ALA B 301 -39.60 -6.44 0.45
CA ALA B 301 -39.04 -6.63 -0.88
C ALA B 301 -37.71 -7.40 -0.82
N TYR B 302 -36.83 -6.96 0.05
CA TYR B 302 -35.56 -7.61 0.25
C TYR B 302 -35.78 -8.93 0.98
N VAL B 303 -35.04 -9.95 0.56
CA VAL B 303 -35.12 -11.26 1.19
C VAL B 303 -34.26 -11.40 2.44
N GLY B 304 -33.50 -10.36 2.77
CA GLY B 304 -32.61 -10.45 3.88
C GLY B 304 -31.61 -9.34 3.82
N VAL B 305 -30.56 -9.51 4.62
CA VAL B 305 -29.51 -8.52 4.73
C VAL B 305 -28.16 -9.20 4.54
N ARG B 306 -27.18 -8.41 4.12
CA ARG B 306 -25.83 -8.90 4.02
C ARG B 306 -25.00 -8.26 5.11
N GLN B 307 -24.41 -9.11 5.94
CA GLN B 307 -23.60 -8.68 7.05
C GLN B 307 -22.14 -8.58 6.57
N ASP B 308 -21.54 -7.39 6.66
CA ASP B 308 -20.22 -7.16 6.07
C ASP B 308 -19.22 -6.44 7.01
N SER B 309 -19.64 -6.02 8.19
CA SER B 309 -18.71 -5.40 9.15
C SER B 309 -19.20 -5.59 10.57
N GLY B 310 -18.32 -5.28 11.53
CA GLY B 310 -18.64 -5.46 12.93
C GLY B 310 -18.67 -6.90 13.43
N ASP B 311 -19.22 -7.06 14.62
CA ASP B 311 -19.40 -8.36 15.27
C ASP B 311 -20.62 -9.05 14.64
N PRO B 312 -20.41 -10.19 13.94
CA PRO B 312 -21.55 -10.92 13.32
C PRO B 312 -22.60 -11.41 14.30
N VAL B 313 -22.17 -11.86 15.48
CA VAL B 313 -23.14 -12.41 16.44
C VAL B 313 -24.05 -11.30 16.99
N GLU B 314 -23.47 -10.17 17.33
CA GLU B 314 -24.26 -9.03 17.81
C GLU B 314 -25.19 -8.50 16.70
N TYR B 315 -24.66 -8.43 15.49
CA TYR B 315 -25.47 -8.07 14.32
C TYR B 315 -26.69 -8.98 14.11
N THR B 316 -26.46 -10.28 14.25
CA THR B 316 -27.54 -11.26 14.09
C THR B 316 -28.67 -10.98 15.11
N LYS B 317 -28.29 -10.69 16.36
CA LYS B 317 -29.28 -10.37 17.42
C LYS B 317 -30.07 -9.11 17.09
N LYS B 318 -29.36 -8.09 16.60
CA LYS B 318 -29.93 -6.79 16.26
C LYS B 318 -30.92 -6.89 15.12
N ILE B 319 -30.52 -7.57 14.05
CA ILE B 319 -31.37 -7.79 12.88
C ILE B 319 -32.58 -8.73 13.18
N SER B 320 -32.33 -9.77 13.95
CA SER B 320 -33.41 -10.65 14.39
C SER B 320 -34.48 -9.88 15.21
N HIS B 321 -34.03 -9.05 16.15
CA HIS B 321 -34.92 -8.18 16.89
C HIS B 321 -35.77 -7.29 15.97
N HIS B 322 -35.13 -6.69 14.96
CA HIS B 322 -35.82 -5.79 14.05
C HIS B 322 -36.91 -6.55 13.31
N TYR B 323 -36.52 -7.68 12.74
CA TYR B 323 -37.42 -8.42 11.89
C TYR B 323 -38.58 -9.03 12.68
N HIS B 324 -38.26 -9.62 13.81
CA HIS B 324 -39.26 -10.41 14.55
C HIS B 324 -40.08 -9.61 15.58
N ASP B 325 -39.44 -8.62 16.22
CA ASP B 325 -40.06 -7.83 17.27
C ASP B 325 -40.63 -6.52 16.74
N VAL B 326 -39.88 -5.86 15.88
CA VAL B 326 -40.31 -4.56 15.37
C VAL B 326 -41.22 -4.76 14.19
N LEU B 327 -40.77 -5.54 13.21
CA LEU B 327 -41.56 -5.76 12.01
C LEU B 327 -42.56 -6.93 12.11
N LYS B 328 -42.51 -7.72 13.22
CA LYS B 328 -43.40 -8.84 13.45
C LYS B 328 -43.47 -9.85 12.28
N LEU B 329 -42.32 -10.14 11.66
CA LEU B 329 -42.23 -11.17 10.60
C LEU B 329 -41.99 -12.53 11.23
N PRO B 330 -42.32 -13.60 10.49
CA PRO B 330 -42.12 -14.97 10.95
C PRO B 330 -40.66 -15.35 11.24
N LYS B 331 -40.42 -16.22 12.23
CA LYS B 331 -39.11 -16.86 12.37
C LYS B 331 -38.78 -17.65 11.10
N PHE B 332 -37.51 -17.57 10.72
CA PHE B 332 -36.93 -18.24 9.53
C PHE B 332 -37.60 -17.79 8.24
N SER B 333 -37.90 -16.51 8.15
CA SER B 333 -38.46 -15.93 6.92
C SER B 333 -37.44 -15.10 6.18
N LYS B 334 -36.40 -14.65 6.88
CA LYS B 334 -35.39 -13.72 6.26
C LYS B 334 -33.99 -14.31 6.40
N ILE B 335 -33.13 -13.93 5.45
CA ILE B 335 -31.76 -14.39 5.33
C ILE B 335 -30.80 -13.38 5.92
N ILE B 336 -29.80 -13.87 6.65
CA ILE B 336 -28.58 -13.09 6.82
C ILE B 336 -27.45 -13.73 6.02
N CYS B 337 -26.79 -12.95 5.19
CA CYS B 337 -25.63 -13.43 4.42
C CYS B 337 -24.34 -12.91 5.01
N TYR B 338 -23.53 -13.81 5.59
CA TYR B 338 -22.33 -13.40 6.34
C TYR B 338 -21.19 -13.40 5.34
N SER B 339 -20.50 -12.28 5.18
CA SER B 339 -19.58 -12.16 4.05
C SER B 339 -18.25 -11.48 4.34
N ASP B 340 -17.92 -11.30 5.60
CA ASP B 340 -16.76 -10.52 5.97
C ASP B 340 -15.65 -11.45 6.40
N SER B 341 -14.71 -11.73 5.49
CA SER B 341 -13.49 -12.40 5.86
C SER B 341 -13.76 -13.76 6.52
N LEU B 342 -14.57 -14.61 5.90
CA LEU B 342 -14.96 -15.87 6.51
C LEU B 342 -13.96 -16.94 6.25
N ASN B 343 -13.90 -17.89 7.19
CA ASN B 343 -13.39 -19.21 6.92
C ASN B 343 -14.46 -20.23 7.30
N VAL B 344 -14.11 -21.50 7.18
CA VAL B 344 -15.06 -22.56 7.42
C VAL B 344 -15.51 -22.56 8.89
N GLU B 345 -14.55 -22.43 9.79
CA GLU B 345 -14.89 -22.44 11.21
C GLU B 345 -15.84 -21.28 11.60
N LYS B 346 -15.57 -20.09 11.08
CA LYS B 346 -16.41 -18.87 11.31
C LYS B 346 -17.83 -19.04 10.76
N ALA B 347 -17.93 -19.51 9.53
CA ALA B 347 -19.23 -19.92 8.95
C ALA B 347 -20.06 -20.88 9.85
N ILE B 348 -19.44 -21.92 10.42
CA ILE B 348 -20.15 -22.85 11.28
C ILE B 348 -20.63 -22.17 12.56
N THR B 349 -19.78 -21.33 13.14
CA THR B 349 -20.15 -20.58 14.37
C THR B 349 -21.36 -19.67 14.07
N TYR B 350 -21.27 -18.93 12.98
CA TYR B 350 -22.34 -17.98 12.63
C TYR B 350 -23.57 -18.68 12.18
N SER B 351 -23.43 -19.87 11.59
CA SER B 351 -24.62 -20.72 11.28
C SER B 351 -25.42 -21.01 12.55
N HIS B 352 -24.74 -21.42 13.62
CA HIS B 352 -25.41 -21.65 14.87
C HIS B 352 -26.05 -20.39 15.46
N ALA B 353 -25.37 -19.23 15.37
CA ALA B 353 -25.95 -17.96 15.78
C ALA B 353 -27.21 -17.61 15.01
N ALA B 354 -27.20 -17.81 13.70
CA ALA B 354 -28.39 -17.46 12.91
C ALA B 354 -29.56 -18.36 13.33
N LYS B 355 -29.28 -19.64 13.56
CA LYS B 355 -30.34 -20.59 13.89
C LYS B 355 -30.98 -20.23 15.23
N GLU B 356 -30.13 -19.91 16.21
CA GLU B 356 -30.56 -19.48 17.55
C GLU B 356 -31.43 -18.22 17.55
N ASN B 357 -31.24 -17.37 16.54
CA ASN B 357 -31.99 -16.12 16.41
C ASN B 357 -33.05 -16.15 15.32
N GLY B 358 -33.44 -17.35 14.90
CA GLY B 358 -34.53 -17.52 13.96
C GLY B 358 -34.32 -16.92 12.59
N LEU B 360 -32.51 -17.36 8.63
CA LEU B 360 -31.91 -18.14 7.57
C LEU B 360 -30.48 -17.57 7.29
N ALA B 361 -29.49 -18.45 7.12
CA ALA B 361 -28.10 -18.03 6.99
C ALA B 361 -27.56 -18.52 5.68
N THR B 362 -26.85 -17.62 4.99
CA THR B 362 -25.98 -17.97 3.88
C THR B 362 -24.62 -17.31 4.08
N PHE B 363 -23.66 -17.69 3.25
CA PHE B 363 -22.27 -17.30 3.46
C PHE B 363 -21.56 -16.98 2.13
N GLY B 364 -20.76 -15.92 2.14
CA GLY B 364 -19.90 -15.57 1.02
C GLY B 364 -18.46 -15.69 1.49
N ILE B 365 -17.73 -16.63 0.90
CA ILE B 365 -16.37 -16.96 1.31
C ILE B 365 -15.45 -16.57 0.17
N GLY B 366 -14.60 -15.58 0.41
CA GLY B 366 -13.84 -14.98 -0.69
C GLY B 366 -12.41 -15.39 -0.61
N THR B 367 -11.60 -14.52 0.01
CA THR B 367 -10.15 -14.70 0.02
C THR B 367 -9.70 -16.04 0.64
N ASN B 368 -10.46 -16.57 1.61
CA ASN B 368 -10.07 -17.84 2.17
C ASN B 368 -10.12 -18.94 1.11
N PHE B 369 -10.98 -18.83 0.10
CA PHE B 369 -11.00 -19.81 -1.01
C PHE B 369 -9.88 -19.59 -2.01
N THR B 370 -9.73 -18.34 -2.50
CA THR B 370 -8.86 -18.07 -3.69
C THR B 370 -7.44 -17.60 -3.34
N ASN B 371 -7.15 -17.34 -2.06
CA ASN B 371 -5.80 -16.92 -1.65
C ASN B 371 -5.42 -17.48 -0.27
N ASP B 372 -5.45 -18.81 -0.19
CA ASP B 372 -5.07 -19.59 0.96
C ASP B 372 -3.89 -20.52 0.59
N PHE B 373 -2.68 -19.95 0.77
CA PHE B 373 -1.40 -20.53 0.36
C PHE B 373 -0.40 -20.54 1.50
N ARG B 374 0.40 -21.62 1.55
CA ARG B 374 1.55 -21.71 2.44
C ARG B 374 2.80 -21.36 1.67
N LYS B 375 3.83 -20.98 2.41
CA LYS B 375 5.13 -20.81 1.84
C LYS B 375 5.67 -22.18 1.43
N LYS B 376 6.46 -22.18 0.36
CA LYS B 376 7.17 -23.39 -0.05
C LYS B 376 8.42 -23.59 0.84
N SER B 377 9.02 -22.47 1.25
CA SER B 377 10.21 -22.50 2.08
C SER B 377 9.89 -23.03 3.50
N GLU B 378 8.71 -22.64 3.99
CA GLU B 378 8.21 -23.00 5.31
C GLU B 378 6.74 -23.38 5.22
N PRO B 379 6.47 -24.66 4.94
CA PRO B 379 5.09 -25.10 4.71
C PRO B 379 4.11 -24.86 5.86
N GLN B 380 4.61 -24.64 7.08
CA GLN B 380 3.72 -24.27 8.18
C GLN B 380 3.34 -22.79 8.23
N VAL B 381 3.97 -21.96 7.41
CA VAL B 381 3.79 -20.52 7.48
C VAL B 381 2.88 -20.07 6.34
N LYS B 382 1.96 -19.16 6.66
CA LYS B 382 1.05 -18.60 5.68
C LYS B 382 1.80 -17.66 4.74
N SER B 383 1.49 -17.76 3.44
CA SER B 383 1.90 -16.75 2.48
C SER B 383 0.77 -15.71 2.41
N GLU B 384 1.03 -14.57 3.02
CA GLU B 384 0.02 -13.54 3.22
C GLU B 384 -0.49 -12.95 1.90
N PRO B 385 -1.82 -12.84 1.73
CA PRO B 385 -2.37 -12.11 0.59
C PRO B 385 -2.01 -10.62 0.61
N LEU B 386 -2.02 -9.99 -0.55
CA LEU B 386 -1.86 -8.57 -0.65
C LEU B 386 -3.21 -7.90 -0.27
N ASN B 387 -3.19 -7.05 0.72
CA ASN B 387 -4.38 -6.36 1.22
C ASN B 387 -4.57 -5.04 0.47
N ILE B 388 -5.08 -5.16 -0.74
CA ILE B 388 -5.33 -4.00 -1.61
C ILE B 388 -6.82 -3.80 -1.86
N VAL B 389 -7.20 -2.53 -2.06
CA VAL B 389 -8.56 -2.14 -2.42
C VAL B 389 -8.49 -1.07 -3.50
N ILE B 390 -9.60 -1.00 -4.23
CA ILE B 390 -9.87 0.06 -5.20
C ILE B 390 -11.24 0.64 -4.86
N LYS B 391 -11.20 1.74 -4.11
CA LYS B 391 -12.33 2.27 -3.36
C LYS B 391 -12.87 3.52 -4.10
N LEU B 392 -14.17 3.72 -4.05
CA LEU B 392 -14.78 4.93 -4.56
C LEU B 392 -14.33 6.11 -3.69
N LEU B 393 -13.72 7.15 -4.33
CA LEU B 393 -13.08 8.27 -3.63
C LEU B 393 -13.89 9.58 -3.71
N GLU B 394 -14.34 9.88 -4.91
CA GLU B 394 -15.01 11.12 -5.23
C GLU B 394 -16.16 10.85 -6.16
N VAL B 395 -17.20 11.65 -6.03
CA VAL B 395 -18.38 11.59 -6.94
C VAL B 395 -18.77 13.03 -7.19
N ASN B 396 -18.70 13.48 -8.44
CA ASN B 396 -19.03 14.87 -8.78
C ASN B 396 -18.22 15.86 -7.93
N GLY B 397 -16.97 15.51 -7.69
CA GLY B 397 -16.07 16.38 -6.95
C GLY B 397 -16.21 16.27 -5.46
N ASN B 398 -17.25 15.56 -4.98
CA ASN B 398 -17.57 15.45 -3.55
C ASN B 398 -16.89 14.20 -3.00
N HIS B 399 -16.55 14.23 -1.72
CA HIS B 399 -15.94 13.08 -1.06
C HIS B 399 -16.94 11.98 -0.86
N ALA B 400 -16.55 10.76 -1.19
CA ALA B 400 -17.33 9.55 -0.90
C ALA B 400 -16.76 8.90 0.36
N ILE B 401 -17.64 8.48 1.26
CA ILE B 401 -17.20 7.91 2.54
C ILE B 401 -18.02 6.68 2.90
N LYS B 402 -17.53 5.93 3.89
CA LYS B 402 -18.20 4.77 4.47
C LYS B 402 -17.94 4.80 5.96
N ILE B 403 -19.03 4.66 6.75
CA ILE B 403 -18.90 4.64 8.19
C ILE B 403 -18.63 3.21 8.66
N SER B 404 -19.48 2.28 8.17
CA SER B 404 -19.44 0.88 8.55
C SER B 404 -19.98 0.69 9.99
N ASP B 405 -20.05 -0.56 10.42
CA ASP B 405 -20.52 -0.94 11.76
C ASP B 405 -19.44 -1.04 12.79
N ASN B 406 -18.20 -0.79 12.40
CA ASN B 406 -17.27 -0.26 13.40
C ASN B 406 -17.18 1.26 13.17
N LEU B 407 -17.98 2.02 13.93
CA LEU B 407 -18.05 3.48 13.81
C LEU B 407 -16.73 4.24 13.96
N GLY B 408 -15.76 3.63 14.64
CA GLY B 408 -14.39 4.15 14.72
C GLY B 408 -13.45 3.62 13.63
N LYS B 409 -14.01 2.94 12.63
CA LYS B 409 -13.22 2.40 11.51
C LYS B 409 -13.85 2.83 10.17
N ASN B 410 -13.67 4.09 9.84
CA ASN B 410 -14.34 4.67 8.68
C ASN B 410 -13.40 4.74 7.49
N GLY B 412 -12.61 7.30 4.16
CA GLY B 412 -12.79 8.57 3.44
C GLY B 412 -12.32 9.83 4.19
N ASP B 413 -12.58 10.95 3.56
CA ASP B 413 -12.15 12.24 4.04
C ASP B 413 -12.64 12.47 5.49
N PRO B 414 -11.72 12.53 6.47
CA PRO B 414 -12.14 12.65 7.87
C PRO B 414 -13.14 13.75 8.18
N ALA B 415 -12.97 14.92 7.53
CA ALA B 415 -13.91 16.05 7.72
C ALA B 415 -15.33 15.70 7.25
N THR B 416 -15.43 14.94 6.16
CA THR B 416 -16.73 14.56 5.63
C THR B 416 -17.28 13.51 6.59
N VAL B 417 -16.45 12.55 6.98
CA VAL B 417 -16.93 11.51 7.90
C VAL B 417 -17.51 12.13 9.19
N LYS B 418 -16.82 13.14 9.68
CA LYS B 418 -17.23 13.86 10.86
C LYS B 418 -18.59 14.54 10.68
N ARG B 419 -18.81 15.21 9.56
CA ARG B 419 -20.06 15.93 9.37
C ARG B 419 -21.22 14.97 9.15
N VAL B 420 -20.94 13.85 8.53
CA VAL B 420 -21.99 12.85 8.32
C VAL B 420 -22.40 12.18 9.64
N LYS B 421 -21.45 11.83 10.46
CA LYS B 421 -21.77 11.28 11.77
C LYS B 421 -22.61 12.26 12.59
N GLU B 422 -22.37 13.55 12.41
CA GLU B 422 -23.20 14.59 13.01
C GLU B 422 -24.61 14.59 12.40
N GLU B 423 -24.70 14.63 11.08
CA GLU B 423 -26.01 14.71 10.40
C GLU B 423 -26.87 13.51 10.72
N LEU B 424 -26.24 12.34 10.87
CA LEU B 424 -27.00 11.10 11.09
C LEU B 424 -27.18 10.77 12.58
N GLY B 425 -26.62 11.58 13.45
CA GLY B 425 -26.92 11.44 14.87
C GLY B 425 -26.00 10.48 15.60
N TYR B 426 -24.87 10.11 15.01
CA TYR B 426 -23.88 9.23 15.66
C TYR B 426 -23.02 9.99 16.68
N THR B 427 -22.66 11.22 16.34
CA THR B 427 -21.81 12.02 17.20
C THR B 427 -22.36 12.22 18.62
N GLU B 428 -21.48 12.17 19.61
CA GLU B 428 -21.87 12.32 21.02
C GLU B 428 -22.63 13.62 21.25
N ARG B 429 -23.83 13.51 21.83
CA ARG B 429 -24.67 14.65 22.19
C ARG B 429 -25.24 15.45 20.97
N SER B 430 -25.14 14.87 19.76
CA SER B 430 -25.76 15.49 18.57
C SER B 430 -27.32 15.46 18.67
N TRP B 431 -27.87 14.28 19.01
CA TRP B 431 -29.31 14.06 19.14
C TRP B 431 -29.60 13.50 20.55
N HIS C 11 -39.00 37.90 43.43
CA HIS C 11 -37.71 37.13 43.14
C HIS C 11 -37.40 36.95 41.64
N HIS C 12 -36.28 37.53 41.17
CA HIS C 12 -35.75 37.27 39.83
C HIS C 12 -34.70 36.17 39.92
N SER C 14 -31.44 34.16 39.43
CA SER C 14 -30.09 34.55 39.13
C SER C 14 -29.54 33.87 37.89
N GLU C 15 -28.60 34.54 37.24
CA GLU C 15 -27.89 33.93 36.09
C GLU C 15 -27.02 32.78 36.65
N PRO C 16 -27.08 31.56 36.06
CA PRO C 16 -26.20 30.45 36.46
C PRO C 16 -24.74 30.85 36.27
N VAL C 17 -23.94 30.68 37.31
CA VAL C 17 -22.49 30.95 37.24
C VAL C 17 -21.70 29.78 36.62
N ILE C 18 -22.05 28.55 36.97
CA ILE C 18 -21.39 27.38 36.41
C ILE C 18 -22.14 26.99 35.14
N LYS C 19 -21.57 27.31 33.98
CA LYS C 19 -22.25 27.19 32.72
C LYS C 19 -21.93 25.91 31.98
N SER C 20 -21.07 25.08 32.58
CA SER C 20 -20.51 23.94 31.89
C SER C 20 -19.94 22.94 32.87
N LEU C 21 -20.14 21.66 32.56
CA LEU C 21 -19.49 20.59 33.32
C LEU C 21 -17.97 20.58 33.11
N LEU C 22 -17.45 21.38 32.17
CA LEU C 22 -16.00 21.56 32.02
C LEU C 22 -15.42 22.71 32.87
N ASP C 23 -16.30 23.51 33.51
CA ASP C 23 -15.86 24.56 34.43
C ASP C 23 -15.49 23.88 35.76
N THR C 24 -14.39 23.15 35.70
CA THR C 24 -13.94 22.33 36.81
C THR C 24 -12.46 22.03 36.59
N ASP C 25 -11.83 21.42 37.59
CA ASP C 25 -10.46 20.94 37.47
C ASP C 25 -10.43 19.63 36.71
N TYR C 27 -8.61 17.02 37.02
CA TYR C 27 -8.51 15.82 37.89
C TYR C 27 -9.92 15.28 38.32
N LYS C 28 -10.94 16.14 38.31
CA LYS C 28 -12.30 15.66 38.63
C LYS C 28 -12.86 14.79 37.51
N ILE C 29 -12.56 15.13 36.25
CA ILE C 29 -12.97 14.31 35.12
C ILE C 29 -12.22 12.98 35.02
N THR C 30 -10.89 13.01 35.22
CA THR C 30 -10.12 11.75 35.15
C THR C 30 -10.55 10.85 36.36
N HIS C 32 -13.48 10.85 37.77
CA HIS C 32 -14.81 10.38 37.41
C HIS C 32 -14.74 9.13 36.53
N ALA C 33 -13.86 9.18 35.52
CA ALA C 33 -13.61 8.08 34.61
C ALA C 33 -13.07 6.87 35.38
N ALA C 34 -12.15 7.11 36.31
CA ALA C 34 -11.55 6.01 37.06
C ALA C 34 -12.61 5.36 37.98
N VAL C 35 -13.43 6.19 38.62
CA VAL C 35 -14.45 5.66 39.56
C VAL C 35 -15.50 4.90 38.79
N PHE C 36 -15.97 5.50 37.70
CA PHE C 36 -16.91 4.85 36.81
C PHE C 36 -16.45 3.48 36.33
N THR C 37 -15.20 3.43 35.90
CA THR C 37 -14.60 2.21 35.33
C THR C 37 -14.41 1.12 36.41
N ASN C 38 -14.02 1.51 37.63
CA ASN C 38 -13.56 0.50 38.59
C ASN C 38 -14.52 0.32 39.75
N PHE C 39 -15.16 1.41 40.17
CA PHE C 39 -15.96 1.45 41.40
C PHE C 39 -17.35 2.03 41.20
N PRO C 40 -18.12 1.52 40.21
CA PRO C 40 -19.41 2.11 39.92
C PRO C 40 -20.54 1.83 40.94
N ASP C 41 -20.35 0.88 41.85
CA ASP C 41 -21.38 0.54 42.84
C ASP C 41 -21.02 0.96 44.28
N VAL C 42 -20.02 1.81 44.44
CA VAL C 42 -19.57 2.22 45.78
C VAL C 42 -20.33 3.51 46.15
N THR C 43 -20.86 3.59 47.37
CA THR C 43 -21.49 4.80 47.85
C THR C 43 -20.52 5.55 48.81
N VAL C 44 -20.59 6.87 48.75
CA VAL C 44 -19.68 7.77 49.45
C VAL C 44 -20.47 8.97 50.03
N THR C 45 -19.82 9.68 50.95
CA THR C 45 -20.28 10.96 51.43
C THR C 45 -19.08 11.90 51.47
N TYR C 46 -19.27 13.07 50.91
CA TYR C 46 -18.34 14.20 51.01
C TYR C 46 -18.88 15.24 51.96
N LYS C 47 -17.98 15.94 52.64
CA LYS C 47 -18.36 16.96 53.64
C LYS C 47 -17.63 18.31 53.42
N TYR C 48 -18.40 19.39 53.42
CA TYR C 48 -17.87 20.76 53.43
C TYR C 48 -17.32 21.11 54.83
N THR C 49 -16.18 21.78 54.81
CA THR C 49 -15.56 22.36 56.01
C THR C 49 -15.06 23.76 55.71
N ASN C 50 -15.50 24.74 56.48
CA ASN C 50 -14.96 26.07 56.40
C ASN C 50 -13.88 26.21 57.46
N ARG C 51 -12.62 26.17 57.02
CA ARG C 51 -11.54 26.29 57.98
C ARG C 51 -11.33 27.75 58.42
N SER C 52 -11.85 28.72 57.65
CA SER C 52 -11.84 30.12 58.06
C SER C 52 -13.13 30.38 58.86
N SER C 53 -13.17 29.81 60.06
CA SER C 53 -14.41 29.73 60.86
C SER C 53 -14.92 31.11 61.31
N GLN C 54 -14.03 32.10 61.30
CA GLN C 54 -14.40 33.46 61.60
C GLN C 54 -15.26 34.12 60.51
N LEU C 55 -15.25 33.55 59.29
CA LEU C 55 -15.90 34.10 58.15
C LEU C 55 -17.22 33.39 58.01
N THR C 56 -18.29 34.15 57.81
CA THR C 56 -19.66 33.65 57.98
C THR C 56 -20.55 34.16 56.87
N PHE C 57 -21.68 33.50 56.69
CA PHE C 57 -22.59 33.78 55.56
C PHE C 57 -23.81 34.56 55.98
N ASN C 58 -24.47 35.21 55.03
CA ASN C 58 -25.75 35.86 55.26
C ASN C 58 -26.87 35.19 54.48
N LYS C 59 -28.12 35.57 54.74
CA LYS C 59 -29.25 34.92 54.07
C LYS C 59 -29.22 35.11 52.55
N GLU C 60 -28.75 36.26 52.07
CA GLU C 60 -28.73 36.56 50.63
C GLU C 60 -27.82 35.58 49.93
N ALA C 61 -26.66 35.35 50.53
CA ALA C 61 -25.67 34.37 50.02
C ALA C 61 -26.28 32.95 50.01
N ILE C 62 -26.92 32.56 51.10
CA ILE C 62 -27.51 31.23 51.24
C ILE C 62 -28.58 31.00 50.20
N ASN C 63 -29.49 31.96 50.05
CA ASN C 63 -30.55 31.83 49.08
C ASN C 63 -30.02 31.73 47.64
N TRP C 64 -28.99 32.53 47.31
CA TRP C 64 -28.36 32.45 45.99
C TRP C 64 -27.71 31.09 45.79
N LEU C 65 -27.01 30.60 46.81
CA LEU C 65 -26.42 29.26 46.73
C LEU C 65 -27.46 28.15 46.51
N LYS C 66 -28.59 28.18 47.24
CA LYS C 66 -29.65 27.18 47.02
C LYS C 66 -30.03 27.16 45.56
N GLU C 67 -30.15 28.33 44.99
CA GLU C 67 -30.57 28.45 43.59
C GLU C 67 -29.48 27.93 42.63
N GLN C 68 -28.26 28.36 42.85
CA GLN C 68 -27.10 27.97 42.05
C GLN C 68 -26.83 26.45 42.12
N PHE C 69 -26.99 25.87 43.30
CA PHE C 69 -26.87 24.41 43.42
C PHE C 69 -27.91 23.66 42.61
N SER C 70 -29.14 24.17 42.61
CA SER C 70 -30.23 23.58 41.81
C SER C 70 -29.90 23.63 40.33
N TYR C 71 -29.27 24.71 39.88
CA TYR C 71 -28.90 24.87 38.47
C TYR C 71 -27.91 23.82 37.96
N LEU C 72 -27.11 23.26 38.87
CA LEU C 72 -26.21 22.16 38.50
C LEU C 72 -26.93 20.97 37.89
N GLY C 73 -28.19 20.74 38.31
CA GLY C 73 -29.02 19.70 37.74
C GLY C 73 -29.50 19.92 36.31
N ASN C 74 -29.29 21.13 35.78
CA ASN C 74 -29.65 21.50 34.42
C ASN C 74 -28.51 21.29 33.43
N LEU C 75 -27.29 21.10 33.92
CA LEU C 75 -26.12 21.01 33.04
C LEU C 75 -26.08 19.64 32.35
N ARG C 76 -25.62 19.64 31.10
CA ARG C 76 -25.33 18.39 30.40
C ARG C 76 -24.07 18.60 29.57
N PHE C 77 -23.38 17.53 29.18
CA PHE C 77 -22.19 17.74 28.31
C PHE C 77 -22.71 18.07 26.94
N THR C 78 -22.07 19.02 26.24
CA THR C 78 -22.50 19.36 24.91
C THR C 78 -21.66 18.61 23.92
N GLU C 79 -22.11 18.63 22.66
CA GLU C 79 -21.36 18.01 21.59
C GLU C 79 -19.91 18.55 21.53
N GLU C 80 -19.75 19.85 21.65
CA GLU C 80 -18.40 20.43 21.54
C GLU C 80 -17.56 20.09 22.73
N GLU C 81 -18.19 19.98 23.90
CA GLU C 81 -17.46 19.59 25.09
C GLU C 81 -16.92 18.16 25.04
N ILE C 82 -17.71 17.21 24.55
CA ILE C 82 -17.28 15.82 24.47
C ILE C 82 -16.13 15.76 23.46
N GLU C 83 -16.26 16.52 22.38
CA GLU C 83 -15.23 16.61 21.31
C GLU C 83 -13.88 17.05 21.91
N TYR C 84 -13.93 18.11 22.71
CA TYR C 84 -12.76 18.65 23.39
C TYR C 84 -12.11 17.60 24.33
N LEU C 85 -12.91 16.94 25.17
CA LEU C 85 -12.42 15.84 26.01
C LEU C 85 -11.68 14.73 25.22
N LYS C 86 -12.28 14.29 24.13
CA LYS C 86 -11.74 13.20 23.31
C LYS C 86 -10.42 13.66 22.66
N GLN C 87 -10.32 14.94 22.39
CA GLN C 87 -9.13 15.51 21.77
C GLN C 87 -7.98 15.71 22.77
N GLU C 88 -8.27 16.30 23.91
CA GLU C 88 -7.24 16.63 24.93
C GLU C 88 -6.97 15.55 25.96
N ILE C 89 -7.92 14.67 26.16
CA ILE C 89 -7.80 13.58 27.10
C ILE C 89 -8.20 12.29 26.38
N PRO C 90 -7.45 11.93 25.32
CA PRO C 90 -7.81 10.87 24.41
C PRO C 90 -7.79 9.47 25.06
N TYR C 91 -7.08 9.38 26.18
CA TYR C 91 -7.07 8.19 27.03
C TYR C 91 -8.29 7.95 27.95
N LEU C 92 -9.27 8.85 27.99
CA LEU C 92 -10.50 8.52 28.68
C LEU C 92 -11.09 7.28 28.03
N PRO C 93 -11.50 6.28 28.84
CA PRO C 93 -12.12 5.10 28.22
C PRO C 93 -13.38 5.39 27.39
N SER C 94 -13.55 4.67 26.29
CA SER C 94 -14.72 4.86 25.45
C SER C 94 -16.01 4.65 26.20
N ALA C 95 -16.06 3.65 27.09
CA ALA C 95 -17.27 3.40 27.92
C ALA C 95 -17.64 4.58 28.81
N TYR C 96 -16.64 5.27 29.32
CA TYR C 96 -16.84 6.48 30.11
C TYR C 96 -17.47 7.58 29.23
N ILE C 97 -16.90 7.83 28.05
CA ILE C 97 -17.44 8.81 27.10
C ILE C 97 -18.91 8.48 26.71
N LYS C 98 -19.22 7.21 26.47
CA LYS C 98 -20.57 6.81 26.11
C LYS C 98 -21.53 7.14 27.25
N TYR C 99 -21.08 6.82 28.46
CA TYR C 99 -21.81 7.11 29.73
C TYR C 99 -22.14 8.60 29.94
N ILE C 100 -21.14 9.48 29.86
CA ILE C 100 -21.41 10.92 30.04
C ILE C 100 -22.09 11.55 28.82
N SER C 101 -22.09 10.84 27.72
CA SER C 101 -22.75 11.33 26.47
C SER C 101 -24.24 10.93 26.37
N SER C 102 -24.64 9.97 27.19
CA SER C 102 -25.99 9.46 27.18
C SER C 102 -26.97 10.55 27.60
N SER C 103 -28.18 10.55 27.03
CA SER C 103 -29.17 11.50 27.51
C SER C 103 -29.60 11.15 28.95
N ASN C 104 -29.28 9.96 29.45
CA ASN C 104 -29.54 9.63 30.84
C ASN C 104 -28.66 10.39 31.82
N TYR C 105 -27.51 10.91 31.36
CA TYR C 105 -26.47 11.41 32.26
C TYR C 105 -26.86 12.79 32.77
N LYS C 106 -26.85 12.98 34.08
CA LYS C 106 -27.03 14.31 34.67
C LYS C 106 -26.58 14.32 36.12
N LEU C 107 -26.36 15.49 36.70
CA LEU C 107 -26.26 15.59 38.17
C LEU C 107 -27.64 15.66 38.79
N HIS C 108 -27.79 15.14 40.02
CA HIS C 108 -29.06 15.13 40.73
C HIS C 108 -28.92 15.84 42.08
N PRO C 109 -28.74 17.17 42.05
CA PRO C 109 -28.43 17.87 43.33
C PRO C 109 -29.53 17.75 44.38
N GLU C 110 -30.81 17.66 43.98
CA GLU C 110 -31.90 17.49 45.00
C GLU C 110 -31.71 16.24 45.81
N GLU C 111 -31.20 15.21 45.18
CA GLU C 111 -30.98 13.96 45.88
C GLU C 111 -29.61 13.92 46.57
N GLN C 112 -28.58 14.49 45.95
CA GLN C 112 -27.18 14.24 46.39
C GLN C 112 -26.73 15.27 47.40
N ILE C 113 -27.19 16.51 47.24
CA ILE C 113 -26.77 17.62 48.12
C ILE C 113 -27.75 17.83 49.28
N SER C 114 -27.26 17.69 50.50
CA SER C 114 -27.93 18.16 51.67
C SER C 114 -27.25 19.43 52.20
N PHE C 115 -27.95 20.54 52.03
CA PHE C 115 -27.47 21.89 52.33
C PHE C 115 -28.37 22.56 53.37
N THR C 116 -27.80 22.78 54.55
CA THR C 116 -28.51 23.47 55.60
C THR C 116 -27.60 24.61 56.13
N SER C 117 -28.20 25.46 56.94
CA SER C 117 -27.51 26.58 57.56
C SER C 117 -28.01 26.81 58.97
N GLU C 118 -27.18 27.44 59.78
CA GLU C 118 -27.44 27.62 61.19
C GLU C 118 -26.99 29.02 61.56
N GLU C 119 -27.93 29.84 62.03
CA GLU C 119 -27.55 31.16 62.52
C GLU C 119 -26.65 31.01 63.75
N ILE C 120 -25.65 31.87 63.83
CA ILE C 120 -24.61 31.79 64.84
C ILE C 120 -24.93 32.58 66.13
N GLU C 121 -24.92 31.89 67.29
CA GLU C 121 -25.26 32.52 68.56
C GLU C 121 -24.28 33.64 68.82
N GLY C 122 -24.79 34.86 69.01
CA GLY C 122 -23.94 36.03 69.22
C GLY C 122 -23.55 36.80 68.00
N LYS C 123 -23.87 36.29 66.81
CA LYS C 123 -23.58 36.92 65.56
C LYS C 123 -24.88 36.93 64.77
N PRO C 124 -25.89 37.66 65.27
CA PRO C 124 -27.16 37.67 64.56
C PRO C 124 -27.01 38.11 63.13
N THR C 125 -27.74 37.38 62.26
CA THR C 125 -27.76 37.55 60.80
C THR C 125 -26.60 36.86 60.09
N HIS C 126 -25.71 36.24 60.85
CA HIS C 126 -24.57 35.50 60.32
C HIS C 126 -24.82 34.00 60.52
N TYR C 127 -24.41 33.23 59.52
CA TYR C 127 -24.69 31.82 59.44
C TYR C 127 -23.46 30.98 59.07
N LYS C 128 -23.45 29.73 59.54
CA LYS C 128 -22.52 28.72 59.10
C LYS C 128 -23.28 27.74 58.22
N LEU C 129 -22.59 27.29 57.18
CA LEU C 129 -23.15 26.32 56.24
C LEU C 129 -22.81 24.89 56.65
N LYS C 130 -23.74 23.99 56.36
CA LYS C 130 -23.52 22.58 56.51
C LYS C 130 -23.92 21.91 55.20
N ILE C 131 -22.94 21.23 54.59
CA ILE C 131 -23.14 20.60 53.24
C ILE C 131 -22.57 19.21 53.26
N LEU C 132 -23.44 18.25 52.99
CA LEU C 132 -23.05 16.89 52.76
C LEU C 132 -23.47 16.50 51.34
N VAL C 133 -22.60 15.81 50.62
CA VAL C 133 -22.90 15.31 49.27
C VAL C 133 -22.79 13.76 49.33
N SER C 134 -23.87 13.06 49.03
CA SER C 134 -23.91 11.61 49.24
C SER C 134 -24.59 10.92 48.08
N GLY C 135 -24.10 9.75 47.76
CA GLY C 135 -24.67 8.86 46.72
C GLY C 135 -23.56 8.01 46.12
N SER C 136 -23.77 7.43 44.94
CA SER C 136 -22.78 6.62 44.35
C SER C 136 -21.60 7.51 44.09
N TRP C 137 -20.43 6.92 44.21
CA TRP C 137 -19.21 7.71 43.96
C TRP C 137 -19.27 8.39 42.59
N LYS C 138 -19.65 7.64 41.56
CA LYS C 138 -19.67 8.19 40.19
C LYS C 138 -20.70 9.31 40.06
N ASP C 139 -21.71 9.35 40.95
CA ASP C 139 -22.74 10.38 40.91
C ASP C 139 -22.36 11.63 41.70
N THR C 140 -21.41 11.50 42.60
CA THR C 140 -21.02 12.61 43.51
C THR C 140 -19.64 13.28 43.27
N ILE C 141 -18.78 12.62 42.51
CA ILE C 141 -17.39 13.02 42.40
C ILE C 141 -17.23 14.38 41.75
N LEU C 142 -18.16 14.77 40.87
CA LEU C 142 -18.00 16.09 40.19
C LEU C 142 -18.29 17.30 41.06
N TYR C 143 -18.99 17.13 42.16
CA TYR C 143 -19.53 18.31 42.87
C TYR C 143 -18.47 19.18 43.53
N GLU C 144 -17.35 18.57 44.02
CA GLU C 144 -16.40 19.32 44.85
C GLU C 144 -16.01 20.67 44.29
N ILE C 145 -15.56 20.69 43.04
CA ILE C 145 -15.02 21.94 42.53
C ILE C 145 -16.11 23.00 42.27
N PRO C 146 -17.16 22.66 41.49
CA PRO C 146 -18.22 23.69 41.27
C PRO C 146 -18.90 24.12 42.55
N LEU C 147 -19.10 23.24 43.56
CA LEU C 147 -19.63 23.72 44.83
C LEU C 147 -18.68 24.73 45.51
N LEU C 148 -17.40 24.42 45.60
CA LEU C 148 -16.46 25.36 46.21
C LEU C 148 -16.43 26.68 45.44
N SER C 149 -16.36 26.63 44.11
CA SER C 149 -16.23 27.85 43.33
C SER C 149 -17.48 28.72 43.54
N LEU C 150 -18.61 28.04 43.71
CA LEU C 150 -19.89 28.77 43.97
C LEU C 150 -19.90 29.39 45.35
N ILE C 151 -19.54 28.60 46.36
CA ILE C 151 -19.51 29.12 47.70
C ILE C 151 -18.55 30.29 47.85
N SER C 152 -17.35 30.21 47.28
CA SER C 152 -16.43 31.32 47.28
C SER C 152 -17.03 32.56 46.58
N GLU C 153 -17.58 32.34 45.39
CA GLU C 153 -18.19 33.46 44.65
C GLU C 153 -19.31 34.12 45.44
N ALA C 154 -20.16 33.32 46.07
CA ALA C 154 -21.27 33.79 46.91
C ALA C 154 -20.75 34.64 48.10
N TYR C 155 -19.68 34.18 48.74
CA TYR C 155 -19.08 34.92 49.84
C TYR C 155 -18.64 36.35 49.41
N PHE C 156 -17.97 36.44 48.28
CA PHE C 156 -17.42 37.72 47.81
C PHE C 156 -18.42 38.54 46.99
N LYS C 157 -19.58 37.93 46.71
CA LYS C 157 -20.64 38.64 46.00
C LYS C 157 -21.61 39.31 46.96
N PHE C 158 -21.84 38.63 48.07
CA PHE C 158 -22.89 38.98 49.04
C PHE C 158 -22.41 39.36 50.42
N VAL C 159 -21.28 38.81 50.85
CA VAL C 159 -20.82 39.02 52.19
C VAL C 159 -19.72 40.06 52.32
N ASP C 160 -18.57 39.76 51.73
CA ASP C 160 -17.49 40.71 51.65
C ASP C 160 -17.43 41.29 50.27
N ILE C 161 -17.95 42.52 50.11
CA ILE C 161 -17.97 43.16 48.81
C ILE C 161 -16.91 44.29 48.71
N ASP C 162 -16.04 44.40 49.70
CA ASP C 162 -15.07 45.49 49.81
C ASP C 162 -13.81 45.16 49.02
N TRP C 163 -13.97 45.09 47.69
CA TRP C 163 -12.89 44.75 46.78
C TRP C 163 -13.39 45.07 45.38
N ASP C 164 -12.43 45.07 44.45
CA ASP C 164 -12.77 45.24 43.03
C ASP C 164 -11.69 44.57 42.20
N TYR C 165 -11.77 44.70 40.89
CA TYR C 165 -10.84 44.01 39.99
C TYR C 165 -9.64 44.83 39.56
N GLU C 166 -9.47 45.99 40.18
CA GLU C 166 -8.38 46.90 39.78
C GLU C 166 -7.04 46.17 39.95
N ASN C 167 -6.18 46.34 38.95
CA ASN C 167 -4.82 45.73 38.93
C ASN C 167 -4.80 44.19 38.78
N GLN C 168 -5.96 43.51 38.67
CA GLN C 168 -5.96 42.03 38.63
C GLN C 168 -5.20 41.49 37.40
N LEU C 169 -5.47 42.07 36.23
CA LEU C 169 -4.85 41.61 35.00
C LEU C 169 -3.32 41.81 35.09
N GLU C 170 -2.90 43.01 35.49
CA GLU C 170 -1.50 43.35 35.51
C GLU C 170 -0.72 42.58 36.62
N GLN C 171 -1.38 42.35 37.77
CA GLN C 171 -0.80 41.53 38.85
C GLN C 171 -0.52 40.08 38.45
N ALA C 172 -1.46 39.50 37.72
CA ALA C 172 -1.32 38.15 37.17
C ALA C 172 -0.24 38.11 36.10
N GLU C 173 -0.19 39.14 35.26
CA GLU C 173 0.80 39.23 34.20
C GLU C 173 2.21 39.28 34.81
N LYS C 174 2.37 40.07 35.84
CA LYS C 174 3.70 40.29 36.42
C LYS C 174 4.17 39.00 37.11
N LYS C 175 3.25 38.28 37.78
CA LYS C 175 3.55 36.94 38.35
C LYS C 175 4.07 35.96 37.30
N ALA C 176 3.31 35.83 36.23
CA ALA C 176 3.68 34.92 35.12
C ALA C 176 5.00 35.34 34.49
N GLU C 177 5.17 36.63 34.20
CA GLU C 177 6.44 37.08 33.63
C GLU C 177 7.67 36.77 34.52
N THR C 178 7.51 36.95 35.82
CA THR C 178 8.52 36.68 36.79
C THR C 178 8.85 35.18 36.73
N LEU C 179 7.83 34.35 36.70
CA LEU C 179 8.04 32.91 36.62
C LEU C 179 8.82 32.56 35.31
N PHE C 180 8.35 33.10 34.20
CA PHE C 180 9.00 32.88 32.92
C PHE C 180 10.48 33.33 32.89
N ASP C 181 10.74 34.48 33.50
CA ASP C 181 12.10 35.03 33.59
C ASP C 181 13.02 34.08 34.34
N ASN C 182 12.45 33.37 35.31
CA ASN C 182 13.15 32.38 36.11
C ASN C 182 13.10 30.96 35.50
N GLY C 183 12.55 30.82 34.29
CA GLY C 183 12.53 29.54 33.58
C GLY C 183 11.71 28.49 34.32
N ILE C 184 10.69 28.95 35.03
CA ILE C 184 9.84 28.07 35.83
C ILE C 184 8.62 27.57 35.04
N ARG C 185 8.41 26.26 35.13
CA ARG C 185 7.24 25.58 34.55
C ARG C 185 6.11 25.53 35.60
N PHE C 186 4.97 26.07 35.24
CA PHE C 186 3.85 26.11 36.16
C PHE C 186 2.52 25.95 35.42
N SER C 187 1.52 25.56 36.22
CA SER C 187 0.12 25.58 35.75
C SER C 187 -0.73 26.39 36.73
N GLU C 188 -1.80 26.94 36.19
CA GLU C 188 -2.84 27.59 37.02
C GLU C 188 -3.77 26.52 37.59
N PHE C 189 -4.16 26.67 38.88
CA PHE C 189 -4.85 25.64 39.64
C PHE C 189 -5.86 26.24 40.64
N GLY C 190 -6.33 27.45 40.36
CA GLY C 190 -7.11 28.20 41.36
C GLY C 190 -8.62 28.22 41.16
N THR C 191 -9.19 27.28 40.42
CA THR C 191 -10.65 27.27 40.22
C THR C 191 -11.38 27.22 41.54
N ARG C 192 -10.97 26.32 42.46
CA ARG C 192 -11.83 26.03 43.63
C ARG C 192 -11.97 27.22 44.59
N ARG C 193 -10.94 28.03 44.77
CA ARG C 193 -11.12 29.20 45.65
C ARG C 193 -11.01 30.55 44.94
N ARG C 194 -11.34 30.52 43.67
CA ARG C 194 -11.43 31.77 42.87
C ARG C 194 -12.38 32.73 43.57
N ARG C 195 -12.08 34.05 43.46
CA ARG C 195 -12.96 35.04 44.08
C ARG C 195 -14.29 35.08 43.28
N SER C 196 -14.20 34.79 41.99
CA SER C 196 -15.36 34.75 41.11
C SER C 196 -14.90 34.09 39.81
N LEU C 197 -15.84 33.64 38.99
CA LEU C 197 -15.50 33.21 37.63
C LEU C 197 -14.75 34.29 36.86
N LYS C 198 -15.28 35.52 36.95
CA LYS C 198 -14.64 36.69 36.34
C LYS C 198 -13.20 36.86 36.74
N ALA C 199 -12.94 36.71 38.03
CA ALA C 199 -11.57 36.86 38.52
C ALA C 199 -10.61 35.90 37.87
N GLN C 200 -10.99 34.61 37.83
CA GLN C 200 -10.18 33.62 37.18
C GLN C 200 -9.99 33.92 35.69
N ASP C 201 -11.04 34.36 34.97
CA ASP C 201 -10.87 34.74 33.58
C ASP C 201 -9.84 35.87 33.39
N LEU C 202 -9.88 36.86 34.29
CA LEU C 202 -8.95 37.99 34.19
C LEU C 202 -7.50 37.56 34.46
N ILE C 203 -7.27 36.66 35.43
CA ILE C 203 -5.90 36.20 35.64
C ILE C 203 -5.41 35.34 34.46
N GLN C 205 -6.25 35.93 31.38
CA GLN C 205 -5.87 36.99 30.42
C GLN C 205 -4.48 37.53 30.71
N GLY C 206 -4.19 37.70 32.01
CA GLY C 206 -2.89 38.25 32.44
C GLY C 206 -1.78 37.25 32.16
N ILE C 207 -2.02 35.97 32.45
CA ILE C 207 -1.04 34.95 32.11
C ILE C 207 -0.75 34.91 30.60
N LYS C 209 -1.10 37.25 28.46
CA LYS C 209 -0.39 38.48 28.12
C LYS C 209 1.12 38.31 28.31
N ALA C 210 1.48 37.68 29.43
CA ALA C 210 2.87 37.36 29.77
C ALA C 210 3.45 36.36 28.73
N VAL C 211 2.71 35.29 28.45
CA VAL C 211 3.14 34.33 27.45
C VAL C 211 3.48 35.00 26.15
N ASN C 212 2.53 35.83 25.72
CA ASN C 212 2.64 36.46 24.38
C ASN C 212 3.64 37.59 24.23
N GLY C 213 4.19 38.05 25.35
CA GLY C 213 5.42 38.84 25.36
C GLY C 213 6.63 38.12 24.74
N ASN C 214 6.68 36.80 24.81
CA ASN C 214 7.81 36.00 24.27
C ASN C 214 7.40 34.55 24.14
N PRO C 215 6.51 34.27 23.18
CA PRO C 215 5.88 32.99 23.09
C PRO C 215 6.84 31.87 22.80
N ASP C 216 7.88 32.13 22.01
CA ASP C 216 8.91 31.11 21.70
C ASP C 216 9.59 30.54 22.95
N ARG C 217 9.83 31.39 23.94
CA ARG C 217 10.31 30.92 25.24
C ARG C 217 9.21 30.45 26.20
N ASN C 218 8.16 31.27 26.28
CA ASN C 218 7.17 31.16 27.36
C ASN C 218 6.14 30.04 27.15
N LYS C 219 5.78 29.74 25.91
CA LYS C 219 4.77 28.68 25.67
C LYS C 219 5.19 27.35 26.26
N SER C 220 6.48 27.02 26.28
CA SER C 220 6.91 25.76 26.88
C SER C 220 6.97 25.79 28.42
N LEU C 221 6.92 26.98 29.00
CA LEU C 221 6.93 27.16 30.48
C LEU C 221 5.56 27.15 31.09
N LEU C 222 4.58 27.70 30.40
CA LEU C 222 3.20 27.60 30.85
C LEU C 222 2.71 26.18 30.49
N LEU C 223 2.51 25.36 31.51
CA LEU C 223 2.05 24.01 31.31
C LEU C 223 0.58 23.99 30.88
N GLY C 224 -0.22 24.87 31.47
CA GLY C 224 -1.66 24.96 31.15
C GLY C 224 -2.40 25.41 32.39
N THR C 225 -3.68 25.03 32.42
CA THR C 225 -4.53 25.32 33.55
C THR C 225 -5.31 24.02 33.87
N SER C 226 -5.60 23.85 35.14
CA SER C 226 -6.44 22.71 35.59
C SER C 226 -7.86 22.87 35.07
N ASN C 227 -8.25 24.11 34.81
CA ASN C 227 -9.66 24.38 34.47
C ASN C 227 -9.89 24.04 33.03
N ILE C 228 -10.65 23.01 32.79
CA ILE C 228 -10.82 22.52 31.40
C ILE C 228 -11.44 23.57 30.45
N LEU C 229 -12.47 24.26 30.97
CA LEU C 229 -13.17 25.26 30.22
C LEU C 229 -12.21 26.41 29.82
N PHE C 230 -11.37 26.85 30.78
CA PHE C 230 -10.40 27.92 30.50
C PHE C 230 -9.24 27.45 29.62
N ALA C 231 -8.88 26.18 29.72
CA ALA C 231 -7.86 25.60 28.77
C ALA C 231 -8.40 25.67 27.36
N LYS C 232 -9.68 25.32 27.19
CA LYS C 232 -10.35 25.36 25.88
C LYS C 232 -10.43 26.79 25.36
N LYS C 233 -10.83 27.70 26.23
CA LYS C 233 -11.03 29.10 25.84
C LYS C 233 -9.72 29.75 25.39
N TYR C 234 -8.64 29.50 26.15
CA TYR C 234 -7.33 30.17 25.97
C TYR C 234 -6.33 29.36 25.10
N GLY C 235 -6.74 28.19 24.65
CA GLY C 235 -5.94 27.40 23.72
C GLY C 235 -4.70 26.79 24.34
N VAL C 236 -4.81 26.44 25.62
CA VAL C 236 -3.75 25.83 26.35
C VAL C 236 -4.16 24.44 26.85
N LYS C 237 -3.17 23.69 27.35
CA LYS C 237 -3.43 22.32 27.77
C LYS C 237 -4.18 22.24 29.12
N PRO C 238 -5.21 21.37 29.21
CA PRO C 238 -5.85 21.13 30.52
C PRO C 238 -4.88 20.21 31.30
N ILE C 239 -4.66 20.51 32.57
CA ILE C 239 -3.69 19.83 33.41
C ILE C 239 -4.35 19.13 34.58
N GLY C 240 -4.00 17.86 34.80
CA GLY C 240 -4.56 17.17 35.99
C GLY C 240 -3.64 16.10 36.52
N THR C 241 -3.70 15.84 37.81
CA THR C 241 -2.98 14.70 38.42
C THR C 241 -4.03 13.88 39.17
N VAL C 242 -3.69 12.72 39.68
CA VAL C 242 -4.59 12.11 40.69
C VAL C 242 -4.71 12.95 42.02
N ALA C 243 -5.88 12.85 42.69
CA ALA C 243 -6.11 13.53 43.96
C ALA C 243 -6.03 12.49 45.08
N HIS C 244 -5.94 12.95 46.33
CA HIS C 244 -5.96 12.01 47.50
C HIS C 244 -7.20 11.14 47.49
N GLU C 245 -8.35 11.71 47.12
CA GLU C 245 -9.58 10.92 47.24
C GLU C 245 -9.49 9.59 46.53
N TRP C 246 -8.63 9.45 45.51
CA TRP C 246 -8.53 8.16 44.83
C TRP C 246 -7.96 7.07 45.76
N VAL C 247 -6.76 7.28 46.29
CA VAL C 247 -6.22 6.26 47.17
C VAL C 247 -7.05 6.16 48.46
N GLY C 249 -10.34 6.41 48.75
CA GLY C 249 -11.47 5.55 48.42
C GLY C 249 -11.10 4.09 48.28
N VAL C 250 -9.99 3.87 47.58
CA VAL C 250 -9.49 2.55 47.33
C VAL C 250 -9.21 1.87 48.67
N ALA C 251 -8.68 2.62 49.63
CA ALA C 251 -8.36 2.05 50.97
C ALA C 251 -9.60 1.79 51.81
N SER C 252 -10.55 2.73 51.78
CA SER C 252 -11.71 2.69 52.65
C SER C 252 -12.76 1.70 52.16
N ILE C 253 -12.72 1.30 50.88
CA ILE C 253 -13.72 0.38 50.38
C ILE C 253 -13.80 -0.86 51.27
N SER C 254 -12.65 -1.51 51.51
CA SER C 254 -12.56 -2.68 52.38
C SER C 254 -11.63 -2.49 53.60
N GLU C 255 -11.17 -1.26 53.82
CA GLU C 255 -10.16 -0.95 54.83
C GLU C 255 -8.86 -1.74 54.61
N ASP C 256 -8.55 -2.08 53.35
CA ASP C 256 -7.26 -2.68 53.07
C ASP C 256 -6.28 -1.49 52.82
N TYR C 257 -5.78 -0.91 53.91
CA TYR C 257 -4.80 0.19 53.82
C TYR C 257 -3.43 -0.32 53.42
N LEU C 258 -3.10 -1.53 53.83
CA LEU C 258 -1.75 -2.08 53.58
C LEU C 258 -1.45 -2.13 52.06
N HIS C 259 -2.45 -2.47 51.30
CA HIS C 259 -2.28 -2.62 49.86
C HIS C 259 -2.85 -1.45 49.05
N ALA C 260 -3.34 -0.39 49.70
CA ALA C 260 -4.09 0.66 49.00
C ALA C 260 -3.25 1.43 47.97
N ASN C 261 -2.04 1.82 48.32
CA ASN C 261 -1.24 2.61 47.36
C ASN C 261 -0.96 1.80 46.10
N LYS C 262 -0.64 0.54 46.25
CA LYS C 262 -0.36 -0.33 45.10
C LYS C 262 -1.60 -0.64 44.26
N ASN C 263 -2.73 -0.90 44.93
CA ASN C 263 -4.00 -1.19 44.26
C ASN C 263 -4.48 0.05 43.50
N ALA C 264 -4.29 1.23 44.08
CA ALA C 264 -4.69 2.49 43.50
C ALA C 264 -3.90 2.73 42.19
N ASP C 266 -2.33 0.41 40.29
CA ASP C 266 -2.77 -0.65 39.36
C ASP C 266 -4.06 -0.22 38.72
N CYS C 267 -5.04 0.21 39.53
CA CYS C 267 -6.34 0.60 38.91
C CYS C 267 -6.20 1.81 37.99
N TRP C 268 -5.42 2.82 38.40
CA TRP C 268 -5.23 4.03 37.63
C TRP C 268 -4.64 3.68 36.26
N ILE C 269 -3.62 2.84 36.31
CA ILE C 269 -2.88 2.55 35.10
C ILE C 269 -3.70 1.64 34.18
N ASN C 270 -4.47 0.70 34.80
CA ASN C 270 -5.41 -0.17 34.03
C ASN C 270 -6.42 0.64 33.26
N THR C 271 -6.80 1.79 33.84
CA THR C 271 -7.88 2.62 33.29
C THR C 271 -7.38 3.46 32.15
N PHE C 272 -6.21 4.11 32.33
CA PHE C 272 -5.71 5.13 31.41
C PHE C 272 -4.52 4.76 30.55
N GLY C 273 -3.85 3.69 30.92
CA GLY C 273 -2.65 3.27 30.24
C GLY C 273 -1.41 3.82 30.94
N ALA C 274 -0.32 3.02 30.97
CA ALA C 274 0.87 3.43 31.69
C ALA C 274 1.48 4.75 31.21
N LYS C 275 1.48 5.03 29.91
CA LYS C 275 2.00 6.30 29.44
C LYS C 275 1.30 7.54 30.02
N ASN C 276 0.09 7.33 30.53
CA ASN C 276 -0.78 8.39 30.99
C ASN C 276 -0.99 8.46 32.47
N ALA C 277 -0.11 7.78 33.18
CA ALA C 277 -0.16 7.68 34.64
C ALA C 277 -0.04 9.07 35.28
N GLY C 278 0.81 9.90 34.71
CA GLY C 278 0.99 11.23 35.19
C GLY C 278 1.90 11.32 36.41
N LEU C 279 1.48 12.12 37.37
CA LEU C 279 2.28 12.32 38.57
C LEU C 279 1.64 11.57 39.76
N ALA C 280 2.44 10.89 40.57
CA ALA C 280 1.95 10.17 41.75
C ALA C 280 1.83 11.08 42.98
N LEU C 281 0.76 10.89 43.73
CA LEU C 281 0.59 11.65 44.97
C LEU C 281 1.02 10.67 46.03
N THR C 282 2.04 11.02 46.77
CA THR C 282 2.68 10.02 47.64
C THR C 282 2.29 10.10 49.11
N ASP C 283 1.66 11.15 49.58
CA ASP C 283 1.62 11.40 51.03
C ASP C 283 0.34 10.96 51.72
N THR C 284 -0.57 10.32 50.97
CA THR C 284 -1.93 10.13 51.51
C THR C 284 -1.83 9.36 52.79
N PHE C 285 -1.04 8.27 52.77
CA PHE C 285 -0.79 7.46 53.95
C PHE C 285 0.69 7.51 54.39
N GLY C 286 1.25 8.68 54.13
CA GLY C 286 2.66 8.98 54.36
C GLY C 286 3.48 8.51 53.15
N THR C 287 4.48 9.31 52.81
CA THR C 287 5.34 9.00 51.65
C THR C 287 6.11 7.70 51.80
N ASP C 288 6.53 7.35 53.04
CA ASP C 288 7.22 6.10 53.36
C ASP C 288 6.44 4.91 52.84
N ASP C 289 5.14 4.90 53.13
CA ASP C 289 4.28 3.79 52.71
C ASP C 289 4.20 3.70 51.19
N PHE C 290 4.05 4.84 50.54
CA PHE C 290 4.02 4.87 49.13
C PHE C 290 5.31 4.34 48.48
N LEU C 291 6.46 4.74 49.02
CA LEU C 291 7.74 4.43 48.41
C LEU C 291 8.01 2.93 48.47
N LYS C 292 7.44 2.24 49.49
CA LYS C 292 7.53 0.77 49.57
C LYS C 292 7.20 0.06 48.24
N SER C 293 6.20 0.54 47.51
CA SER C 293 5.76 -0.12 46.30
C SER C 293 6.11 0.63 45.02
N PHE C 294 6.87 1.70 45.15
CA PHE C 294 7.16 2.57 44.03
C PHE C 294 8.49 2.10 43.39
N ARG C 295 8.33 1.04 42.60
CA ARG C 295 9.40 0.30 41.96
C ARG C 295 8.84 -0.04 40.57
N PRO C 296 9.69 -0.51 39.65
CA PRO C 296 9.17 -0.87 38.31
C PRO C 296 8.00 -1.89 38.38
N PRO C 297 6.97 -1.71 37.52
CA PRO C 297 6.89 -0.68 36.49
C PRO C 297 6.36 0.70 36.88
N TYR C 298 5.83 0.80 38.09
CA TYR C 298 5.16 2.03 38.53
C TYR C 298 6.07 3.24 38.50
N SER C 299 7.29 3.05 39.01
CA SER C 299 8.26 4.15 39.09
C SER C 299 8.73 4.62 37.77
N ASP C 300 8.59 3.77 36.76
CA ASP C 300 8.83 4.23 35.38
C ASP C 300 7.65 4.86 34.67
N ALA C 301 6.46 4.37 34.95
CA ALA C 301 5.25 4.83 34.28
C ALA C 301 4.87 6.27 34.68
N TYR C 302 4.89 6.57 35.96
CA TYR C 302 4.61 7.92 36.40
C TYR C 302 5.83 8.79 36.05
N VAL C 303 5.61 10.02 35.64
CA VAL C 303 6.72 10.88 35.26
C VAL C 303 7.33 11.71 36.40
N GLY C 304 6.78 11.53 37.60
CA GLY C 304 7.21 12.22 38.78
C GLY C 304 6.14 12.10 39.87
N VAL C 305 6.31 12.94 40.87
CA VAL C 305 5.44 12.93 42.05
C VAL C 305 4.94 14.32 42.30
N ARG C 306 3.82 14.40 43.04
CA ARG C 306 3.26 15.71 43.38
C ARG C 306 3.40 15.87 44.88
N GLN C 307 4.01 17.00 45.27
CA GLN C 307 4.30 17.28 46.66
C GLN C 307 3.18 18.13 47.20
N ASP C 308 2.65 17.74 48.34
CA ASP C 308 1.46 18.38 48.86
C ASP C 308 1.46 18.64 50.38
N SER C 309 2.43 18.10 51.12
CA SER C 309 2.47 18.31 52.58
C SER C 309 3.87 18.18 53.12
N GLY C 310 4.06 18.59 54.36
CA GLY C 310 5.35 18.57 54.94
C GLY C 310 6.29 19.59 54.32
N ASP C 311 7.55 19.45 54.67
CA ASP C 311 8.61 20.40 54.32
C ASP C 311 8.99 20.09 52.87
N PRO C 312 8.77 21.03 51.97
CA PRO C 312 9.06 20.67 50.56
C PRO C 312 10.55 20.33 50.26
N VAL C 313 11.50 20.92 51.02
CA VAL C 313 12.93 20.67 50.78
C VAL C 313 13.29 19.28 51.25
N GLU C 314 12.85 18.92 52.43
CA GLU C 314 13.09 17.58 52.93
C GLU C 314 12.46 16.54 51.99
N TYR C 315 11.25 16.83 51.55
CA TYR C 315 10.56 15.94 50.61
C TYR C 315 11.37 15.74 49.37
N THR C 316 11.91 16.83 48.86
CA THR C 316 12.71 16.80 47.63
C THR C 316 13.92 15.90 47.81
N LYS C 317 14.59 15.98 48.97
CA LYS C 317 15.76 15.19 49.24
C LYS C 317 15.39 13.72 49.33
N LYS C 318 14.26 13.43 49.98
CA LYS C 318 13.78 12.05 50.14
C LYS C 318 13.48 11.37 48.80
N ILE C 319 12.80 12.14 47.97
CA ILE C 319 12.34 11.64 46.67
C ILE C 319 13.53 11.49 45.74
N SER C 320 14.45 12.44 45.79
CA SER C 320 15.66 12.32 44.95
C SER C 320 16.50 11.09 45.33
N HIS C 321 16.62 10.84 46.63
CA HIS C 321 17.34 9.66 47.14
C HIS C 321 16.66 8.38 46.61
N HIS C 322 15.34 8.35 46.65
CA HIS C 322 14.61 7.18 46.12
C HIS C 322 14.90 6.94 44.66
N TYR C 323 14.76 7.98 43.86
CA TYR C 323 14.88 7.82 42.44
C TYR C 323 16.34 7.56 42.01
N HIS C 324 17.30 8.25 42.63
CA HIS C 324 18.66 8.23 42.13
C HIS C 324 19.46 7.10 42.79
N ASP C 325 19.36 7.02 44.10
CA ASP C 325 20.11 6.10 44.89
C ASP C 325 19.52 4.69 44.97
N VAL C 326 18.21 4.60 45.14
CA VAL C 326 17.52 3.30 45.21
C VAL C 326 17.22 2.77 43.82
N LEU C 327 16.59 3.59 42.97
CA LEU C 327 16.10 3.14 41.65
C LEU C 327 17.12 3.29 40.50
N LYS C 328 18.22 4.00 40.77
CA LYS C 328 19.37 4.13 39.88
C LYS C 328 19.03 4.97 38.64
N LEU C 329 18.08 5.87 38.77
CA LEU C 329 17.68 6.77 37.68
C LEU C 329 18.63 8.00 37.68
N PRO C 330 18.93 8.54 36.47
CA PRO C 330 19.79 9.73 36.37
C PRO C 330 19.14 10.94 36.95
N LYS C 331 19.96 11.87 37.37
CA LYS C 331 19.42 13.10 37.88
C LYS C 331 18.71 13.82 36.75
N PHE C 332 17.69 14.59 37.14
CA PHE C 332 16.85 15.38 36.25
C PHE C 332 16.07 14.51 35.29
N SER C 333 15.74 13.32 35.71
CA SER C 333 14.87 12.50 34.88
C SER C 333 13.40 12.47 35.30
N LYS C 334 13.11 12.83 36.55
CA LYS C 334 11.76 12.79 37.07
C LYS C 334 11.41 14.16 37.68
N ILE C 335 10.10 14.43 37.73
CA ILE C 335 9.55 15.70 38.18
C ILE C 335 9.03 15.63 39.61
N ILE C 336 9.22 16.72 40.36
CA ILE C 336 8.38 17.01 41.52
C ILE C 336 7.51 18.24 41.19
N CYS C 337 6.21 18.05 41.35
CA CYS C 337 5.25 19.11 41.20
C CYS C 337 4.84 19.61 42.57
N TYR C 338 5.24 20.84 42.87
CA TYR C 338 4.93 21.47 44.13
C TYR C 338 3.59 22.18 43.96
N SER C 339 2.62 21.82 44.82
CA SER C 339 1.23 22.26 44.59
C SER C 339 0.52 22.76 45.87
N ASP C 340 1.23 22.84 46.98
CA ASP C 340 0.60 23.23 48.27
C ASP C 340 0.76 24.73 48.54
N SER C 341 -0.27 25.54 48.22
CA SER C 341 -0.24 26.95 48.64
C SER C 341 0.92 27.70 48.03
N LEU C 342 1.10 27.52 46.73
CA LEU C 342 2.24 28.15 46.04
C LEU C 342 2.04 29.64 45.76
N ASN C 343 3.15 30.34 45.69
CA ASN C 343 3.24 31.68 45.16
C ASN C 343 4.56 31.81 44.43
N VAL C 344 4.79 32.95 43.80
CA VAL C 344 5.99 33.11 42.99
C VAL C 344 7.27 32.94 43.84
N GLU C 345 7.25 33.54 45.03
CA GLU C 345 8.44 33.48 45.92
C GLU C 345 8.76 32.05 46.25
N LYS C 346 7.73 31.29 46.64
CA LYS C 346 7.96 29.86 46.98
C LYS C 346 8.47 29.08 45.75
N ALA C 347 7.87 29.33 44.57
CA ALA C 347 8.31 28.65 43.36
C ALA C 347 9.81 28.86 43.07
N ILE C 348 10.29 30.09 43.22
CA ILE C 348 11.69 30.41 42.97
C ILE C 348 12.62 29.65 43.94
N THR C 349 12.30 29.74 45.20
CA THR C 349 13.11 29.06 46.22
C THR C 349 13.06 27.51 46.12
N TYR C 350 11.87 26.93 45.93
CA TYR C 350 11.70 25.48 45.72
C TYR C 350 12.38 24.97 44.44
N SER C 351 12.34 25.79 43.38
CA SER C 351 13.12 25.55 42.14
C SER C 351 14.61 25.30 42.42
N HIS C 352 15.21 26.13 43.28
CA HIS C 352 16.61 26.00 43.64
C HIS C 352 16.81 24.67 44.36
N ALA C 353 15.91 24.32 45.25
CA ALA C 353 15.99 23.06 46.01
C ALA C 353 15.93 21.82 45.09
N ALA C 354 15.04 21.89 44.09
CA ALA C 354 14.89 20.79 43.12
C ALA C 354 16.20 20.66 42.38
N LYS C 355 16.71 21.78 41.88
CA LYS C 355 17.97 21.78 41.12
C LYS C 355 19.13 21.22 41.93
N GLU C 356 19.25 21.66 43.16
CA GLU C 356 20.32 21.22 44.01
C GLU C 356 20.28 19.71 44.27
N ASN C 357 19.08 19.14 44.17
CA ASN C 357 18.82 17.73 44.48
C ASN C 357 18.54 16.87 43.25
N GLY C 358 18.87 17.39 42.08
CA GLY C 358 18.79 16.63 40.85
C GLY C 358 17.40 16.23 40.43
N LEU C 360 13.67 17.62 38.38
CA LEU C 360 12.94 18.62 37.61
C LEU C 360 11.80 19.08 38.51
N ALA C 361 11.47 20.38 38.40
CA ALA C 361 10.41 20.99 39.17
C ALA C 361 9.31 21.52 38.30
N THR C 362 8.10 21.36 38.75
CA THR C 362 6.95 22.11 38.16
C THR C 362 6.07 22.57 39.32
N PHE C 363 5.15 23.47 39.04
CA PHE C 363 4.40 24.12 40.11
C PHE C 363 2.94 24.22 39.71
N GLY C 364 2.07 23.98 40.66
CA GLY C 364 0.63 24.23 40.54
C GLY C 364 0.30 25.37 41.43
N ILE C 365 -0.11 26.48 40.83
CA ILE C 365 -0.32 27.72 41.56
C ILE C 365 -1.79 28.06 41.59
N GLY C 366 -2.39 27.94 42.78
CA GLY C 366 -3.84 28.01 42.92
C GLY C 366 -4.46 29.32 43.35
N THR C 367 -4.84 29.34 44.62
CA THR C 367 -5.53 30.47 45.23
C THR C 367 -4.72 31.78 45.09
N ASN C 368 -3.38 31.68 45.03
CA ASN C 368 -2.57 32.90 44.84
C ASN C 368 -2.90 33.58 43.55
N PHE C 369 -3.19 32.79 42.51
CA PHE C 369 -3.59 33.38 41.22
C PHE C 369 -4.99 33.98 41.26
N THR C 370 -5.96 33.23 41.73
CA THR C 370 -7.38 33.58 41.52
C THR C 370 -8.06 34.28 42.74
N ASN C 371 -7.35 34.44 43.86
CA ASN C 371 -7.90 35.08 45.03
C ASN C 371 -6.81 35.84 45.78
N ASP C 372 -6.19 36.76 45.06
CA ASP C 372 -5.16 37.68 45.60
C ASP C 372 -5.66 39.12 45.45
N PHE C 373 -6.34 39.62 46.50
CA PHE C 373 -7.05 40.91 46.43
C PHE C 373 -6.68 41.71 47.70
N ARG C 374 -6.60 43.03 47.52
CA ARG C 374 -6.54 44.00 48.66
C ARG C 374 -7.97 44.46 48.90
N LYS C 375 -8.22 45.04 50.08
CA LYS C 375 -9.50 45.63 50.39
C LYS C 375 -9.66 46.94 49.57
N LYS C 376 -10.82 47.18 48.99
CA LYS C 376 -11.06 48.45 48.30
C LYS C 376 -10.91 49.66 49.23
N SER C 377 -11.53 49.54 50.40
CA SER C 377 -11.54 50.61 51.39
C SER C 377 -10.20 50.81 52.09
N GLU C 378 -9.36 49.78 52.05
CA GLU C 378 -8.06 49.78 52.72
C GLU C 378 -7.04 49.09 51.85
N PRO C 379 -6.55 49.77 50.81
CA PRO C 379 -5.63 49.15 49.84
C PRO C 379 -4.36 48.53 50.36
N GLN C 380 -3.96 48.91 51.57
CA GLN C 380 -2.76 48.41 52.17
C GLN C 380 -2.98 47.01 52.78
N VAL C 381 -4.25 46.62 52.91
CA VAL C 381 -4.68 45.44 53.66
C VAL C 381 -5.18 44.30 52.72
N LYS C 382 -4.69 43.09 52.95
CA LYS C 382 -5.17 41.90 52.23
C LYS C 382 -6.66 41.65 52.52
N SER C 383 -7.42 41.30 51.48
CA SER C 383 -8.79 40.80 51.63
C SER C 383 -8.66 39.27 51.62
N GLU C 384 -8.78 38.66 52.79
CA GLU C 384 -8.41 37.26 52.95
C GLU C 384 -9.40 36.37 52.19
N PRO C 385 -8.89 35.33 51.51
CA PRO C 385 -9.81 34.38 50.90
C PRO C 385 -10.54 33.52 51.91
N LEU C 386 -11.57 32.85 51.44
CA LEU C 386 -12.31 31.91 52.24
C LEU C 386 -11.63 30.54 52.08
N ASN C 387 -11.23 29.96 53.18
CA ASN C 387 -10.49 28.66 53.27
C ASN C 387 -11.48 27.46 53.46
N ILE C 388 -12.09 27.05 52.36
CA ILE C 388 -13.12 26.06 52.34
C ILE C 388 -12.66 24.82 51.55
N VAL C 389 -13.16 23.67 51.97
CA VAL C 389 -12.86 22.40 51.35
C VAL C 389 -14.08 21.55 51.30
N ILE C 390 -14.08 20.61 50.38
CA ILE C 390 -15.10 19.54 50.34
C ILE C 390 -14.34 18.25 50.12
N LYS C 391 -14.41 17.36 51.12
CA LYS C 391 -13.50 16.22 51.23
C LYS C 391 -14.31 14.94 51.49
N LEU C 392 -13.79 13.81 51.03
CA LEU C 392 -14.42 12.52 51.28
C LEU C 392 -14.47 12.29 52.76
N LEU C 393 -15.65 11.91 53.27
CA LEU C 393 -15.87 11.60 54.68
C LEU C 393 -16.04 10.11 54.91
N GLU C 394 -16.80 9.46 54.05
CA GLU C 394 -17.18 8.04 54.27
C GLU C 394 -17.28 7.36 52.92
N VAL C 395 -16.79 6.11 52.85
CA VAL C 395 -16.82 5.29 51.64
C VAL C 395 -17.31 3.89 52.01
N ASN C 396 -18.40 3.46 51.39
CA ASN C 396 -18.94 2.09 51.68
C ASN C 396 -19.18 1.91 53.19
N GLY C 397 -19.53 3.00 53.87
CA GLY C 397 -19.86 2.94 55.31
C GLY C 397 -18.67 2.92 56.24
N ASN C 398 -17.48 3.12 55.68
CA ASN C 398 -16.21 3.16 56.41
C ASN C 398 -15.68 4.57 56.41
N HIS C 399 -14.96 4.91 57.48
CA HIS C 399 -14.30 6.22 57.61
C HIS C 399 -13.26 6.38 56.50
N ALA C 400 -13.31 7.50 55.81
CA ALA C 400 -12.23 7.90 54.94
C ALA C 400 -11.29 8.86 55.65
N ILE C 401 -9.98 8.64 55.47
CA ILE C 401 -8.96 9.41 56.16
C ILE C 401 -7.80 9.73 55.23
N LYS C 402 -7.05 10.74 55.64
CA LYS C 402 -5.82 11.14 54.97
C LYS C 402 -4.80 11.44 56.09
N ILE C 403 -3.59 10.92 55.96
CA ILE C 403 -2.56 11.15 56.97
C ILE C 403 -1.71 12.35 56.57
N SER C 404 -1.16 12.32 55.37
CA SER C 404 -0.19 13.31 54.94
C SER C 404 1.20 13.07 55.58
N ASP C 405 2.16 13.92 55.18
CA ASP C 405 3.49 13.86 55.68
C ASP C 405 3.67 14.74 56.93
N ASN C 406 2.58 15.33 57.36
CA ASN C 406 2.59 16.24 58.52
C ASN C 406 1.38 16.00 59.46
N LEU C 407 1.62 15.95 60.76
CA LEU C 407 0.54 15.89 61.76
C LEU C 407 -0.58 16.88 61.52
N GLY C 408 -0.22 18.14 61.26
CA GLY C 408 -1.21 19.19 61.06
C GLY C 408 -2.22 18.95 59.94
N LYS C 409 -1.89 18.09 58.96
CA LYS C 409 -2.78 17.77 57.83
C LYS C 409 -3.49 16.39 57.91
N ASN C 410 -3.38 15.74 59.07
CA ASN C 410 -4.21 14.55 59.36
C ASN C 410 -5.67 14.92 59.17
N GLY C 412 -9.82 13.27 59.05
CA GLY C 412 -10.76 12.18 59.27
C GLY C 412 -10.74 11.58 60.70
N ASP C 413 -11.55 10.55 60.89
CA ASP C 413 -11.70 9.86 62.18
C ASP C 413 -10.37 9.66 62.91
N PRO C 414 -10.15 10.36 64.06
CA PRO C 414 -8.87 10.19 64.78
C PRO C 414 -8.43 8.75 65.06
N ALA C 415 -9.33 7.95 65.58
CA ALA C 415 -9.00 6.57 65.91
C ALA C 415 -8.53 5.77 64.68
N THR C 416 -9.18 5.99 63.55
CA THR C 416 -8.79 5.34 62.29
C THR C 416 -7.42 5.82 61.81
N VAL C 417 -7.21 7.12 61.84
CA VAL C 417 -5.92 7.70 61.49
C VAL C 417 -4.82 7.07 62.34
N LYS C 418 -5.03 6.99 63.65
CA LYS C 418 -4.02 6.39 64.55
C LYS C 418 -3.83 4.89 64.28
N ARG C 419 -4.92 4.19 63.99
CA ARG C 419 -4.80 2.76 63.70
C ARG C 419 -3.98 2.50 62.45
N VAL C 420 -4.23 3.31 61.44
CA VAL C 420 -3.64 3.13 60.14
C VAL C 420 -2.16 3.50 60.20
N LYS C 421 -1.84 4.58 60.91
CA LYS C 421 -0.46 4.92 61.17
C LYS C 421 0.35 3.72 61.69
N GLU C 422 -0.17 3.09 62.75
CA GLU C 422 0.51 1.95 63.41
C GLU C 422 0.64 0.74 62.49
N GLU C 423 -0.42 0.44 61.76
CA GLU C 423 -0.43 -0.66 60.72
C GLU C 423 0.56 -0.50 59.57
N LEU C 424 0.81 0.75 59.18
CA LEU C 424 1.74 1.06 58.11
C LEU C 424 3.15 1.43 58.61
N GLY C 425 3.35 1.46 59.96
CA GLY C 425 4.66 1.85 60.56
C GLY C 425 5.07 3.28 60.29
N TYR C 426 4.08 4.18 60.29
CA TYR C 426 4.23 5.61 59.95
C TYR C 426 5.09 6.25 61.03
N THR C 427 5.99 7.16 60.64
CA THR C 427 6.94 7.77 61.61
C THR C 427 6.70 9.26 61.64
N GLU C 428 6.46 9.85 62.80
CA GLU C 428 6.25 11.31 62.86
C GLU C 428 7.59 12.03 62.90
N HIS D 12 -19.78 -43.45 -26.57
CA HIS D 12 -18.84 -44.03 -25.58
C HIS D 12 -17.56 -43.19 -25.47
N SER D 14 -13.69 -43.49 -25.04
CA SER D 14 -12.81 -44.53 -25.53
C SER D 14 -12.06 -45.19 -24.38
N GLU D 15 -11.72 -46.47 -24.52
CA GLU D 15 -10.83 -47.13 -23.61
C GLU D 15 -9.39 -46.66 -23.93
N PRO D 16 -8.57 -46.47 -22.89
CA PRO D 16 -7.19 -46.03 -23.11
C PRO D 16 -6.38 -47.01 -23.94
N VAL D 17 -5.70 -46.51 -24.96
CA VAL D 17 -4.81 -47.31 -25.78
C VAL D 17 -3.45 -47.58 -25.10
N ILE D 18 -2.84 -46.54 -24.56
CA ILE D 18 -1.58 -46.66 -23.83
C ILE D 18 -1.85 -47.15 -22.40
N LYS D 19 -1.47 -48.41 -22.10
CA LYS D 19 -1.79 -49.04 -20.82
C LYS D 19 -0.61 -49.00 -19.86
N SER D 20 0.54 -48.49 -20.32
CA SER D 20 1.73 -48.49 -19.50
C SER D 20 2.72 -47.39 -19.90
N LEU D 21 3.46 -46.84 -18.92
CA LEU D 21 4.58 -45.95 -19.24
C LEU D 21 5.77 -46.71 -19.91
N LEU D 22 5.71 -48.03 -19.96
CA LEU D 22 6.67 -48.83 -20.76
C LEU D 22 6.31 -48.91 -22.26
N ASP D 23 5.08 -48.52 -22.63
CA ASP D 23 4.69 -48.44 -24.07
C ASP D 23 5.31 -47.19 -24.70
N THR D 24 6.60 -47.32 -24.91
CA THR D 24 7.46 -46.23 -25.37
C THR D 24 8.81 -46.80 -25.81
N ASP D 25 9.58 -45.97 -26.46
CA ASP D 25 10.88 -46.35 -26.95
C ASP D 25 11.86 -46.26 -25.75
N TYR D 27 14.88 -45.27 -25.49
CA TYR D 27 15.72 -44.08 -25.43
C TYR D 27 15.03 -42.94 -24.65
N LYS D 28 13.68 -42.98 -24.57
CA LYS D 28 12.94 -41.99 -23.82
C LYS D 28 13.19 -42.11 -22.31
N ILE D 29 13.26 -43.34 -21.80
CA ILE D 29 13.56 -43.59 -20.40
C ILE D 29 15.02 -43.23 -20.03
N THR D 30 15.98 -43.60 -20.87
CA THR D 30 17.38 -43.25 -20.60
C THR D 30 17.57 -41.73 -20.72
N HIS D 32 15.25 -39.60 -20.01
CA HIS D 32 14.56 -39.12 -18.83
C HIS D 32 15.54 -39.17 -17.66
N ALA D 33 16.23 -40.30 -17.51
CA ALA D 33 17.21 -40.45 -16.44
C ALA D 33 18.34 -39.42 -16.58
N ALA D 34 18.82 -39.21 -17.81
CA ALA D 34 19.91 -38.26 -18.05
C ALA D 34 19.47 -36.82 -17.71
N VAL D 35 18.29 -36.43 -18.19
CA VAL D 35 17.71 -35.11 -17.90
C VAL D 35 17.44 -34.91 -16.39
N PHE D 36 16.82 -35.90 -15.74
CA PHE D 36 16.59 -35.82 -14.29
C PHE D 36 17.91 -35.59 -13.54
N THR D 37 18.93 -36.34 -13.93
CA THR D 37 20.23 -36.36 -13.22
C THR D 37 20.99 -35.04 -13.41
N ASN D 38 21.01 -34.52 -14.64
CA ASN D 38 21.87 -33.37 -15.01
C ASN D 38 21.16 -32.04 -15.15
N PHE D 39 19.90 -32.09 -15.57
CA PHE D 39 19.12 -30.89 -15.90
C PHE D 39 17.71 -30.92 -15.34
N PRO D 40 17.59 -31.17 -14.02
CA PRO D 40 16.27 -31.27 -13.38
C PRO D 40 15.47 -29.95 -13.35
N ASP D 41 16.14 -28.81 -13.46
CA ASP D 41 15.44 -27.52 -13.35
C ASP D 41 15.21 -26.78 -14.68
N VAL D 42 15.63 -27.37 -15.81
CA VAL D 42 15.58 -26.66 -17.08
C VAL D 42 14.19 -26.80 -17.66
N THR D 43 13.66 -25.73 -18.26
CA THR D 43 12.35 -25.77 -18.90
C THR D 43 12.47 -25.72 -20.43
N VAL D 44 11.55 -26.43 -21.08
CA VAL D 44 11.63 -26.69 -22.51
C VAL D 44 10.25 -26.63 -23.15
N THR D 45 10.21 -26.46 -24.47
CA THR D 45 8.98 -26.70 -25.23
C THR D 45 9.28 -27.64 -26.37
N TYR D 46 8.46 -28.67 -26.51
CA TYR D 46 8.43 -29.50 -27.69
C TYR D 46 7.24 -29.14 -28.56
N LYS D 47 7.41 -29.34 -29.87
CA LYS D 47 6.37 -28.95 -30.83
C LYS D 47 6.08 -30.06 -31.83
N TYR D 48 4.80 -30.31 -32.03
CA TYR D 48 4.31 -31.19 -33.08
C TYR D 48 4.38 -30.53 -34.48
N THR D 49 4.86 -31.30 -35.46
CA THR D 49 4.85 -30.92 -36.87
C THR D 49 4.42 -32.09 -37.74
N ASN D 50 3.39 -31.82 -38.54
CA ASN D 50 2.90 -32.80 -39.50
C ASN D 50 3.53 -32.43 -40.85
N ARG D 51 4.50 -33.21 -41.27
CA ARG D 51 5.23 -32.95 -42.51
C ARG D 51 4.39 -33.36 -43.71
N SER D 52 3.55 -34.37 -43.52
CA SER D 52 2.55 -34.81 -44.53
C SER D 52 1.30 -33.92 -44.41
N SER D 53 1.49 -32.67 -44.74
CA SER D 53 0.54 -31.63 -44.39
C SER D 53 -0.72 -31.65 -45.28
N GLN D 54 -0.70 -32.49 -46.30
CA GLN D 54 -1.87 -32.74 -47.13
C GLN D 54 -2.87 -33.69 -46.39
N LEU D 55 -2.37 -34.41 -45.37
CA LEU D 55 -3.17 -35.31 -44.52
C LEU D 55 -3.72 -34.53 -43.33
N THR D 56 -5.04 -34.65 -43.10
CA THR D 56 -5.79 -33.77 -42.19
C THR D 56 -6.71 -34.56 -41.27
N PHE D 57 -7.13 -33.94 -40.16
CA PHE D 57 -7.90 -34.61 -39.11
C PHE D 57 -9.37 -34.20 -39.14
N ASN D 58 -10.21 -34.98 -38.46
CA ASN D 58 -11.60 -34.61 -38.33
C ASN D 58 -12.00 -34.47 -36.87
N LYS D 59 -13.24 -34.04 -36.64
CA LYS D 59 -13.72 -33.81 -35.27
C LYS D 59 -13.64 -35.07 -34.40
N GLU D 60 -14.01 -36.22 -34.96
CA GLU D 60 -13.98 -37.49 -34.23
C GLU D 60 -12.57 -37.84 -33.76
N ALA D 61 -11.62 -37.72 -34.68
CA ALA D 61 -10.22 -37.98 -34.37
C ALA D 61 -9.73 -37.06 -33.26
N ILE D 62 -10.06 -35.78 -33.33
CA ILE D 62 -9.63 -34.78 -32.35
C ILE D 62 -10.20 -35.05 -30.96
N ASN D 63 -11.49 -35.35 -30.91
CA ASN D 63 -12.15 -35.68 -29.67
C ASN D 63 -11.53 -36.91 -28.98
N TRP D 64 -11.20 -37.92 -29.77
CA TRP D 64 -10.58 -39.14 -29.26
C TRP D 64 -9.19 -38.86 -28.73
N LEU D 65 -8.46 -38.00 -29.44
CA LEU D 65 -7.12 -37.57 -29.02
C LEU D 65 -7.21 -36.87 -27.67
N LYS D 66 -8.18 -35.96 -27.53
CA LYS D 66 -8.34 -35.23 -26.27
C LYS D 66 -8.52 -36.23 -25.11
N GLU D 67 -9.36 -37.24 -25.33
CA GLU D 67 -9.57 -38.33 -24.36
C GLU D 67 -8.26 -39.03 -24.05
N GLN D 68 -7.62 -39.54 -25.10
CA GLN D 68 -6.42 -40.38 -24.93
C GLN D 68 -5.29 -39.62 -24.25
N PHE D 69 -5.11 -38.36 -24.63
CA PHE D 69 -4.08 -37.53 -24.01
C PHE D 69 -4.35 -37.38 -22.53
N SER D 70 -5.60 -37.10 -22.17
CA SER D 70 -5.95 -37.00 -20.76
C SER D 70 -5.70 -38.29 -19.99
N TYR D 71 -5.92 -39.44 -20.61
CA TYR D 71 -5.71 -40.72 -19.94
C TYR D 71 -4.26 -41.00 -19.53
N LEU D 72 -3.32 -40.36 -20.21
CA LEU D 72 -1.89 -40.50 -19.90
C LEU D 72 -1.63 -40.09 -18.46
N GLY D 73 -2.47 -39.21 -17.91
CA GLY D 73 -2.33 -38.74 -16.54
C GLY D 73 -2.71 -39.76 -15.46
N ASN D 74 -3.42 -40.81 -15.86
CA ASN D 74 -3.82 -41.91 -14.97
C ASN D 74 -2.82 -43.07 -14.88
N LEU D 75 -1.78 -43.02 -15.72
CA LEU D 75 -0.75 -44.05 -15.71
C LEU D 75 0.20 -43.86 -14.55
N ARG D 76 0.66 -45.01 -14.05
CA ARG D 76 1.61 -45.11 -12.97
C ARG D 76 2.53 -46.32 -13.29
N PHE D 77 3.80 -46.13 -12.99
CA PHE D 77 4.78 -47.22 -13.01
C PHE D 77 4.35 -48.19 -11.92
N THR D 78 4.32 -49.46 -12.24
CA THR D 78 4.04 -50.53 -11.30
C THR D 78 5.36 -51.06 -10.75
N GLU D 79 5.30 -51.78 -9.63
CA GLU D 79 6.50 -52.41 -9.06
C GLU D 79 7.12 -53.37 -10.08
N GLU D 80 6.30 -54.17 -10.76
CA GLU D 80 6.75 -55.08 -11.79
C GLU D 80 7.49 -54.40 -12.96
N GLU D 81 6.94 -53.27 -13.45
CA GLU D 81 7.61 -52.46 -14.46
C GLU D 81 8.96 -51.88 -13.99
N ILE D 82 8.98 -51.36 -12.77
CA ILE D 82 10.21 -50.81 -12.22
C ILE D 82 11.27 -51.90 -12.13
N GLU D 83 10.89 -53.11 -11.72
CA GLU D 83 11.86 -54.20 -11.60
C GLU D 83 12.38 -54.63 -12.95
N TYR D 84 11.51 -54.57 -13.94
CA TYR D 84 11.97 -54.82 -15.32
C TYR D 84 13.02 -53.81 -15.82
N LEU D 85 12.78 -52.52 -15.54
CA LEU D 85 13.74 -51.50 -15.86
C LEU D 85 15.06 -51.73 -15.17
N LYS D 86 15.02 -52.06 -13.89
CA LYS D 86 16.26 -52.36 -13.13
C LYS D 86 17.00 -53.58 -13.68
N GLN D 87 16.26 -54.58 -14.13
CA GLN D 87 16.86 -55.81 -14.65
C GLN D 87 17.48 -55.56 -16.02
N GLU D 88 16.74 -54.89 -16.90
CA GLU D 88 17.16 -54.75 -18.28
C GLU D 88 18.03 -53.51 -18.53
N ILE D 89 17.93 -52.52 -17.65
CA ILE D 89 18.68 -51.27 -17.79
C ILE D 89 19.34 -50.99 -16.44
N PRO D 90 20.27 -51.87 -16.02
CA PRO D 90 20.79 -51.79 -14.67
C PRO D 90 21.66 -50.58 -14.32
N TYR D 91 22.11 -49.87 -15.34
CA TYR D 91 22.92 -48.66 -15.19
C TYR D 91 22.09 -47.38 -15.04
N LEU D 92 20.76 -47.48 -15.03
CA LEU D 92 19.94 -46.33 -14.65
C LEU D 92 20.30 -45.97 -13.22
N PRO D 93 20.56 -44.67 -12.96
CA PRO D 93 20.93 -44.24 -11.62
C PRO D 93 19.89 -44.54 -10.55
N SER D 94 20.32 -44.99 -9.38
CA SER D 94 19.38 -45.31 -8.30
C SER D 94 18.45 -44.15 -7.95
N ALA D 95 18.97 -42.92 -8.01
CA ALA D 95 18.18 -41.72 -7.70
C ALA D 95 17.03 -41.52 -8.68
N TYR D 96 17.28 -41.87 -9.94
CA TYR D 96 16.24 -41.85 -10.97
C TYR D 96 15.14 -42.87 -10.65
N ILE D 97 15.56 -44.09 -10.30
CA ILE D 97 14.62 -45.15 -9.96
C ILE D 97 13.75 -44.76 -8.75
N LYS D 98 14.36 -44.14 -7.74
CA LYS D 98 13.62 -43.62 -6.58
C LYS D 98 12.54 -42.64 -7.01
N TYR D 99 12.91 -41.75 -7.92
CA TYR D 99 12.06 -40.66 -8.41
C TYR D 99 10.85 -41.19 -9.17
N ILE D 100 11.07 -42.10 -10.12
CA ILE D 100 9.91 -42.70 -10.84
C ILE D 100 9.14 -43.77 -10.02
N SER D 101 9.74 -44.20 -8.90
CA SER D 101 9.08 -45.09 -7.96
C SER D 101 8.23 -44.33 -6.94
N SER D 102 8.41 -43.01 -6.87
CA SER D 102 7.68 -42.24 -5.89
C SER D 102 6.18 -42.25 -6.17
N SER D 103 5.39 -42.17 -5.10
CA SER D 103 3.94 -42.05 -5.26
C SER D 103 3.54 -40.70 -5.85
N ASN D 104 4.44 -39.72 -5.79
CA ASN D 104 4.25 -38.42 -6.43
C ASN D 104 4.37 -38.50 -7.95
N TYR D 105 5.13 -39.47 -8.46
CA TYR D 105 5.44 -39.49 -9.90
C TYR D 105 4.22 -39.78 -10.80
N LYS D 106 3.97 -38.86 -11.74
CA LYS D 106 2.95 -39.06 -12.79
C LYS D 106 3.18 -38.04 -13.90
N LEU D 107 2.51 -38.31 -15.03
CA LEU D 107 2.34 -37.30 -16.03
C LEU D 107 1.16 -36.38 -15.65
N HIS D 108 1.35 -35.11 -16.02
CA HIS D 108 0.37 -34.04 -15.81
C HIS D 108 -0.04 -33.45 -17.17
N PRO D 109 -0.73 -34.22 -18.01
CA PRO D 109 -1.05 -33.74 -19.35
C PRO D 109 -1.80 -32.42 -19.39
N GLU D 110 -2.69 -32.21 -18.39
CA GLU D 110 -3.45 -30.97 -18.28
C GLU D 110 -2.55 -29.76 -18.12
N GLU D 111 -1.37 -29.97 -17.57
CA GLU D 111 -0.41 -28.90 -17.39
C GLU D 111 0.57 -28.82 -18.58
N GLN D 112 1.06 -29.95 -19.06
CA GLN D 112 2.16 -29.94 -20.02
C GLN D 112 1.70 -29.84 -21.49
N ILE D 113 0.55 -30.43 -21.79
CA ILE D 113 0.06 -30.46 -23.20
C ILE D 113 -0.87 -29.28 -23.47
N SER D 114 -0.51 -28.50 -24.48
CA SER D 114 -1.41 -27.55 -25.06
C SER D 114 -1.81 -28.03 -26.46
N PHE D 115 -3.05 -28.50 -26.57
CA PHE D 115 -3.53 -29.15 -27.78
C PHE D 115 -4.72 -28.39 -28.31
N THR D 116 -4.57 -27.82 -29.50
CA THR D 116 -5.65 -27.10 -30.16
C THR D 116 -5.72 -27.58 -31.60
N SER D 117 -6.70 -27.09 -32.35
CA SER D 117 -6.86 -27.48 -33.72
C SER D 117 -7.42 -26.31 -34.48
N GLU D 118 -7.20 -26.28 -35.79
CA GLU D 118 -7.68 -25.17 -36.60
C GLU D 118 -8.25 -25.74 -37.88
N GLU D 119 -9.47 -25.32 -38.25
CA GLU D 119 -10.07 -25.74 -39.51
C GLU D 119 -9.26 -25.18 -40.67
N ILE D 120 -9.08 -25.99 -41.72
CA ILE D 120 -8.12 -25.67 -42.76
C ILE D 120 -8.83 -24.85 -43.82
N GLU D 121 -8.23 -23.71 -44.17
CA GLU D 121 -8.84 -22.81 -45.14
C GLU D 121 -8.85 -23.56 -46.46
N GLY D 122 -10.04 -23.68 -47.04
CA GLY D 122 -10.22 -24.39 -48.30
C GLY D 122 -10.56 -25.87 -48.20
N LYS D 123 -10.57 -26.37 -46.98
CA LYS D 123 -10.91 -27.77 -46.68
C LYS D 123 -11.87 -27.79 -45.49
N PRO D 124 -13.09 -27.21 -45.66
CA PRO D 124 -14.07 -27.22 -44.56
C PRO D 124 -14.27 -28.61 -43.98
N THR D 125 -14.36 -28.69 -42.64
CA THR D 125 -14.52 -29.90 -41.88
C THR D 125 -13.21 -30.71 -41.72
N HIS D 126 -12.11 -30.18 -42.24
CA HIS D 126 -10.78 -30.79 -42.02
C HIS D 126 -9.95 -29.84 -41.18
N TYR D 127 -9.22 -30.44 -40.26
CA TYR D 127 -8.41 -29.74 -39.27
C TYR D 127 -6.94 -30.14 -39.28
N LYS D 128 -6.11 -29.13 -38.95
CA LYS D 128 -4.73 -29.35 -38.55
C LYS D 128 -4.60 -29.24 -37.02
N LEU D 129 -3.73 -30.06 -36.46
CA LEU D 129 -3.49 -30.05 -35.02
C LEU D 129 -2.32 -29.13 -34.67
N LYS D 130 -2.41 -28.55 -33.50
CA LYS D 130 -1.36 -27.71 -32.91
C LYS D 130 -1.12 -28.26 -31.52
N ILE D 131 0.09 -28.76 -31.30
CA ILE D 131 0.44 -29.39 -30.03
C ILE D 131 1.80 -28.87 -29.58
N LEU D 132 1.79 -28.25 -28.41
CA LEU D 132 3.00 -27.83 -27.71
C LEU D 132 3.06 -28.55 -26.40
N VAL D 133 4.22 -29.09 -26.04
CA VAL D 133 4.43 -29.74 -24.76
C VAL D 133 5.52 -28.95 -24.06
N SER D 134 5.18 -28.43 -22.88
CA SER D 134 6.03 -27.47 -22.17
C SER D 134 6.09 -27.72 -20.67
N GLY D 135 7.25 -27.40 -20.13
CA GLY D 135 7.49 -27.49 -18.70
C GLY D 135 8.93 -27.84 -18.41
N SER D 136 9.17 -28.35 -17.21
CA SER D 136 10.45 -28.94 -16.85
C SER D 136 10.79 -29.98 -17.89
N TRP D 137 12.06 -30.05 -18.28
CA TRP D 137 12.48 -31.06 -19.22
C TRP D 137 12.12 -32.48 -18.71
N LYS D 138 12.41 -32.75 -17.46
CA LYS D 138 12.06 -34.04 -16.84
C LYS D 138 10.56 -34.37 -16.82
N ASP D 139 9.70 -33.35 -16.82
CA ASP D 139 8.26 -33.55 -16.92
C ASP D 139 7.69 -33.68 -18.33
N THR D 140 8.47 -33.31 -19.35
CA THR D 140 7.98 -33.27 -20.73
C THR D 140 8.57 -34.39 -21.61
N ILE D 141 9.66 -34.99 -21.16
CA ILE D 141 10.47 -35.82 -22.07
C ILE D 141 9.76 -37.11 -22.58
N LEU D 142 8.93 -37.70 -21.73
CA LEU D 142 8.23 -38.95 -22.07
C LEU D 142 7.09 -38.81 -23.05
N TYR D 143 6.61 -37.59 -23.30
CA TYR D 143 5.41 -37.44 -24.10
C TYR D 143 5.57 -37.81 -25.56
N GLU D 144 6.74 -37.55 -26.14
CA GLU D 144 6.90 -37.66 -27.64
C GLU D 144 6.37 -38.97 -28.22
N ILE D 145 6.78 -40.12 -27.67
CA ILE D 145 6.42 -41.40 -28.31
C ILE D 145 4.94 -41.73 -28.16
N PRO D 146 4.41 -41.73 -26.91
CA PRO D 146 2.97 -41.95 -26.81
C PRO D 146 2.11 -41.00 -27.61
N LEU D 147 2.45 -39.72 -27.63
CA LEU D 147 1.62 -38.76 -28.37
C LEU D 147 1.67 -39.09 -29.83
N LEU D 148 2.87 -39.33 -30.36
CA LEU D 148 2.95 -39.71 -31.79
C LEU D 148 2.19 -41.01 -32.10
N SER D 149 2.35 -42.05 -31.28
CA SER D 149 1.67 -43.31 -31.57
CA SER D 149 1.66 -43.31 -31.49
C SER D 149 0.13 -43.14 -31.51
N LEU D 150 -0.34 -42.29 -30.62
CA LEU D 150 -1.77 -41.96 -30.49
C LEU D 150 -2.31 -41.17 -31.67
N ILE D 151 -1.56 -40.16 -32.11
CA ILE D 151 -1.97 -39.39 -33.26
C ILE D 151 -2.04 -40.26 -34.54
N SER D 152 -1.04 -41.07 -34.74
CA SER D 152 -1.02 -42.05 -35.86
C SER D 152 -2.23 -43.01 -35.76
N GLU D 153 -2.43 -43.60 -34.59
CA GLU D 153 -3.58 -44.51 -34.41
C GLU D 153 -4.94 -43.78 -34.68
N ALA D 154 -5.08 -42.57 -34.17
CA ALA D 154 -6.32 -41.76 -34.44
C ALA D 154 -6.55 -41.56 -35.96
N TYR D 155 -5.48 -41.20 -36.67
CA TYR D 155 -5.59 -40.92 -38.09
C TYR D 155 -6.09 -42.18 -38.81
N PHE D 156 -5.55 -43.33 -38.46
CA PHE D 156 -5.96 -44.55 -39.18
C PHE D 156 -7.23 -45.21 -38.62
N LYS D 157 -7.73 -44.73 -37.47
CA LYS D 157 -8.99 -45.18 -36.91
C LYS D 157 -10.18 -44.35 -37.44
N PHE D 158 -9.95 -43.04 -37.59
CA PHE D 158 -11.04 -42.09 -37.90
C PHE D 158 -10.95 -41.41 -39.28
N VAL D 159 -9.74 -41.27 -39.83
CA VAL D 159 -9.57 -40.54 -41.07
C VAL D 159 -9.42 -41.48 -42.25
N ASP D 160 -8.31 -42.23 -42.29
CA ASP D 160 -8.08 -43.17 -43.40
C ASP D 160 -8.36 -44.57 -42.88
N ILE D 161 -9.51 -45.12 -43.23
CA ILE D 161 -9.88 -46.46 -42.76
C ILE D 161 -9.82 -47.47 -43.93
N ASP D 162 -9.24 -47.05 -45.06
CA ASP D 162 -9.14 -47.87 -46.28
C ASP D 162 -7.94 -48.81 -46.19
N TRP D 163 -8.05 -49.76 -45.28
CA TRP D 163 -6.97 -50.71 -44.95
C TRP D 163 -7.50 -51.76 -43.99
N ASP D 164 -6.75 -52.85 -43.83
CA ASP D 164 -7.01 -53.86 -42.82
C ASP D 164 -5.72 -54.56 -42.37
N TYR D 165 -5.86 -55.54 -41.49
CA TYR D 165 -4.71 -56.22 -40.91
C TYR D 165 -4.29 -57.51 -41.61
N GLU D 166 -4.91 -57.80 -42.76
CA GLU D 166 -4.60 -59.04 -43.50
C GLU D 166 -3.12 -59.10 -43.92
N ASN D 167 -2.50 -60.23 -43.55
CA ASN D 167 -1.14 -60.60 -43.93
C ASN D 167 -0.07 -59.79 -43.22
N GLN D 168 -0.47 -59.02 -42.21
CA GLN D 168 0.53 -58.20 -41.47
C GLN D 168 1.55 -59.09 -40.75
N LEU D 169 1.09 -60.11 -40.02
CA LEU D 169 2.01 -61.02 -39.32
C LEU D 169 2.99 -61.66 -40.32
N GLU D 170 2.42 -62.15 -41.41
CA GLU D 170 3.17 -62.86 -42.44
C GLU D 170 4.17 -61.95 -43.17
N GLN D 171 3.76 -60.72 -43.45
CA GLN D 171 4.64 -59.75 -44.06
C GLN D 171 5.86 -59.42 -43.16
N ALA D 172 5.61 -59.27 -41.86
CA ALA D 172 6.65 -59.00 -40.88
C ALA D 172 7.55 -60.22 -40.75
N GLU D 173 6.96 -61.41 -40.77
CA GLU D 173 7.76 -62.64 -40.62
C GLU D 173 8.71 -62.81 -41.81
N LYS D 174 8.21 -62.54 -43.00
CA LYS D 174 8.98 -62.65 -44.21
C LYS D 174 10.18 -61.67 -44.21
N LYS D 175 9.97 -60.45 -43.76
CA LYS D 175 11.07 -59.46 -43.68
C LYS D 175 12.13 -59.96 -42.71
N ALA D 176 11.71 -60.44 -41.56
CA ALA D 176 12.68 -60.95 -40.57
C ALA D 176 13.46 -62.16 -41.09
N GLU D 177 12.73 -63.12 -41.69
CA GLU D 177 13.36 -64.28 -42.33
C GLU D 177 14.43 -63.83 -43.35
N THR D 178 14.10 -62.87 -44.20
CA THR D 178 15.06 -62.38 -45.21
C THR D 178 16.30 -61.76 -44.54
N LEU D 179 16.09 -61.01 -43.46
CA LEU D 179 17.23 -60.39 -42.79
C LEU D 179 18.08 -61.45 -42.12
N PHE D 180 17.44 -62.39 -41.44
CA PHE D 180 18.14 -63.52 -40.85
C PHE D 180 18.99 -64.32 -41.89
N ASP D 181 18.40 -64.60 -43.05
CA ASP D 181 19.08 -65.32 -44.10
C ASP D 181 20.28 -64.56 -44.65
N ASN D 182 20.28 -63.24 -44.48
CA ASN D 182 21.42 -62.40 -44.85
C ASN D 182 22.35 -62.12 -43.69
N GLY D 183 22.10 -62.75 -42.54
CA GLY D 183 22.95 -62.55 -41.38
C GLY D 183 22.94 -61.15 -40.81
N ILE D 184 21.80 -60.45 -40.94
CA ILE D 184 21.70 -59.04 -40.59
C ILE D 184 21.16 -58.92 -39.15
N ARG D 185 21.89 -58.13 -38.36
CA ARG D 185 21.50 -57.80 -36.99
C ARG D 185 20.62 -56.54 -37.01
N PHE D 186 19.40 -56.65 -36.46
CA PHE D 186 18.48 -55.54 -36.47
C PHE D 186 17.59 -55.48 -35.23
N SER D 187 17.03 -54.30 -35.05
CA SER D 187 16.04 -54.09 -34.02
C SER D 187 14.82 -53.43 -34.66
N GLU D 188 13.67 -53.75 -34.06
CA GLU D 188 12.42 -53.07 -34.33
C GLU D 188 12.35 -51.72 -33.60
N PHE D 189 11.84 -50.70 -34.29
CA PHE D 189 11.96 -49.32 -33.86
C PHE D 189 10.74 -48.48 -34.25
N GLY D 190 9.64 -49.13 -34.63
CA GLY D 190 8.52 -48.43 -35.25
C GLY D 190 7.38 -47.99 -34.34
N THR D 191 7.62 -47.86 -33.04
CA THR D 191 6.58 -47.43 -32.11
C THR D 191 5.89 -46.12 -32.47
N ARG D 192 6.70 -45.09 -32.76
CA ARG D 192 6.18 -43.75 -32.96
C ARG D 192 5.21 -43.61 -34.10
N ARG D 193 5.44 -44.29 -35.23
CA ARG D 193 4.55 -44.19 -36.36
C ARG D 193 3.82 -45.49 -36.65
N ARG D 194 3.66 -46.34 -35.65
CA ARG D 194 2.80 -47.53 -35.81
C ARG D 194 1.38 -47.12 -36.29
N ARG D 195 0.75 -47.92 -37.15
CA ARG D 195 -0.62 -47.65 -37.57
C ARG D 195 -1.59 -47.81 -36.38
N SER D 196 -1.23 -48.68 -35.43
CA SER D 196 -1.98 -48.91 -34.22
C SER D 196 -1.10 -49.75 -33.27
N LEU D 197 -1.48 -49.76 -32.00
CA LEU D 197 -0.90 -50.73 -31.07
C LEU D 197 -1.03 -52.18 -31.58
N LYS D 198 -2.19 -52.54 -32.12
CA LYS D 198 -2.40 -53.90 -32.59
C LYS D 198 -1.44 -54.20 -33.73
N ALA D 199 -1.24 -53.25 -34.62
CA ALA D 199 -0.35 -53.46 -35.75
C ALA D 199 1.04 -53.76 -35.26
N GLN D 200 1.50 -53.04 -34.26
CA GLN D 200 2.83 -53.31 -33.75
C GLN D 200 2.89 -54.69 -33.06
N ASP D 201 1.83 -55.05 -32.33
CA ASP D 201 1.75 -56.39 -31.77
C ASP D 201 1.80 -57.48 -32.83
N LEU D 202 1.10 -57.32 -33.95
CA LEU D 202 1.12 -58.35 -35.00
C LEU D 202 2.49 -58.56 -35.64
N ILE D 203 3.19 -57.45 -35.89
CA ILE D 203 4.51 -57.59 -36.49
C ILE D 203 5.54 -58.16 -35.47
N GLN D 205 4.70 -60.53 -33.27
CA GLN D 205 4.35 -61.94 -33.51
C GLN D 205 5.05 -62.50 -34.76
N GLY D 206 5.06 -61.73 -35.85
CA GLY D 206 5.70 -62.17 -37.08
C GLY D 206 7.18 -62.32 -36.88
N ILE D 207 7.81 -61.29 -36.29
CA ILE D 207 9.26 -61.33 -36.01
C ILE D 207 9.62 -62.55 -35.19
N LYS D 209 7.91 -65.36 -34.72
CA LYS D 209 7.70 -66.57 -35.54
C LYS D 209 8.93 -66.90 -36.41
N ALA D 210 9.47 -65.87 -37.05
CA ALA D 210 10.73 -66.00 -37.79
C ALA D 210 11.90 -66.45 -36.89
N VAL D 211 12.06 -65.81 -35.72
CA VAL D 211 13.12 -66.21 -34.82
C VAL D 211 13.05 -67.66 -34.50
N ASN D 212 11.84 -68.08 -34.13
CA ASN D 212 11.66 -69.41 -33.58
C ASN D 212 11.66 -70.53 -34.63
N GLY D 213 11.69 -70.16 -35.91
CA GLY D 213 12.01 -71.08 -37.02
C GLY D 213 13.42 -71.70 -36.95
N ASN D 214 14.38 -70.97 -36.36
CA ASN D 214 15.78 -71.43 -36.26
C ASN D 214 16.45 -70.61 -35.16
N PRO D 215 15.99 -70.81 -33.92
CA PRO D 215 16.43 -69.90 -32.85
C PRO D 215 17.94 -69.91 -32.60
N ASP D 216 18.59 -71.07 -32.75
CA ASP D 216 20.04 -71.11 -32.61
C ASP D 216 20.79 -70.12 -33.51
N ARG D 217 20.27 -69.92 -34.73
CA ARG D 217 20.86 -68.94 -35.66
C ARG D 217 20.31 -67.52 -35.48
N ASN D 218 19.02 -67.44 -35.20
CA ASN D 218 18.31 -66.17 -35.37
C ASN D 218 18.22 -65.31 -34.12
N LYS D 219 18.24 -65.95 -32.96
CA LYS D 219 18.14 -65.22 -31.68
C LYS D 219 19.21 -64.13 -31.52
N SER D 220 20.42 -64.42 -31.98
CA SER D 220 21.51 -63.46 -31.88
C SER D 220 21.43 -62.37 -32.96
N LEU D 221 20.61 -62.56 -33.99
CA LEU D 221 20.47 -61.57 -35.08
C LEU D 221 19.38 -60.55 -34.75
N LEU D 222 18.35 -60.99 -34.06
CA LEU D 222 17.39 -60.05 -33.50
C LEU D 222 17.97 -59.41 -32.25
N LEU D 223 18.30 -58.14 -32.37
CA LEU D 223 18.85 -57.38 -31.24
C LEU D 223 17.78 -57.15 -30.19
N GLY D 224 16.58 -56.87 -30.66
CA GLY D 224 15.43 -56.61 -29.78
C GLY D 224 14.49 -55.59 -30.40
N THR D 225 13.79 -54.87 -29.53
CA THR D 225 12.85 -53.83 -29.90
C THR D 225 13.10 -52.63 -29.03
N SER D 226 12.92 -51.45 -29.60
CA SER D 226 12.92 -50.23 -28.80
C SER D 226 11.73 -50.16 -27.85
N ASN D 227 10.64 -50.83 -28.19
CA ASN D 227 9.43 -50.71 -27.35
C ASN D 227 9.61 -51.58 -26.09
N ILE D 228 9.71 -50.91 -24.95
CA ILE D 228 10.02 -51.60 -23.71
C ILE D 228 8.93 -52.61 -23.35
N LEU D 229 7.66 -52.25 -23.55
CA LEU D 229 6.55 -53.17 -23.26
C LEU D 229 6.59 -54.43 -24.13
N PHE D 230 6.88 -54.25 -25.42
CA PHE D 230 6.90 -55.40 -26.31
C PHE D 230 8.15 -56.25 -26.06
N ALA D 231 9.24 -55.63 -25.58
CA ALA D 231 10.41 -56.40 -25.20
C ALA D 231 10.05 -57.30 -24.04
N LYS D 232 9.38 -56.71 -23.04
CA LYS D 232 8.95 -57.48 -21.84
C LYS D 232 7.96 -58.59 -22.25
N LYS D 233 7.01 -58.28 -23.15
CA LYS D 233 5.96 -59.24 -23.54
C LYS D 233 6.56 -60.45 -24.30
N TYR D 234 7.43 -60.15 -25.24
CA TYR D 234 7.98 -61.15 -26.16
C TYR D 234 9.33 -61.76 -25.74
N GLY D 235 9.85 -61.30 -24.60
CA GLY D 235 11.04 -61.89 -24.03
C GLY D 235 12.35 -61.57 -24.73
N VAL D 236 12.41 -60.39 -25.33
CA VAL D 236 13.60 -59.91 -26.03
C VAL D 236 14.18 -58.68 -25.34
N LYS D 237 15.34 -58.21 -25.78
CA LYS D 237 16.04 -57.08 -25.12
C LYS D 237 15.39 -55.77 -25.55
N PRO D 238 15.16 -54.85 -24.58
CA PRO D 238 14.80 -53.50 -25.02
C PRO D 238 16.07 -52.82 -25.53
N ILE D 239 15.93 -52.04 -26.59
CA ILE D 239 17.03 -51.42 -27.32
C ILE D 239 16.91 -49.88 -27.34
N GLY D 240 17.98 -49.20 -26.92
CA GLY D 240 17.99 -47.73 -26.92
C GLY D 240 19.27 -47.01 -27.27
N THR D 241 19.23 -45.98 -28.13
CA THR D 241 20.40 -45.11 -28.33
C THR D 241 20.14 -43.70 -27.71
N VAL D 242 21.11 -42.82 -27.69
CA VAL D 242 20.80 -41.40 -27.45
C VAL D 242 20.03 -40.83 -28.67
N ALA D 243 19.26 -39.75 -28.47
CA ALA D 243 18.56 -39.06 -29.58
C ALA D 243 19.14 -37.66 -29.75
N HIS D 244 18.78 -37.00 -30.84
CA HIS D 244 19.26 -35.64 -31.09
C HIS D 244 18.90 -34.68 -29.99
N GLU D 245 17.73 -34.86 -29.36
CA GLU D 245 17.31 -33.89 -28.33
C GLU D 245 18.28 -33.72 -27.16
N TRP D 246 19.09 -34.77 -26.86
CA TRP D 246 20.16 -34.65 -25.87
C TRP D 246 21.19 -33.56 -26.20
N VAL D 247 21.83 -33.72 -27.37
CA VAL D 247 22.84 -32.74 -27.81
C VAL D 247 22.18 -31.39 -28.08
N GLY D 249 19.54 -30.09 -26.60
CA GLY D 249 19.31 -29.47 -25.31
C GLY D 249 20.57 -28.98 -24.62
N VAL D 250 21.58 -29.82 -24.55
CA VAL D 250 22.84 -29.43 -23.95
C VAL D 250 23.38 -28.14 -24.61
N ALA D 251 23.29 -28.08 -25.94
CA ALA D 251 23.71 -26.89 -26.70
C ALA D 251 22.86 -25.64 -26.41
N SER D 252 21.56 -25.83 -26.26
CA SER D 252 20.62 -24.75 -26.10
C SER D 252 20.61 -24.17 -24.71
N ILE D 253 21.05 -24.90 -23.68
CA ILE D 253 20.89 -24.40 -22.32
C ILE D 253 21.53 -23.02 -22.26
N SER D 254 22.83 -22.97 -22.57
CA SER D 254 23.65 -21.76 -22.54
C SER D 254 24.09 -21.26 -23.90
N GLU D 255 23.66 -21.93 -24.96
CA GLU D 255 24.11 -21.66 -26.33
C GLU D 255 25.62 -21.87 -26.57
N ASP D 256 26.25 -22.79 -25.83
CA ASP D 256 27.63 -23.20 -26.11
C ASP D 256 27.61 -24.34 -27.15
N TYR D 257 27.44 -23.96 -28.41
CA TYR D 257 27.43 -24.94 -29.50
C TYR D 257 28.80 -25.52 -29.74
N LEU D 258 29.81 -24.68 -29.57
CA LEU D 258 31.20 -25.08 -29.81
C LEU D 258 31.63 -26.32 -29.01
N HIS D 259 31.14 -26.42 -27.78
CA HIS D 259 31.53 -27.51 -26.90
C HIS D 259 30.41 -28.50 -26.68
N ALA D 260 29.31 -28.35 -27.40
CA ALA D 260 28.10 -29.15 -27.11
C ALA D 260 28.28 -30.65 -27.28
N ASN D 261 28.92 -31.07 -28.37
CA ASN D 261 29.09 -32.50 -28.60
C ASN D 261 29.92 -33.16 -27.52
N LYS D 262 31.02 -32.52 -27.18
CA LYS D 262 31.86 -33.01 -26.09
C LYS D 262 31.12 -32.97 -24.72
N ASN D 263 30.50 -31.83 -24.42
CA ASN D 263 29.74 -31.68 -23.17
C ASN D 263 28.67 -32.78 -23.06
N ALA D 264 27.99 -33.04 -24.17
CA ALA D 264 26.90 -34.03 -24.20
C ALA D 264 27.46 -35.43 -23.92
N ASP D 266 30.31 -36.17 -22.28
CA ASP D 266 30.78 -36.15 -20.90
C ASP D 266 29.59 -36.42 -19.99
N CYS D 267 28.51 -35.68 -20.17
CA CYS D 267 27.33 -35.83 -19.31
C CYS D 267 26.67 -37.21 -19.42
N TRP D 268 26.58 -37.76 -20.62
CA TRP D 268 25.98 -39.10 -20.83
C TRP D 268 26.81 -40.12 -20.03
N ILE D 269 28.11 -40.11 -20.30
CA ILE D 269 29.04 -41.09 -19.68
C ILE D 269 29.07 -40.95 -18.16
N ASN D 270 29.07 -39.71 -17.67
CA ASN D 270 29.04 -39.46 -16.21
C ASN D 270 27.79 -40.05 -15.56
N THR D 271 26.70 -40.07 -16.31
CA THR D 271 25.41 -40.53 -15.79
C THR D 271 25.32 -42.06 -15.79
N PHE D 272 25.73 -42.72 -16.88
CA PHE D 272 25.50 -44.15 -17.07
C PHE D 272 26.73 -45.07 -16.94
N GLY D 273 27.93 -44.51 -17.05
CA GLY D 273 29.16 -45.29 -17.08
C GLY D 273 29.66 -45.48 -18.50
N ALA D 274 30.99 -45.44 -18.67
CA ALA D 274 31.64 -45.59 -19.99
C ALA D 274 31.25 -46.86 -20.70
N LYS D 275 31.10 -47.95 -19.94
CA LYS D 275 30.76 -49.22 -20.54
C LYS D 275 29.36 -49.20 -21.19
N ASN D 276 28.53 -48.26 -20.74
CA ASN D 276 27.13 -48.20 -21.18
C ASN D 276 26.85 -47.02 -22.11
N ALA D 277 27.89 -46.46 -22.74
CA ALA D 277 27.71 -45.27 -23.59
C ALA D 277 26.85 -45.57 -24.79
N GLY D 278 26.94 -46.81 -25.30
CA GLY D 278 26.28 -47.28 -26.51
C GLY D 278 26.80 -46.65 -27.80
N LEU D 279 25.89 -46.16 -28.65
CA LEU D 279 26.23 -45.64 -29.95
C LEU D 279 26.12 -44.13 -29.92
N ALA D 280 27.09 -43.45 -30.53
CA ALA D 280 27.08 -42.00 -30.64
C ALA D 280 26.26 -41.56 -31.82
N LEU D 281 25.55 -40.46 -31.66
CA LEU D 281 24.75 -39.88 -32.76
C LEU D 281 25.57 -38.68 -33.21
N THR D 282 26.11 -38.71 -34.43
CA THR D 282 27.15 -37.78 -34.85
C THR D 282 26.71 -36.53 -35.60
N ASP D 283 25.48 -36.53 -36.12
CA ASP D 283 25.08 -35.56 -37.16
C ASP D 283 24.29 -34.37 -36.64
N THR D 284 24.09 -34.27 -35.32
CA THR D 284 23.25 -33.15 -34.84
C THR D 284 23.71 -31.78 -35.35
N PHE D 285 25.01 -31.48 -35.23
CA PHE D 285 25.59 -30.24 -35.74
C PHE D 285 26.63 -30.56 -36.81
N GLY D 286 26.33 -31.63 -37.54
CA GLY D 286 27.18 -32.08 -38.62
C GLY D 286 28.21 -33.04 -38.04
N THR D 287 28.44 -34.11 -38.77
CA THR D 287 29.37 -35.15 -38.34
C THR D 287 30.79 -34.60 -38.21
N ASP D 288 31.15 -33.63 -39.05
CA ASP D 288 32.48 -33.04 -38.93
C ASP D 288 32.74 -32.45 -37.55
N ASP D 289 31.77 -31.71 -37.00
CA ASP D 289 32.01 -31.09 -35.71
C ASP D 289 32.20 -32.18 -34.64
N PHE D 290 31.34 -33.20 -34.70
CA PHE D 290 31.38 -34.29 -33.73
C PHE D 290 32.72 -35.03 -33.75
N LEU D 291 33.22 -35.34 -34.94
CA LEU D 291 34.48 -36.06 -35.08
C LEU D 291 35.68 -35.32 -34.49
N LYS D 292 35.61 -33.99 -34.40
CA LYS D 292 36.67 -33.24 -33.76
C LYS D 292 37.00 -33.73 -32.34
N SER D 293 35.99 -34.12 -31.59
CA SER D 293 36.17 -34.48 -30.19
C SER D 293 36.13 -35.98 -30.00
N PHE D 294 35.97 -36.75 -31.08
CA PHE D 294 35.66 -38.17 -30.95
C PHE D 294 36.99 -38.89 -30.97
N ARG D 295 37.64 -38.82 -29.82
CA ARG D 295 38.96 -39.38 -29.63
C ARG D 295 38.93 -39.99 -28.21
N PRO D 296 39.98 -40.75 -27.85
CA PRO D 296 39.95 -41.37 -26.53
C PRO D 296 39.75 -40.31 -25.43
N PRO D 297 38.99 -40.65 -24.37
CA PRO D 297 38.32 -41.94 -24.12
C PRO D 297 36.97 -42.21 -24.80
N TYR D 298 36.37 -41.18 -25.41
CA TYR D 298 35.03 -41.25 -25.93
C TYR D 298 34.90 -42.30 -27.02
N SER D 299 35.88 -42.29 -27.93
CA SER D 299 35.88 -43.20 -29.06
C SER D 299 36.07 -44.66 -28.65
N ASP D 300 36.63 -44.91 -27.47
CA ASP D 300 36.70 -46.29 -26.93
C ASP D 300 35.48 -46.71 -26.15
N ALA D 301 34.88 -45.77 -25.47
CA ALA D 301 33.62 -45.96 -24.72
C ALA D 301 32.44 -46.34 -25.57
N TYR D 302 32.12 -45.51 -26.55
CA TYR D 302 31.04 -45.81 -27.47
C TYR D 302 31.42 -47.00 -28.33
N VAL D 303 30.47 -47.90 -28.55
CA VAL D 303 30.75 -49.12 -29.33
C VAL D 303 30.59 -48.90 -30.85
N GLY D 304 30.07 -47.74 -31.19
CA GLY D 304 29.90 -47.33 -32.56
C GLY D 304 29.13 -46.02 -32.62
N VAL D 305 28.61 -45.79 -33.80
CA VAL D 305 27.88 -44.57 -34.17
C VAL D 305 26.56 -44.96 -34.83
N ARG D 306 25.58 -44.07 -34.67
CA ARG D 306 24.25 -44.24 -35.30
C ARG D 306 24.20 -43.31 -36.50
N GLN D 307 23.90 -43.88 -37.67
CA GLN D 307 23.74 -43.11 -38.90
C GLN D 307 22.25 -42.73 -39.09
N ASP D 308 21.97 -41.44 -39.13
CA ASP D 308 20.58 -40.97 -39.14
C ASP D 308 20.19 -40.05 -40.30
N SER D 309 21.19 -39.54 -41.04
CA SER D 309 20.99 -38.56 -42.12
C SER D 309 22.11 -38.64 -43.13
N GLY D 310 21.89 -38.01 -44.29
CA GLY D 310 22.87 -37.91 -45.35
C GLY D 310 22.95 -39.21 -46.09
N ASP D 311 23.99 -39.38 -46.90
CA ASP D 311 24.13 -40.57 -47.72
C ASP D 311 24.82 -41.63 -46.89
N PRO D 312 24.14 -42.77 -46.63
CA PRO D 312 24.72 -43.77 -45.72
C PRO D 312 26.04 -44.35 -46.21
N VAL D 313 26.22 -44.54 -47.52
CA VAL D 313 27.51 -45.02 -48.01
C VAL D 313 28.67 -44.05 -47.81
N GLU D 314 28.50 -42.78 -48.17
CA GLU D 314 29.52 -41.77 -47.92
C GLU D 314 29.85 -41.68 -46.41
N TYR D 315 28.82 -41.75 -45.59
CA TYR D 315 28.99 -41.73 -44.12
C TYR D 315 29.84 -42.88 -43.66
N THR D 316 29.54 -44.06 -44.18
CA THR D 316 30.29 -45.26 -43.84
C THR D 316 31.77 -45.07 -44.11
N LYS D 317 32.08 -44.51 -45.28
CA LYS D 317 33.45 -44.24 -45.66
C LYS D 317 34.15 -43.26 -44.71
N LYS D 318 33.50 -42.15 -44.42
CA LYS D 318 34.02 -41.11 -43.52
C LYS D 318 34.29 -41.66 -42.11
N ILE D 319 33.35 -42.44 -41.59
CA ILE D 319 33.47 -43.02 -40.25
C ILE D 319 34.56 -44.09 -40.19
N SER D 320 34.64 -44.92 -41.21
CA SER D 320 35.68 -45.94 -41.25
C SER D 320 37.07 -45.31 -41.34
N HIS D 321 37.19 -44.22 -42.08
CA HIS D 321 38.46 -43.47 -42.17
C HIS D 321 38.84 -42.93 -40.80
N HIS D 322 37.90 -42.32 -40.11
CA HIS D 322 38.15 -41.83 -38.74
C HIS D 322 38.63 -42.94 -37.82
N TYR D 323 37.89 -44.03 -37.77
CA TYR D 323 38.21 -45.11 -36.80
C TYR D 323 39.53 -45.81 -37.16
N HIS D 324 39.70 -46.12 -38.44
CA HIS D 324 40.86 -46.91 -38.84
C HIS D 324 42.12 -46.09 -39.09
N ASP D 325 42.01 -45.00 -39.86
CA ASP D 325 43.16 -44.20 -40.26
C ASP D 325 43.58 -43.17 -39.24
N VAL D 326 42.61 -42.49 -38.65
CA VAL D 326 42.88 -41.47 -37.66
C VAL D 326 43.11 -42.11 -36.30
N LEU D 327 42.18 -42.94 -35.85
CA LEU D 327 42.27 -43.56 -34.51
C LEU D 327 43.04 -44.89 -34.45
N LYS D 328 43.44 -45.44 -35.59
CA LYS D 328 44.29 -46.65 -35.63
C LYS D 328 43.62 -47.87 -35.02
N LEU D 329 42.31 -47.97 -35.22
CA LEU D 329 41.59 -49.10 -34.72
C LEU D 329 41.53 -50.11 -35.83
N PRO D 330 41.51 -51.43 -35.48
CA PRO D 330 41.39 -52.44 -36.52
C PRO D 330 40.07 -52.35 -37.26
N LYS D 331 40.08 -52.76 -38.54
CA LYS D 331 38.81 -52.90 -39.24
C LYS D 331 37.89 -53.88 -38.48
N PHE D 332 36.60 -53.63 -38.57
CA PHE D 332 35.55 -54.47 -38.00
C PHE D 332 35.56 -54.50 -36.45
N SER D 333 36.06 -53.43 -35.84
CA SER D 333 36.03 -53.28 -34.39
C SER D 333 34.80 -52.46 -33.91
N LYS D 334 34.31 -51.57 -34.76
CA LYS D 334 33.23 -50.67 -34.38
C LYS D 334 31.99 -50.81 -35.29
N ILE D 335 30.85 -50.35 -34.79
CA ILE D 335 29.55 -50.54 -35.42
C ILE D 335 29.05 -49.25 -36.03
N ILE D 336 28.41 -49.35 -37.20
CA ILE D 336 27.46 -48.36 -37.64
C ILE D 336 26.04 -48.92 -37.58
N CYS D 337 25.19 -48.24 -36.84
CA CYS D 337 23.77 -48.56 -36.76
C CYS D 337 23.05 -47.64 -37.75
N TYR D 338 22.54 -48.24 -38.82
CA TYR D 338 21.79 -47.48 -39.82
C TYR D 338 20.32 -47.46 -39.38
N SER D 339 19.74 -46.27 -39.28
CA SER D 339 18.40 -46.14 -38.65
C SER D 339 17.42 -45.19 -39.38
N ASP D 340 17.83 -44.66 -40.53
CA ASP D 340 17.03 -43.66 -41.27
C ASP D 340 16.17 -44.32 -42.32
N SER D 341 14.91 -44.56 -41.97
CA SER D 341 13.93 -45.00 -43.00
C SER D 341 14.31 -46.30 -43.70
N LEU D 342 14.66 -47.30 -42.90
CA LEU D 342 15.18 -48.55 -43.39
C LEU D 342 14.07 -49.45 -43.89
N ASN D 343 14.40 -50.26 -44.89
CA ASN D 343 13.63 -51.43 -45.26
C ASN D 343 14.61 -52.56 -45.50
N VAL D 344 14.11 -53.74 -45.83
CA VAL D 344 15.00 -54.90 -45.94
C VAL D 344 16.05 -54.70 -47.04
N GLU D 345 15.62 -54.16 -48.18
CA GLU D 345 16.51 -54.02 -49.34
C GLU D 345 17.67 -53.05 -49.05
N LYS D 346 17.34 -51.95 -48.36
CA LYS D 346 18.33 -50.95 -47.94
C LYS D 346 19.27 -51.57 -46.90
N ALA D 347 18.69 -52.34 -45.98
CA ALA D 347 19.50 -53.06 -44.95
C ALA D 347 20.55 -53.96 -45.58
N ILE D 348 20.18 -54.73 -46.62
CA ILE D 348 21.12 -55.57 -47.34
C ILE D 348 22.21 -54.76 -48.05
N THR D 349 21.82 -53.67 -48.70
CA THR D 349 22.77 -52.83 -49.39
C THR D 349 23.79 -52.16 -48.46
N TYR D 350 23.28 -51.62 -47.37
CA TYR D 350 24.16 -50.96 -46.42
C TYR D 350 25.04 -51.94 -45.70
N SER D 351 24.53 -53.15 -45.44
CA SER D 351 25.34 -54.19 -44.88
C SER D 351 26.56 -54.51 -45.76
N HIS D 352 26.35 -54.62 -47.08
CA HIS D 352 27.46 -54.76 -48.03
C HIS D 352 28.43 -53.57 -47.99
N ALA D 353 27.89 -52.35 -47.88
CA ALA D 353 28.73 -51.14 -47.81
C ALA D 353 29.62 -51.20 -46.57
N ALA D 354 29.04 -51.62 -45.46
CA ALA D 354 29.80 -51.69 -44.21
C ALA D 354 30.91 -52.70 -44.32
N LYS D 355 30.59 -53.89 -44.85
CA LYS D 355 31.59 -54.95 -45.05
C LYS D 355 32.73 -54.51 -45.98
N GLU D 356 32.38 -53.84 -47.08
CA GLU D 356 33.35 -53.32 -47.99
C GLU D 356 34.25 -52.25 -47.37
N ASN D 357 33.78 -51.57 -46.33
CA ASN D 357 34.53 -50.46 -45.72
C ASN D 357 35.00 -50.72 -44.30
N GLY D 358 35.16 -51.98 -43.91
CA GLY D 358 35.73 -52.36 -42.63
C GLY D 358 34.95 -52.00 -41.37
N LEU D 360 31.44 -52.94 -38.80
CA LEU D 360 30.33 -53.78 -38.43
C LEU D 360 29.04 -52.96 -38.60
N ALA D 361 27.94 -53.64 -38.84
CA ALA D 361 26.64 -53.00 -39.14
C ALA D 361 25.51 -53.56 -38.30
N THR D 362 24.63 -52.67 -37.90
CA THR D 362 23.34 -53.03 -37.27
C THR D 362 22.29 -52.11 -37.85
N PHE D 363 21.02 -52.48 -37.69
CA PHE D 363 19.92 -51.74 -38.28
C PHE D 363 18.77 -51.49 -37.33
N GLY D 364 18.21 -50.27 -37.39
CA GLY D 364 17.03 -49.92 -36.64
C GLY D 364 15.93 -49.75 -37.67
N ILE D 365 14.98 -50.67 -37.67
CA ILE D 365 13.94 -50.65 -38.73
C ILE D 365 12.64 -50.20 -38.10
N GLY D 366 12.16 -49.02 -38.51
CA GLY D 366 11.03 -48.40 -37.82
C GLY D 366 9.67 -48.53 -38.48
N THR D 367 9.32 -47.48 -39.21
CA THR D 367 8.00 -47.35 -39.85
C THR D 367 7.73 -48.49 -40.85
N ASN D 368 8.77 -49.00 -41.50
CA ASN D 368 8.59 -50.07 -42.44
C ASN D 368 8.04 -51.32 -41.74
N PHE D 369 8.35 -51.51 -40.47
CA PHE D 369 7.77 -52.66 -39.76
C PHE D 369 6.30 -52.38 -39.32
N THR D 370 6.05 -51.22 -38.72
CA THR D 370 4.79 -51.02 -38.02
C THR D 370 3.72 -50.25 -38.81
N ASN D 371 4.08 -49.80 -39.99
CA ASN D 371 3.15 -49.04 -40.83
C ASN D 371 3.46 -49.28 -42.29
N ASP D 372 3.32 -50.55 -42.67
CA ASP D 372 3.47 -50.99 -44.07
C ASP D 372 2.17 -51.69 -44.53
N PHE D 373 1.28 -50.90 -45.14
CA PHE D 373 -0.10 -51.31 -45.45
C PHE D 373 -0.41 -50.89 -46.87
N ARG D 374 -1.15 -51.72 -47.60
CA ARG D 374 -1.73 -51.34 -48.89
C ARG D 374 -3.15 -50.82 -48.66
N LYS D 375 -3.68 -50.08 -49.64
CA LYS D 375 -5.06 -49.65 -49.57
C LYS D 375 -5.91 -50.88 -49.85
N LYS D 376 -6.97 -51.03 -49.09
CA LYS D 376 -7.88 -52.15 -49.27
C LYS D 376 -8.62 -52.01 -50.61
N SER D 377 -9.04 -50.78 -50.93
CA SER D 377 -9.74 -50.45 -52.18
C SER D 377 -8.84 -50.54 -53.43
N GLU D 378 -7.54 -50.28 -53.25
CA GLU D 378 -6.53 -50.33 -54.32
C GLU D 378 -5.30 -51.10 -53.80
N PRO D 379 -5.40 -52.44 -53.78
CA PRO D 379 -4.35 -53.25 -53.12
C PRO D 379 -2.92 -53.16 -53.71
N GLN D 380 -2.78 -52.66 -54.93
CA GLN D 380 -1.45 -52.40 -55.47
C GLN D 380 -0.85 -51.07 -55.00
N VAL D 381 -1.65 -50.24 -54.33
CA VAL D 381 -1.24 -48.88 -53.98
C VAL D 381 -0.93 -48.77 -52.47
N LYS D 382 0.14 -48.06 -52.13
CA LYS D 382 0.55 -47.93 -50.73
C LYS D 382 -0.41 -47.02 -49.97
N SER D 383 -0.74 -47.44 -48.75
CA SER D 383 -1.48 -46.60 -47.84
C SER D 383 -0.45 -45.83 -47.06
N GLU D 384 -0.18 -44.57 -47.46
CA GLU D 384 0.96 -43.84 -46.91
C GLU D 384 0.84 -43.51 -45.40
N PRO D 385 1.94 -43.72 -44.65
CA PRO D 385 1.98 -43.28 -43.28
C PRO D 385 1.88 -41.74 -43.10
N LEU D 386 1.48 -41.34 -41.91
CA LEU D 386 1.49 -39.98 -41.51
C LEU D 386 2.91 -39.64 -41.04
N ASN D 387 3.49 -38.62 -41.67
CA ASN D 387 4.85 -38.14 -41.40
C ASN D 387 4.86 -37.05 -40.32
N ILE D 388 4.77 -37.48 -39.08
CA ILE D 388 4.63 -36.57 -37.96
C ILE D 388 5.81 -36.70 -37.03
N VAL D 389 6.17 -35.61 -36.39
CA VAL D 389 7.23 -35.60 -35.41
C VAL D 389 6.86 -34.67 -34.25
N ILE D 390 7.48 -34.89 -33.09
CA ILE D 390 7.37 -33.99 -31.93
C ILE D 390 8.82 -33.75 -31.52
N LYS D 391 9.25 -32.51 -31.66
CA LYS D 391 10.68 -32.20 -31.55
C LYS D 391 10.91 -30.96 -30.71
N LEU D 392 12.09 -30.93 -30.10
CA LEU D 392 12.45 -29.84 -29.20
C LEU D 392 12.39 -28.54 -30.01
N LEU D 393 11.73 -27.52 -29.45
CA LEU D 393 11.59 -26.20 -30.06
C LEU D 393 12.42 -25.12 -29.34
N GLU D 394 12.30 -25.10 -28.00
CA GLU D 394 13.05 -24.18 -27.15
C GLU D 394 13.51 -24.86 -25.86
N VAL D 395 14.65 -24.40 -25.35
CA VAL D 395 15.20 -24.85 -24.10
C VAL D 395 15.76 -23.60 -23.40
N ASN D 396 15.29 -23.34 -22.18
CA ASN D 396 15.88 -22.27 -21.39
C ASN D 396 15.62 -20.90 -22.07
N GLY D 397 14.54 -20.84 -22.83
CA GLY D 397 14.20 -19.67 -23.58
C GLY D 397 15.08 -19.39 -24.78
N ASN D 398 15.91 -20.34 -25.16
CA ASN D 398 16.72 -20.28 -26.37
C ASN D 398 16.18 -21.21 -27.45
N HIS D 399 16.42 -20.85 -28.71
CA HIS D 399 15.99 -21.72 -29.81
C HIS D 399 16.81 -23.01 -29.83
N ALA D 400 16.12 -24.13 -30.01
CA ALA D 400 16.75 -25.43 -30.25
C ALA D 400 16.78 -25.71 -31.75
N ILE D 401 17.90 -26.25 -32.22
CA ILE D 401 18.11 -26.48 -33.63
C ILE D 401 18.84 -27.79 -33.89
N LYS D 402 18.70 -28.25 -35.11
CA LYS D 402 19.44 -29.39 -35.60
C LYS D 402 19.89 -29.09 -37.03
N ILE D 403 21.13 -29.43 -37.35
CA ILE D 403 21.68 -29.26 -38.69
C ILE D 403 21.59 -30.53 -39.55
N SER D 404 22.08 -31.64 -39.00
CA SER D 404 22.14 -32.93 -39.67
C SER D 404 23.25 -32.92 -40.73
N ASP D 405 23.38 -34.04 -41.45
CA ASP D 405 24.39 -34.14 -42.49
C ASP D 405 23.87 -33.73 -43.87
N ASN D 406 22.64 -33.22 -43.94
CA ASN D 406 22.12 -32.63 -45.19
C ASN D 406 21.22 -31.40 -44.96
N LEU D 407 21.35 -30.39 -45.84
CA LEU D 407 20.55 -29.15 -45.75
C LEU D 407 19.06 -29.41 -45.57
N GLY D 408 18.55 -30.43 -46.27
CA GLY D 408 17.15 -30.85 -46.16
C GLY D 408 16.63 -31.09 -44.75
N LYS D 409 17.48 -31.65 -43.88
CA LYS D 409 17.09 -31.98 -42.50
C LYS D 409 17.52 -30.89 -41.48
N ASN D 410 17.92 -29.68 -41.95
CA ASN D 410 18.04 -28.50 -41.05
C ASN D 410 16.72 -28.28 -40.33
N GLY D 412 14.71 -25.97 -37.09
CA GLY D 412 14.74 -24.91 -36.09
C GLY D 412 14.94 -23.52 -36.67
N ASP D 413 14.87 -22.54 -35.77
CA ASP D 413 15.04 -21.12 -36.12
C ASP D 413 16.13 -20.90 -37.18
N PRO D 414 15.73 -20.50 -38.40
CA PRO D 414 16.72 -20.28 -39.46
C PRO D 414 17.91 -19.37 -39.07
N ALA D 415 17.65 -18.27 -38.36
CA ALA D 415 18.76 -17.35 -37.98
C ALA D 415 19.80 -18.04 -37.09
N THR D 416 19.31 -18.89 -36.16
CA THR D 416 20.16 -19.60 -35.22
C THR D 416 20.99 -20.67 -35.93
N VAL D 417 20.34 -21.42 -36.81
CA VAL D 417 21.00 -22.41 -37.67
C VAL D 417 22.17 -21.79 -38.49
N LYS D 418 21.93 -20.71 -39.23
CA LYS D 418 23.05 -20.07 -39.98
C LYS D 418 24.19 -19.60 -39.05
N ARG D 419 23.85 -19.02 -37.91
CA ARG D 419 24.84 -18.58 -36.93
C ARG D 419 25.66 -19.76 -36.39
N VAL D 420 24.96 -20.85 -36.05
CA VAL D 420 25.67 -22.02 -35.50
C VAL D 420 26.62 -22.60 -36.56
N LYS D 421 26.17 -22.68 -37.81
CA LYS D 421 27.00 -23.20 -38.89
C LYS D 421 28.25 -22.33 -39.00
N GLU D 422 28.04 -21.02 -38.89
CA GLU D 422 29.14 -20.02 -38.85
C GLU D 422 30.11 -20.32 -37.68
N GLU D 423 29.59 -20.43 -36.45
CA GLU D 423 30.44 -20.69 -35.28
C GLU D 423 31.24 -21.99 -35.39
N LEU D 424 30.58 -23.04 -35.91
CA LEU D 424 31.20 -24.34 -36.01
C LEU D 424 32.09 -24.54 -37.23
N GLY D 425 32.14 -23.59 -38.17
CA GLY D 425 32.90 -23.78 -39.39
C GLY D 425 32.26 -24.78 -40.32
N TYR D 426 30.93 -24.68 -40.45
CA TYR D 426 30.14 -25.62 -41.28
C TYR D 426 29.99 -25.07 -42.71
N THR D 427 30.36 -25.86 -43.72
CA THR D 427 30.96 -27.18 -43.53
C THR D 427 30.07 -28.28 -44.11
#